data_4NAP
#
_entry.id   4NAP
#
_cell.length_a   50.117
_cell.length_b   144.571
_cell.length_c   96.389
_cell.angle_alpha   90.000
_cell.angle_beta   90.520
_cell.angle_gamma   90.000
#
_symmetry.space_group_name_H-M   'P 1 21 1'
#
loop_
_entity.id
_entity.type
_entity.pdbx_description
1 polymer 'Extracellular solute-binding protein, family 7'
2 non-polymer D-TRYPTOPHAN
3 water water
#
_entity_poly.entity_id   1
_entity_poly.type   'polypeptide(L)'
_entity_poly.pdbx_seq_one_letter_code
;(MSE)QPVTLNYANFPPASTFPCIQ(MSE)EQWAHEVRTRTRGKVDVLTYPGGTLLGARN(MSE)LRGV(MSE)SGQADI
GCISLAYHPGVFPV(MSE)SVFELPLGFTSAEAASSVLWELYSGLRPAELERVKVLT(MSE)FTSAPSHF(MSE)TVTPV
RSLRDLQG(MSE)EIRGAGTLSAILEKLGATPVS(MSE)P(MSE)PEVPEAVQKGIIKGLFTSLDV(MSE)KD(MSE)NF
AE(MSE)TGHVTRADQAVYPFAVI(MSE)NREAWERLSPDVQQVLDGLAAEHAAWTGRYLDAHVQDS(MSE)RWAEEKHG
VQVHTLPEEDIAA(MSE)RRSVQPLFDAWAQRAADKGADPDAV(MSE)RTVDALKAQYGG
;
_entity_poly.pdbx_strand_id   A,B,C,D
#
# COMPACT_ATOMS: atom_id res chain seq x y z
N PRO A 3 20.01 23.07 27.25
CA PRO A 3 18.91 22.10 27.02
C PRO A 3 18.88 21.55 25.58
N VAL A 4 18.97 20.23 25.41
CA VAL A 4 18.86 19.65 24.08
C VAL A 4 17.47 19.02 23.85
N THR A 5 17.01 19.08 22.60
CA THR A 5 15.74 18.51 22.20
C THR A 5 15.94 17.43 21.15
N LEU A 6 15.42 16.24 21.45
CA LEU A 6 15.57 15.12 20.56
C LEU A 6 14.22 14.87 19.92
N ASN A 7 14.21 14.64 18.62
CA ASN A 7 12.98 14.28 17.97
C ASN A 7 12.87 12.74 17.95
N TYR A 8 11.74 12.22 18.41
CA TYR A 8 11.49 10.78 18.55
C TYR A 8 10.35 10.37 17.61
N ALA A 9 10.71 9.67 16.53
CA ALA A 9 9.76 9.23 15.54
C ALA A 9 9.14 7.87 15.92
N ASN A 10 7.84 7.73 15.70
CA ASN A 10 7.17 6.42 15.89
C ASN A 10 6.15 6.23 14.77
N PHE A 11 5.82 4.97 14.46
CA PHE A 11 5.02 4.66 13.29
C PHE A 11 3.53 4.42 13.57
N PRO A 12 3.19 3.83 14.73
CA PRO A 12 1.78 3.46 14.93
C PRO A 12 1.02 4.55 15.66
N PRO A 13 -0.31 4.45 15.71
CA PRO A 13 -1.06 5.50 16.43
C PRO A 13 -0.70 5.65 17.92
N ALA A 14 -0.94 6.85 18.44
CA ALA A 14 -0.57 7.27 19.79
C ALA A 14 -1.11 6.37 20.89
N SER A 15 -2.25 5.75 20.64
CA SER A 15 -2.87 4.89 21.65
C SER A 15 -2.22 3.50 21.77
N THR A 16 -1.44 3.08 20.76
CA THR A 16 -0.80 1.74 20.79
C THR A 16 0.43 1.69 21.74
N PHE A 17 0.77 0.50 22.23
CA PHE A 17 1.77 0.41 23.28
C PHE A 17 3.20 0.92 22.93
N PRO A 18 3.60 0.88 21.64
CA PRO A 18 4.89 1.47 21.28
C PRO A 18 4.91 3.01 21.41
N CYS A 19 3.76 3.67 21.30
CA CYS A 19 3.68 5.09 21.55
C CYS A 19 3.49 5.38 23.01
N ILE A 20 2.71 4.55 23.69
CA ILE A 20 2.60 4.67 25.14
C ILE A 20 3.98 4.56 25.86
N GLN A 21 4.79 3.59 25.46
CA GLN A 21 6.09 3.39 26.09
C GLN A 21 7.02 4.56 25.73
N MSE A 22 6.90 5.12 24.53
CA MSE A 22 7.73 6.25 24.12
C MSE A 22 7.48 7.50 25.00
O MSE A 22 8.42 8.14 25.46
CB MSE A 22 7.51 6.57 22.64
CG MSE A 22 7.78 8.01 22.26
SE MSE A 22 7.30 8.38 20.36
CE MSE A 22 5.33 8.59 20.60
H MSE A 22 6.33 4.87 23.94
HA MSE A 22 8.67 5.98 24.21
HB2 MSE A 22 8.10 6.02 22.11
HB3 MSE A 22 6.58 6.38 22.42
HG2 MSE A 22 7.23 8.60 22.83
HG3 MSE A 22 8.72 8.22 22.38
HE1 MSE A 22 4.94 8.77 19.74
HE2 MSE A 22 4.97 7.77 20.95
HE3 MSE A 22 5.16 9.31 21.20
N GLU A 23 6.22 7.80 25.26
CA GLU A 23 5.88 8.93 26.12
C GLU A 23 6.38 8.73 27.57
N GLN A 24 6.26 7.50 28.07
CA GLN A 24 6.74 7.20 29.40
C GLN A 24 8.26 7.32 29.46
N TRP A 25 8.94 6.91 28.40
CA TRP A 25 10.39 7.01 28.36
C TRP A 25 10.79 8.50 28.37
N ALA A 26 10.11 9.27 27.53
CA ALA A 26 10.39 10.68 27.43
C ALA A 26 10.21 11.32 28.81
N HIS A 27 9.14 10.96 29.50
CA HIS A 27 8.84 11.51 30.82
C HIS A 27 9.96 11.24 31.83
N GLU A 28 10.49 10.01 31.79
CA GLU A 28 11.63 9.62 32.65
C GLU A 28 12.92 10.35 32.29
N VAL A 29 13.19 10.49 31.01
CA VAL A 29 14.30 11.29 30.55
C VAL A 29 14.22 12.73 31.06
N ARG A 30 13.08 13.39 30.91
CA ARG A 30 12.90 14.75 31.35
C ARG A 30 13.15 14.90 32.84
N THR A 31 12.66 13.94 33.63
CA THR A 31 12.74 14.02 35.09
C THR A 31 14.19 13.74 35.57
N ARG A 32 14.77 12.64 35.13
CA ARG A 32 16.14 12.26 35.55
C ARG A 32 17.24 13.21 35.04
N THR A 33 17.01 13.90 33.92
CA THR A 33 17.97 14.90 33.47
C THR A 33 17.63 16.30 33.98
N ARG A 34 16.59 16.40 34.79
CA ARG A 34 16.21 17.67 35.36
C ARG A 34 16.07 18.77 34.27
N GLY A 35 15.42 18.40 33.17
CA GLY A 35 15.18 19.32 32.08
C GLY A 35 16.37 19.63 31.17
N LYS A 36 17.52 18.98 31.37
CA LYS A 36 18.64 19.19 30.46
C LYS A 36 18.38 18.55 29.10
N VAL A 37 17.53 17.54 29.07
CA VAL A 37 17.11 16.93 27.82
C VAL A 37 15.59 16.94 27.71
N ASP A 38 15.10 17.41 26.58
CA ASP A 38 13.68 17.25 26.28
C ASP A 38 13.49 16.37 25.05
N VAL A 39 12.30 15.79 24.90
CA VAL A 39 11.97 14.94 23.77
C VAL A 39 10.66 15.44 23.15
N LEU A 40 10.69 15.71 21.86
CA LEU A 40 9.51 15.99 21.09
C LEU A 40 9.10 14.69 20.33
N THR A 41 7.89 14.19 20.57
CA THR A 41 7.49 12.89 20.03
C THR A 41 6.61 13.06 18.84
N TYR A 42 6.72 12.14 17.87
CA TYR A 42 5.93 12.19 16.66
C TYR A 42 5.32 10.83 16.38
N PRO A 43 4.16 10.54 16.98
CA PRO A 43 3.47 9.29 16.67
C PRO A 43 2.79 9.30 15.31
N GLY A 44 2.40 8.12 14.83
CA GLY A 44 1.54 8.00 13.65
C GLY A 44 2.23 8.29 12.34
N GLY A 45 3.55 8.19 12.34
CA GLY A 45 4.32 8.28 11.12
C GLY A 45 4.42 9.68 10.58
N THR A 46 4.17 10.66 11.43
CA THR A 46 4.17 12.07 10.99
C THR A 46 5.56 12.59 10.65
N LEU A 47 6.59 11.98 11.23
CA LEU A 47 7.95 12.34 10.89
C LEU A 47 8.64 11.23 10.08
N LEU A 48 8.52 9.99 10.55
CA LEU A 48 9.04 8.83 9.82
C LEU A 48 8.05 7.70 10.00
N GLY A 49 7.77 6.98 8.93
CA GLY A 49 6.89 5.80 8.99
C GLY A 49 7.70 4.52 9.22
N ALA A 50 7.06 3.36 9.16
CA ALA A 50 7.70 2.05 9.45
C ALA A 50 8.84 1.71 8.49
N ARG A 51 8.63 1.99 7.20
CA ARG A 51 9.57 1.67 6.14
C ARG A 51 10.86 2.52 6.18
N ASN A 52 10.74 3.83 6.40
CA ASN A 52 11.95 4.64 6.34
C ASN A 52 12.52 4.97 7.73
N MSE A 53 12.01 4.34 8.76
CA MSE A 53 12.40 4.61 10.14
C MSE A 53 13.90 4.39 10.42
O MSE A 53 14.57 5.25 11.03
CB MSE A 53 11.61 3.71 11.09
CG MSE A 53 11.92 3.92 12.58
SE MSE A 53 11.13 5.61 13.26
CE MSE A 53 9.20 5.18 13.09
H MSE A 53 11.41 3.72 8.69
HA MSE A 53 12.17 5.55 10.36
HB2 MSE A 53 10.67 3.87 10.96
HB3 MSE A 53 11.81 2.79 10.88
HG2 MSE A 53 11.55 3.18 13.09
HG3 MSE A 53 12.88 3.96 12.70
HE1 MSE A 53 8.69 5.93 13.40
HE2 MSE A 53 9.01 4.99 12.18
HE3 MSE A 53 9.01 4.40 13.63
N LEU A 54 14.43 3.26 9.96
CA LEU A 54 15.81 2.94 10.24
C LEU A 54 16.70 3.90 9.50
N ARG A 55 16.44 4.12 8.21
CA ARG A 55 17.34 4.94 7.40
C ARG A 55 17.18 6.43 7.70
N GLY A 56 16.05 6.79 8.32
CA GLY A 56 15.78 8.16 8.70
C GLY A 56 16.37 8.56 10.06
N VAL A 57 16.47 7.60 10.98
CA VAL A 57 17.23 7.79 12.21
C VAL A 57 18.73 7.87 11.90
N MSE A 58 19.21 7.04 10.97
CA MSE A 58 20.64 7.00 10.69
C MSE A 58 21.09 8.24 9.94
O MSE A 58 22.27 8.60 9.96
CB MSE A 58 21.02 5.78 9.86
CG MSE A 58 21.00 4.46 10.60
SE MSE A 58 21.52 2.99 9.41
CE MSE A 58 23.24 3.81 8.85
H MSE A 58 18.73 6.50 10.50
HA MSE A 58 21.14 6.95 11.54
HB2 MSE A 58 20.38 5.72 9.11
HB3 MSE A 58 21.91 5.91 9.50
HG2 MSE A 58 21.62 4.50 11.34
HG3 MSE A 58 20.10 4.28 10.92
HE1 MSE A 58 23.68 3.22 8.23
HE2 MSE A 58 23.06 4.65 8.42
HE3 MSE A 58 23.80 3.93 9.62
N SER A 59 20.16 8.89 9.25
CA SER A 59 20.47 10.06 8.46
C SER A 59 20.24 11.32 9.27
N GLY A 60 19.46 11.25 10.35
CA GLY A 60 19.29 12.39 11.24
C GLY A 60 17.97 13.13 11.07
N GLN A 61 17.13 12.64 10.17
CA GLN A 61 15.82 13.22 9.96
C GLN A 61 15.01 13.09 11.27
N ALA A 62 15.38 12.09 12.08
CA ALA A 62 14.93 11.96 13.49
C ALA A 62 16.12 11.53 14.33
N ASP A 63 16.18 11.98 15.58
CA ASP A 63 17.26 11.61 16.46
C ASP A 63 17.00 10.20 17.04
N ILE A 64 15.73 9.90 17.29
CA ILE A 64 15.30 8.69 17.97
C ILE A 64 14.11 8.09 17.23
N GLY A 65 14.08 6.77 17.16
CA GLY A 65 13.00 6.03 16.49
C GLY A 65 12.73 4.67 17.11
N CYS A 66 11.59 4.10 16.77
CA CYS A 66 11.19 2.82 17.28
C CYS A 66 11.02 1.84 16.10
N ILE A 67 11.80 0.77 16.05
CA ILE A 67 11.64 -0.19 14.97
C ILE A 67 11.15 -1.56 15.50
N SER A 68 10.21 -2.15 14.78
CA SER A 68 9.80 -3.54 14.94
C SER A 68 10.74 -4.37 14.12
N LEU A 69 11.57 -5.17 14.76
CA LEU A 69 12.61 -5.90 14.02
C LEU A 69 12.07 -6.83 12.93
N ALA A 70 10.87 -7.39 13.15
CA ALA A 70 10.28 -8.33 12.17
C ALA A 70 10.01 -7.68 10.83
N TYR A 71 10.00 -6.35 10.76
CA TYR A 71 9.74 -5.66 9.49
C TYR A 71 10.96 -5.66 8.56
N HIS A 72 12.13 -6.00 9.10
CA HIS A 72 13.36 -5.86 8.35
C HIS A 72 14.03 -7.22 8.19
N PRO A 73 13.41 -8.10 7.42
CA PRO A 73 13.97 -9.45 7.30
C PRO A 73 15.41 -9.45 6.77
N GLY A 74 16.25 -10.32 7.34
CA GLY A 74 17.63 -10.49 6.91
C GLY A 74 18.58 -9.40 7.37
N VAL A 75 18.07 -8.40 8.07
CA VAL A 75 18.87 -7.27 8.54
C VAL A 75 19.38 -7.53 9.97
N PHE A 76 18.64 -8.33 10.74
CA PHE A 76 19.01 -8.61 12.12
C PHE A 76 19.14 -10.10 12.41
N PRO A 77 20.21 -10.74 11.90
CA PRO A 77 20.38 -12.20 12.02
C PRO A 77 20.46 -12.73 13.45
N VAL A 78 21.09 -11.99 14.35
CA VAL A 78 21.16 -12.40 15.74
C VAL A 78 19.85 -12.13 16.51
N MSE A 79 19.37 -10.88 16.53
CA MSE A 79 18.23 -10.46 17.37
C MSE A 79 16.87 -11.04 16.90
O MSE A 79 15.91 -11.10 17.69
CB MSE A 79 18.15 -8.92 17.50
CG MSE A 79 19.43 -8.24 18.04
SE MSE A 79 20.06 -9.11 19.82
CE MSE A 79 18.48 -8.67 20.90
H MSE A 79 19.69 -10.23 16.05
HA MSE A 79 18.40 -10.80 18.28
HB2 MSE A 79 17.97 -8.54 16.62
HB3 MSE A 79 17.41 -8.70 18.10
HG2 MSE A 79 20.13 -8.33 17.40
HG3 MSE A 79 19.24 -7.30 18.22
HE1 MSE A 79 18.59 -9.01 21.79
HE2 MSE A 79 18.38 -7.71 20.92
HE3 MSE A 79 17.70 -9.07 20.49
N SER A 80 16.83 -11.50 15.64
CA SER A 80 15.64 -12.13 15.06
C SER A 80 15.34 -13.49 15.71
N VAL A 81 16.25 -14.00 16.53
CA VAL A 81 16.02 -15.20 17.31
C VAL A 81 14.80 -15.04 18.17
N PHE A 82 14.56 -13.79 18.56
CA PHE A 82 13.42 -13.44 19.35
C PHE A 82 12.08 -13.38 18.61
N GLU A 83 12.08 -13.63 17.31
CA GLU A 83 10.85 -13.83 16.57
C GLU A 83 10.49 -15.33 16.50
N LEU A 84 11.34 -16.19 17.03
CA LEU A 84 11.06 -17.63 17.09
C LEU A 84 10.29 -17.91 18.40
N PRO A 85 9.55 -19.01 18.43
CA PRO A 85 8.83 -19.40 19.65
C PRO A 85 9.80 -19.86 20.79
N LEU A 86 10.05 -18.98 21.74
CA LEU A 86 11.00 -19.19 22.79
C LEU A 86 10.29 -19.50 24.12
N GLY A 87 8.96 -19.65 24.04
CA GLY A 87 8.14 -20.09 25.15
C GLY A 87 7.81 -19.07 26.22
N PHE A 88 8.07 -17.79 25.94
CA PHE A 88 7.59 -16.68 26.78
C PHE A 88 6.05 -16.52 26.83
N THR A 89 5.52 -16.40 28.04
CA THR A 89 4.11 -16.19 28.32
C THR A 89 3.77 -14.73 28.73
N SER A 90 4.77 -13.89 28.96
CA SER A 90 4.52 -12.49 29.33
C SER A 90 5.48 -11.59 28.56
N ALA A 91 5.05 -10.38 28.31
CA ALA A 91 5.87 -9.40 27.61
C ALA A 91 6.93 -8.86 28.54
N GLU A 92 6.69 -8.90 29.84
CA GLU A 92 7.63 -8.38 30.82
C GLU A 92 8.92 -9.21 30.84
N ALA A 93 8.75 -10.53 30.97
CA ALA A 93 9.88 -11.47 30.93
C ALA A 93 10.57 -11.46 29.57
N ALA A 94 9.78 -11.45 28.47
CA ALA A 94 10.37 -11.38 27.14
C ALA A 94 11.17 -10.10 26.91
N SER A 95 10.60 -8.95 27.34
CA SER A 95 11.23 -7.64 27.14
C SER A 95 12.54 -7.59 27.90
N SER A 96 12.51 -8.11 29.11
CA SER A 96 13.68 -8.11 29.99
C SER A 96 14.83 -8.97 29.47
N VAL A 97 14.49 -10.16 28.98
CA VAL A 97 15.48 -11.05 28.41
C VAL A 97 16.05 -10.48 27.11
N LEU A 98 15.19 -9.95 26.25
CA LEU A 98 15.63 -9.32 25.01
C LEU A 98 16.69 -8.23 25.26
N TRP A 99 16.42 -7.32 26.21
CA TRP A 99 17.36 -6.28 26.55
C TRP A 99 18.68 -6.84 27.11
N GLU A 100 18.61 -7.85 27.98
CA GLU A 100 19.81 -8.45 28.57
C GLU A 100 20.65 -9.21 27.53
N LEU A 101 19.97 -9.88 26.61
CA LEU A 101 20.65 -10.50 25.48
C LEU A 101 21.36 -9.46 24.64
N TYR A 102 20.66 -8.37 24.23
CA TYR A 102 21.30 -7.30 23.46
C TYR A 102 22.50 -6.72 24.25
N SER A 103 22.31 -6.42 25.53
CA SER A 103 23.38 -5.88 26.36
C SER A 103 24.66 -6.71 26.39
N GLY A 104 24.53 -8.02 26.45
CA GLY A 104 25.67 -8.87 26.59
C GLY A 104 26.32 -9.25 25.27
N LEU A 105 25.59 -9.13 24.17
CA LEU A 105 26.15 -9.55 22.89
C LEU A 105 26.59 -8.36 22.03
N ARG A 106 25.85 -7.26 22.08
CA ARG A 106 26.08 -6.09 21.23
C ARG A 106 26.47 -6.55 19.81
N PRO A 107 25.57 -7.24 19.10
CA PRO A 107 25.84 -7.69 17.73
C PRO A 107 26.04 -6.55 16.74
N ALA A 108 26.84 -6.84 15.72
CA ALA A 108 27.29 -5.86 14.74
C ALA A 108 26.16 -5.32 13.85
N GLU A 109 25.07 -6.08 13.76
CA GLU A 109 23.92 -5.69 12.95
C GLU A 109 23.27 -4.37 13.43
N LEU A 110 23.50 -4.01 14.69
CA LEU A 110 22.97 -2.78 15.24
C LEU A 110 24.04 -1.72 15.60
N GLU A 111 25.26 -1.91 15.13
CA GLU A 111 26.39 -1.06 15.55
C GLU A 111 26.37 0.37 14.98
N ARG A 112 25.71 0.56 13.84
CA ARG A 112 25.64 1.87 13.18
C ARG A 112 24.59 2.79 13.85
N VAL A 113 23.82 2.25 14.78
CA VAL A 113 22.98 3.09 15.62
C VAL A 113 23.29 2.85 17.08
N LYS A 114 22.77 3.71 17.93
CA LYS A 114 22.85 3.47 19.35
C LYS A 114 21.49 2.92 19.78
N VAL A 115 21.52 1.81 20.51
CA VAL A 115 20.30 1.18 21.01
C VAL A 115 20.03 1.69 22.43
N LEU A 116 18.89 2.34 22.63
CA LEU A 116 18.58 2.95 23.92
C LEU A 116 17.86 1.98 24.89
N THR A 117 17.04 1.11 24.32
CA THR A 117 16.26 0.12 25.04
C THR A 117 15.56 -0.81 24.01
N MSE A 118 14.97 -1.87 24.51
CA MSE A 118 14.27 -2.83 23.65
C MSE A 118 13.14 -3.37 24.43
O MSE A 118 13.13 -3.31 25.66
CB MSE A 118 15.19 -3.98 23.24
CG MSE A 118 16.22 -3.53 22.24
SE MSE A 118 17.36 -4.98 21.55
CE MSE A 118 16.44 -5.42 19.87
H MSE A 118 14.94 -2.07 25.34
HA MSE A 118 13.94 -2.38 22.84
HB2 MSE A 118 15.64 -4.31 24.03
HB3 MSE A 118 14.66 -4.67 22.84
HG2 MSE A 118 15.78 -3.11 21.49
HG3 MSE A 118 16.81 -2.88 22.67
HE1 MSE A 118 16.91 -6.13 19.44
HE2 MSE A 118 15.54 -5.69 20.08
HE3 MSE A 118 16.42 -4.64 19.31
N PHE A 119 12.14 -3.88 23.72
CA PHE A 119 11.02 -4.51 24.40
C PHE A 119 10.30 -5.35 23.37
N THR A 120 9.30 -6.10 23.82
CA THR A 120 8.57 -6.99 22.91
C THR A 120 7.07 -6.85 23.08
N SER A 121 6.32 -7.41 22.14
CA SER A 121 4.88 -7.49 22.30
C SER A 121 4.61 -8.60 23.27
N ALA A 122 3.33 -8.83 23.59
CA ALA A 122 2.94 -10.07 24.28
C ALA A 122 2.82 -11.23 23.30
N PRO A 123 2.58 -12.47 23.80
CA PRO A 123 2.54 -13.60 22.89
C PRO A 123 1.44 -13.41 21.86
N SER A 124 1.67 -14.01 20.69
CA SER A 124 0.82 -13.80 19.57
C SER A 124 -0.31 -14.82 19.55
N HIS A 125 -1.48 -14.34 19.13
CA HIS A 125 -2.65 -15.19 18.97
C HIS A 125 -3.30 -14.94 17.59
N PHE A 126 -4.27 -15.76 17.24
CA PHE A 126 -5.01 -15.58 15.99
C PHE A 126 -6.21 -14.71 16.29
N MSE A 127 -6.42 -13.71 15.45
CA MSE A 127 -7.65 -12.92 15.44
C MSE A 127 -8.17 -13.00 14.02
O MSE A 127 -7.51 -12.57 13.08
CB MSE A 127 -7.39 -11.46 15.84
CG MSE A 127 -6.75 -11.30 17.22
SE MSE A 127 -5.95 -9.46 17.48
CE MSE A 127 -6.34 -8.66 15.76
H MSE A 127 -5.85 -13.46 14.87
HA MSE A 127 -8.31 -13.31 16.06
HB2 MSE A 127 -6.80 -11.08 15.18
HB3 MSE A 127 -8.23 -10.99 15.83
HG2 MSE A 127 -7.43 -11.43 17.90
HG3 MSE A 127 -6.04 -11.96 17.32
HE1 MSE A 127 -6.00 -7.76 15.76
HE2 MSE A 127 -5.92 -9.18 15.07
HE3 MSE A 127 -7.29 -8.66 15.63
N THR A 128 -9.36 -13.55 13.86
CA THR A 128 -9.90 -13.80 12.54
C THR A 128 -11.33 -13.32 12.36
N VAL A 129 -11.71 -13.23 11.09
CA VAL A 129 -13.05 -12.87 10.72
C VAL A 129 -13.96 -14.09 10.91
N THR A 130 -13.46 -15.28 10.62
CA THR A 130 -14.24 -16.52 10.79
C THR A 130 -13.61 -17.40 11.87
N PRO A 131 -14.41 -18.24 12.55
CA PRO A 131 -13.89 -19.04 13.68
C PRO A 131 -12.76 -19.98 13.26
N VAL A 132 -11.64 -19.95 13.97
CA VAL A 132 -10.61 -21.00 13.86
C VAL A 132 -10.61 -21.88 15.11
N ARG A 133 -11.17 -23.07 14.96
CA ARG A 133 -11.30 -24.02 16.07
C ARG A 133 -10.29 -25.16 16.02
N SER A 134 -9.59 -25.27 14.91
CA SER A 134 -8.62 -26.33 14.71
C SER A 134 -7.64 -25.87 13.65
N LEU A 135 -6.60 -26.67 13.45
CA LEU A 135 -5.54 -26.32 12.49
C LEU A 135 -6.06 -26.45 11.06
N ARG A 136 -7.04 -27.33 10.88
CA ARG A 136 -7.68 -27.53 9.59
C ARG A 136 -8.39 -26.27 9.11
N ASP A 137 -9.02 -25.55 10.03
CA ASP A 137 -9.73 -24.31 9.70
C ASP A 137 -8.74 -23.26 9.19
N LEU A 138 -7.49 -23.39 9.61
CA LEU A 138 -6.47 -22.40 9.29
C LEU A 138 -5.86 -22.61 7.93
N GLN A 139 -6.11 -23.77 7.33
CA GLN A 139 -5.45 -24.11 6.06
C GLN A 139 -5.82 -23.17 4.90
N GLY A 140 -4.81 -22.56 4.28
CA GLY A 140 -5.07 -21.67 3.17
C GLY A 140 -5.42 -20.25 3.59
N MSE A 141 -5.77 -20.05 4.86
CA MSE A 141 -6.31 -18.77 5.28
C MSE A 141 -5.22 -17.67 5.21
O MSE A 141 -4.10 -17.87 5.69
CB MSE A 141 -6.90 -18.93 6.68
CG MSE A 141 -7.58 -17.69 7.23
SE MSE A 141 -8.58 -18.00 8.91
CE MSE A 141 -10.00 -19.09 8.18
H MSE A 141 -5.71 -20.64 5.49
HA MSE A 141 -7.04 -18.52 4.68
HB2 MSE A 141 -7.56 -19.63 6.65
HB3 MSE A 141 -6.19 -19.17 7.29
HG2 MSE A 141 -6.90 -17.02 7.42
HG3 MSE A 141 -8.21 -17.35 6.57
HE1 MSE A 141 -10.59 -19.34 8.88
HE2 MSE A 141 -10.47 -18.58 7.52
HE3 MSE A 141 -9.62 -19.88 7.77
N GLU A 142 -5.55 -16.56 4.55
CA GLU A 142 -4.69 -15.37 4.50
C GLU A 142 -4.64 -14.62 5.82
N ILE A 143 -3.47 -14.66 6.46
CA ILE A 143 -3.30 -14.08 7.80
C ILE A 143 -2.10 -13.13 7.81
N ARG A 144 -2.27 -11.94 8.37
CA ARG A 144 -1.20 -10.96 8.53
C ARG A 144 -0.15 -11.42 9.57
N GLY A 145 1.10 -11.39 9.15
CA GLY A 145 2.20 -11.40 10.07
C GLY A 145 3.31 -10.49 9.57
N ALA A 146 4.51 -10.69 10.09
CA ALA A 146 5.72 -10.05 9.58
C ALA A 146 6.92 -10.90 9.98
N GLY A 147 7.93 -10.95 9.12
CA GLY A 147 9.15 -11.68 9.43
C GLY A 147 8.91 -13.15 9.75
N THR A 148 9.51 -13.60 10.85
CA THR A 148 9.48 -15.00 11.24
C THR A 148 8.09 -15.39 11.69
N LEU A 149 7.28 -14.44 12.16
CA LEU A 149 5.88 -14.80 12.46
C LEU A 149 5.14 -15.21 11.17
N SER A 150 5.44 -14.57 10.03
CA SER A 150 4.96 -15.11 8.75
C SER A 150 5.50 -16.51 8.47
N ALA A 151 6.77 -16.76 8.75
CA ALA A 151 7.27 -18.09 8.48
C ALA A 151 6.54 -19.14 9.39
N ILE A 152 6.25 -18.79 10.62
CA ILE A 152 5.44 -19.65 11.46
C ILE A 152 4.03 -19.93 10.85
N LEU A 153 3.41 -18.91 10.28
CA LEU A 153 2.08 -19.05 9.69
C LEU A 153 2.16 -19.98 8.53
N GLU A 154 3.20 -19.85 7.73
CA GLU A 154 3.34 -20.74 6.59
C GLU A 154 3.51 -22.19 7.06
N LYS A 155 4.27 -22.41 8.14
CA LYS A 155 4.46 -23.77 8.62
C LYS A 155 3.16 -24.43 9.08
N LEU A 156 2.27 -23.62 9.63
CA LEU A 156 0.94 -24.04 10.06
C LEU A 156 -0.01 -24.24 8.90
N GLY A 157 0.38 -23.89 7.69
CA GLY A 157 -0.48 -24.09 6.55
C GLY A 157 -1.33 -22.88 6.18
N ALA A 158 -1.25 -21.81 6.98
CA ALA A 158 -1.93 -20.56 6.57
C ALA A 158 -1.17 -19.90 5.43
N THR A 159 -1.79 -18.90 4.82
CA THR A 159 -1.14 -18.12 3.76
C THR A 159 -0.73 -16.76 4.32
N PRO A 160 0.55 -16.59 4.61
CA PRO A 160 1.03 -15.35 5.24
C PRO A 160 1.03 -14.16 4.31
N VAL A 161 0.50 -13.05 4.80
CA VAL A 161 0.66 -11.77 4.13
C VAL A 161 1.40 -10.83 5.07
N SER A 162 2.61 -10.42 4.68
CA SER A 162 3.47 -9.59 5.52
C SER A 162 3.22 -8.13 5.26
N MSE A 163 3.06 -7.38 6.35
CA MSE A 163 2.82 -5.95 6.28
C MSE A 163 2.87 -5.26 7.64
O MSE A 163 2.52 -5.86 8.67
CB MSE A 163 1.47 -5.65 5.63
CG MSE A 163 0.31 -5.86 6.56
SE MSE A 163 -1.43 -5.84 5.61
CE MSE A 163 -1.27 -7.47 4.55
H MSE A 163 3.08 -7.70 7.15
HA MSE A 163 3.51 -5.55 5.70
HB2 MSE A 163 1.45 -4.72 5.35
HB3 MSE A 163 1.34 -6.23 4.87
HG2 MSE A 163 0.40 -6.73 7.00
HG3 MSE A 163 0.30 -5.16 7.23
HE1 MSE A 163 -2.06 -7.59 4.03
HE2 MSE A 163 -0.50 -7.40 3.97
HE3 MSE A 163 -1.15 -8.23 5.14
N PRO A 164 3.29 -4.00 7.63
CA PRO A 164 3.37 -3.21 8.87
C PRO A 164 1.97 -2.91 9.44
N MSE A 165 1.91 -2.73 10.76
CA MSE A 165 0.64 -2.64 11.46
C MSE A 165 -0.32 -1.55 10.95
O MSE A 165 -1.52 -1.79 10.87
CB MSE A 165 0.85 -2.42 12.96
CG MSE A 165 -0.47 -2.45 13.74
SE MSE A 165 -1.36 -4.25 13.74
CE MSE A 165 -0.29 -5.19 15.07
H MSE A 165 2.59 -2.64 11.27
HA MSE A 165 0.19 -3.50 11.36
HB2 MSE A 165 1.43 -3.12 13.30
HB3 MSE A 165 1.26 -1.55 13.09
HG2 MSE A 165 -0.29 -2.21 14.67
HG3 MSE A 165 -1.09 -1.81 13.35
HE1 MSE A 165 -0.63 -6.09 15.17
HE2 MSE A 165 0.62 -5.21 14.78
HE3 MSE A 165 -0.36 -4.73 15.90
N PRO A 166 0.20 -0.35 10.66
CA PRO A 166 -0.75 0.73 10.29
C PRO A 166 -1.59 0.39 9.02
N GLU A 167 -1.25 -0.68 8.33
CA GLU A 167 -1.89 -1.01 7.08
C GLU A 167 -2.96 -2.06 7.20
N VAL A 168 -2.97 -2.73 8.36
CA VAL A 168 -3.70 -3.95 8.54
C VAL A 168 -5.21 -3.76 8.57
N PRO A 169 -5.69 -2.69 9.22
CA PRO A 169 -7.14 -2.45 9.30
C PRO A 169 -7.79 -2.34 7.93
N GLU A 170 -7.31 -1.41 7.09
CA GLU A 170 -7.81 -1.31 5.72
C GLU A 170 -7.77 -2.69 5.07
N ALA A 171 -6.65 -3.39 5.22
CA ALA A 171 -6.46 -4.71 4.64
C ALA A 171 -7.49 -5.73 5.14
N VAL A 172 -7.81 -5.72 6.43
CA VAL A 172 -8.91 -6.56 6.90
C VAL A 172 -10.25 -6.09 6.36
N GLN A 173 -10.48 -4.80 6.48
CA GLN A 173 -11.76 -4.20 6.17
C GLN A 173 -12.18 -4.47 4.72
N LYS A 174 -11.19 -4.67 3.84
CA LYS A 174 -11.45 -4.90 2.40
C LYS A 174 -11.23 -6.37 1.97
N GLY A 175 -11.07 -7.30 2.93
CA GLY A 175 -11.04 -8.73 2.63
C GLY A 175 -9.74 -9.29 2.06
N ILE A 176 -8.72 -8.45 1.97
CA ILE A 176 -7.40 -8.87 1.48
C ILE A 176 -6.79 -9.89 2.43
N ILE A 177 -7.09 -9.74 3.72
CA ILE A 177 -6.70 -10.72 4.72
C ILE A 177 -7.90 -11.03 5.56
N LYS A 178 -7.86 -12.21 6.18
CA LYS A 178 -8.98 -12.78 6.93
C LYS A 178 -8.69 -12.72 8.40
N GLY A 179 -7.50 -12.22 8.77
CA GLY A 179 -7.11 -12.17 10.15
C GLY A 179 -5.66 -11.75 10.34
N LEU A 180 -5.24 -11.77 11.60
CA LEU A 180 -3.91 -11.42 11.95
C LEU A 180 -3.40 -12.18 13.16
N PHE A 181 -2.07 -12.21 13.23
CA PHE A 181 -1.35 -13.02 14.18
C PHE A 181 -0.46 -12.10 14.99
N THR A 182 -0.92 -11.73 16.18
CA THR A 182 -0.14 -10.81 17.03
C THR A 182 -0.73 -10.72 18.44
N SER A 183 -0.26 -9.81 19.29
CA SER A 183 -0.78 -9.68 20.66
C SER A 183 -2.14 -8.97 20.68
N LEU A 184 -2.97 -9.25 21.70
CA LEU A 184 -4.38 -8.90 21.71
C LEU A 184 -4.68 -7.47 22.11
N ASP A 185 -3.66 -6.69 22.44
CA ASP A 185 -3.81 -5.26 22.74
C ASP A 185 -4.42 -4.49 21.55
N VAL A 186 -4.17 -4.96 20.33
CA VAL A 186 -4.70 -4.29 19.13
C VAL A 186 -6.24 -4.41 18.99
N MSE A 187 -6.86 -5.34 19.71
CA MSE A 187 -8.33 -5.46 19.76
C MSE A 187 -8.97 -4.15 20.19
O MSE A 187 -9.95 -3.70 19.61
CB MSE A 187 -8.76 -6.57 20.71
CG MSE A 187 -8.30 -7.95 20.28
SE MSE A 187 -9.37 -8.70 18.80
CE MSE A 187 -8.75 -7.77 17.32
H MSE A 187 -6.45 -5.92 20.20
HA MSE A 187 -8.65 -5.69 18.86
HB2 MSE A 187 -8.37 -6.40 21.58
HB3 MSE A 187 -9.72 -6.58 20.77
HG2 MSE A 187 -7.38 -7.91 19.99
HG3 MSE A 187 -8.39 -8.56 21.03
HE1 MSE A 187 -9.22 -8.07 16.55
HE2 MSE A 187 -8.90 -6.83 17.46
HE3 MSE A 187 -7.81 -7.94 17.23
N LYS A 188 -8.39 -3.53 21.21
CA LYS A 188 -8.84 -2.26 21.69
C LYS A 188 -8.10 -1.10 20.99
N ASP A 189 -6.77 -1.11 21.08
CA ASP A 189 -5.99 0.06 20.69
C ASP A 189 -6.15 0.44 19.23
N MSE A 190 -6.40 -0.56 18.39
CA MSE A 190 -6.77 -0.30 17.00
C MSE A 190 -8.15 -0.82 16.61
O MSE A 190 -8.42 -0.97 15.42
CB MSE A 190 -5.70 -0.91 16.13
CG MSE A 190 -4.38 -0.28 16.48
SE MSE A 190 -2.99 -0.68 15.21
CE MSE A 190 -3.72 0.44 13.77
H MSE A 190 -6.37 -1.40 18.60
HA MSE A 190 -6.74 0.66 16.86
HB2 MSE A 190 -5.65 -1.87 16.28
HB3 MSE A 190 -5.90 -0.73 15.19
HG2 MSE A 190 -4.48 0.68 16.52
HG3 MSE A 190 -4.09 -0.62 17.34
HE1 MSE A 190 -3.14 0.38 13.01
HE2 MSE A 190 -4.59 0.13 13.54
HE3 MSE A 190 -3.76 1.35 14.08
N ASN A 191 -9.00 -1.06 17.59
CA ASN A 191 -10.39 -1.49 17.36
C ASN A 191 -10.57 -2.65 16.38
N PHE A 192 -9.65 -3.62 16.38
CA PHE A 192 -9.85 -4.86 15.62
C PHE A 192 -11.05 -5.71 16.15
N ALA A 193 -11.47 -5.49 17.40
CA ALA A 193 -12.62 -6.19 17.97
C ALA A 193 -13.88 -6.03 17.09
N GLU A 194 -13.97 -4.93 16.35
CA GLU A 194 -15.11 -4.69 15.45
C GLU A 194 -15.00 -5.48 14.16
N MSE A 195 -13.77 -5.75 13.71
CA MSE A 195 -13.59 -6.35 12.39
C MSE A 195 -13.31 -7.85 12.49
O MSE A 195 -13.73 -8.65 11.65
CB MSE A 195 -12.43 -5.70 11.67
CG MSE A 195 -12.29 -4.20 11.90
SE MSE A 195 -10.55 -3.53 11.25
CE MSE A 195 -10.37 -1.95 12.40
H MSE A 195 -13.05 -5.60 14.14
HA MSE A 195 -14.40 -6.21 11.86
HB2 MSE A 195 -11.60 -6.10 11.95
HB3 MSE A 195 -12.54 -5.83 10.71
HG2 MSE A 195 -12.99 -3.74 11.41
HG3 MSE A 195 -12.35 -4.01 12.84
HE1 MSE A 195 -9.54 -1.51 12.20
HE2 MSE A 195 -11.11 -1.36 12.24
HE3 MSE A 195 -10.37 -2.24 13.32
N THR A 196 -12.58 -8.24 13.51
CA THR A 196 -12.31 -9.65 13.73
C THR A 196 -12.99 -10.06 15.02
N GLY A 197 -14.10 -10.78 14.88
CA GLY A 197 -14.86 -11.26 16.03
C GLY A 197 -14.43 -12.57 16.70
N HIS A 198 -13.28 -13.14 16.33
CA HIS A 198 -12.86 -14.43 16.87
C HIS A 198 -11.36 -14.39 17.26
N VAL A 199 -11.06 -14.93 18.44
CA VAL A 199 -9.72 -15.07 18.90
C VAL A 199 -9.39 -16.52 19.21
N THR A 200 -8.30 -17.02 18.65
CA THR A 200 -7.84 -18.35 18.98
C THR A 200 -6.47 -18.29 19.64
N ARG A 201 -6.42 -18.83 20.85
CA ARG A 201 -5.19 -18.92 21.64
C ARG A 201 -4.13 -19.75 20.87
N ALA A 202 -2.93 -19.21 20.69
CA ALA A 202 -1.81 -19.85 20.02
C ALA A 202 -0.55 -19.85 20.92
N ASP A 203 -0.42 -18.84 21.80
CA ASP A 203 0.69 -18.72 22.74
C ASP A 203 2.04 -18.64 22.00
N GLN A 204 2.07 -17.94 20.88
CA GLN A 204 3.18 -18.06 19.98
C GLN A 204 4.24 -16.96 20.19
N ALA A 205 5.21 -16.91 19.29
CA ALA A 205 6.33 -15.99 19.41
C ALA A 205 5.87 -14.54 19.63
N VAL A 206 6.77 -13.73 20.19
CA VAL A 206 6.51 -12.30 20.33
C VAL A 206 7.14 -11.47 19.21
N TYR A 207 6.73 -10.21 19.06
CA TYR A 207 7.41 -9.29 18.15
C TYR A 207 8.44 -8.43 18.92
N PRO A 208 9.68 -8.52 18.54
CA PRO A 208 10.64 -7.68 19.26
C PRO A 208 10.83 -6.27 18.65
N PHE A 209 11.18 -5.29 19.49
CA PHE A 209 11.33 -3.88 19.09
C PHE A 209 12.62 -3.33 19.68
N ALA A 210 13.20 -2.36 18.99
CA ALA A 210 14.35 -1.62 19.48
C ALA A 210 14.07 -0.10 19.36
N VAL A 211 14.41 0.62 20.41
CA VAL A 211 14.42 2.08 20.39
C VAL A 211 15.84 2.50 20.03
N ILE A 212 15.96 3.15 18.88
CA ILE A 212 17.24 3.43 18.28
C ILE A 212 17.50 4.93 18.15
N MSE A 213 18.77 5.27 18.24
CA MSE A 213 19.18 6.64 18.21
C MSE A 213 20.34 6.84 17.29
O MSE A 213 21.28 6.05 17.27
CB MSE A 213 19.56 7.12 19.59
CG MSE A 213 19.88 8.62 19.63
SE MSE A 213 20.16 9.28 21.45
CE MSE A 213 20.46 11.18 21.03
H MSE A 213 19.42 4.71 18.32
HA MSE A 213 18.43 7.18 17.89
HB2 MSE A 213 18.82 6.96 20.21
HB3 MSE A 213 20.35 6.65 19.89
HG2 MSE A 213 20.68 8.79 19.12
HG3 MSE A 213 19.13 9.11 19.24
HE1 MSE A 213 20.63 11.67 21.84
HE2 MSE A 213 21.24 11.26 20.45
HE3 MSE A 213 19.69 11.53 20.58
N ASN A 214 20.29 7.95 16.58
CA ASN A 214 21.35 8.39 15.69
C ASN A 214 22.66 8.43 16.44
N ARG A 215 23.73 7.84 15.88
CA ARG A 215 25.01 7.81 16.60
C ARG A 215 25.56 9.18 16.91
N GLU A 216 25.52 10.10 15.96
CA GLU A 216 26.10 11.44 16.17
C GLU A 216 25.35 12.15 17.31
N ALA A 217 24.01 12.10 17.24
CA ALA A 217 23.15 12.62 18.29
C ALA A 217 23.49 12.02 19.64
N TRP A 218 23.73 10.70 19.69
CA TRP A 218 24.12 10.05 20.96
C TRP A 218 25.43 10.62 21.46
N GLU A 219 26.40 10.77 20.57
CA GLU A 219 27.74 11.23 20.98
C GLU A 219 27.87 12.72 21.32
N ARG A 220 26.95 13.57 20.85
CA ARG A 220 26.95 14.98 21.23
C ARG A 220 26.32 15.17 22.61
N LEU A 221 25.76 14.10 23.19
CA LEU A 221 25.25 14.15 24.55
C LEU A 221 26.38 14.08 25.60
N SER A 222 26.29 14.86 26.67
CA SER A 222 27.32 14.80 27.72
C SER A 222 27.38 13.41 28.33
N PRO A 223 28.55 13.00 28.85
CA PRO A 223 28.62 11.69 29.52
C PRO A 223 27.54 11.46 30.60
N ASP A 224 27.13 12.49 31.34
CA ASP A 224 26.19 12.28 32.45
C ASP A 224 24.74 12.09 32.01
N VAL A 225 24.37 12.75 30.92
CA VAL A 225 23.11 12.49 30.28
C VAL A 225 23.12 11.04 29.73
N GLN A 226 24.26 10.64 29.16
CA GLN A 226 24.36 9.30 28.58
C GLN A 226 24.17 8.22 29.63
N GLN A 227 24.70 8.46 30.82
CA GLN A 227 24.57 7.51 31.92
C GLN A 227 23.11 7.44 32.41
N VAL A 228 22.40 8.58 32.35
CA VAL A 228 20.98 8.59 32.70
C VAL A 228 20.20 7.71 31.75
N LEU A 229 20.47 7.84 30.44
CA LEU A 229 19.71 7.11 29.43
C LEU A 229 20.03 5.61 29.44
N ASP A 230 21.30 5.28 29.57
CA ASP A 230 21.71 3.88 29.72
C ASP A 230 21.14 3.36 31.02
N GLY A 231 21.01 4.27 31.98
CA GLY A 231 20.51 3.93 33.29
C GLY A 231 19.04 3.56 33.28
N LEU A 232 18.37 3.98 32.23
CA LEU A 232 16.94 3.78 32.12
C LEU A 232 16.57 2.49 31.29
N ALA A 233 17.53 2.03 30.50
CA ALA A 233 17.30 1.00 29.50
C ALA A 233 16.60 -0.27 30.00
N ALA A 234 17.12 -0.86 31.08
CA ALA A 234 16.64 -2.16 31.56
C ALA A 234 15.32 -1.96 32.28
N GLU A 235 15.27 -0.86 33.03
CA GLU A 235 14.10 -0.49 33.78
C GLU A 235 12.89 -0.28 32.87
N HIS A 236 13.09 0.46 31.78
CA HIS A 236 12.04 0.70 30.81
C HIS A 236 11.61 -0.54 30.00
N ALA A 237 12.55 -1.40 29.67
CA ALA A 237 12.22 -2.67 29.00
C ALA A 237 11.19 -3.41 29.86
N ALA A 238 11.50 -3.56 31.15
CA ALA A 238 10.55 -4.21 32.10
C ALA A 238 9.24 -3.48 32.25
N TRP A 239 9.30 -2.15 32.33
CA TRP A 239 8.08 -1.31 32.49
C TRP A 239 7.10 -1.51 31.28
N THR A 240 7.63 -1.52 30.06
CA THR A 240 6.85 -1.71 28.85
C THR A 240 6.12 -3.07 28.80
N GLY A 241 6.87 -4.15 29.05
CA GLY A 241 6.29 -5.47 29.10
C GLY A 241 5.22 -5.56 30.17
N ARG A 242 5.50 -5.00 31.32
CA ARG A 242 4.55 -5.01 32.42
C ARG A 242 3.24 -4.28 32.08
N TYR A 243 3.38 -3.10 31.50
CA TYR A 243 2.25 -2.30 31.04
C TYR A 243 1.43 -3.08 30.00
N LEU A 244 2.14 -3.78 29.13
CA LEU A 244 1.50 -4.44 28.02
C LEU A 244 0.75 -5.68 28.46
N ASP A 245 1.30 -6.39 29.44
CA ASP A 245 0.64 -7.58 29.97
C ASP A 245 -0.68 -7.22 30.65
N ALA A 246 -0.72 -6.13 31.41
CA ALA A 246 -1.96 -5.68 32.04
C ALA A 246 -2.98 -5.21 31.00
N HIS A 247 -2.50 -4.50 29.98
CA HIS A 247 -3.33 -3.87 28.99
C HIS A 247 -3.99 -4.91 28.08
N VAL A 248 -3.29 -6.04 27.86
CA VAL A 248 -3.88 -7.15 27.11
C VAL A 248 -5.11 -7.69 27.82
N GLN A 249 -5.00 -7.83 29.14
CA GLN A 249 -6.14 -8.23 29.96
C GLN A 249 -7.30 -7.25 29.80
N ASP A 250 -7.04 -5.94 29.92
CA ASP A 250 -8.11 -4.95 29.77
C ASP A 250 -8.67 -4.94 28.34
N SER A 251 -7.77 -4.97 27.38
CA SER A 251 -8.22 -4.90 26.00
C SER A 251 -9.18 -6.05 25.71
N MSE A 252 -8.93 -7.20 26.30
CA MSE A 252 -9.64 -8.41 25.95
C MSE A 252 -11.01 -8.49 26.66
O MSE A 252 -12.03 -8.87 26.05
CB MSE A 252 -8.77 -9.60 26.29
CG MSE A 252 -9.02 -10.80 25.41
SE MSE A 252 -9.13 -10.42 23.46
CE MSE A 252 -10.09 -12.09 23.06
H MSE A 252 -8.34 -7.31 26.93
HA MSE A 252 -9.79 -8.41 24.98
HB2 MSE A 252 -7.83 -9.35 26.18
HB3 MSE A 252 -8.93 -9.87 27.21
HG2 MSE A 252 -8.29 -11.43 25.54
HG3 MSE A 252 -9.86 -11.19 25.67
HE1 MSE A 252 -10.27 -12.13 22.12
HE2 MSE A 252 -9.56 -12.84 23.33
HE3 MSE A 252 -10.92 -12.09 23.54
N ARG A 253 -11.03 -8.09 27.92
CA ARG A 253 -12.27 -7.95 28.66
C ARG A 253 -13.24 -7.00 27.93
N TRP A 254 -12.66 -5.92 27.40
CA TRP A 254 -13.41 -4.90 26.70
C TRP A 254 -13.93 -5.45 25.37
N ALA A 255 -13.11 -6.23 24.66
CA ALA A 255 -13.57 -6.76 23.39
C ALA A 255 -14.73 -7.76 23.57
N GLU A 256 -14.68 -8.53 24.65
CA GLU A 256 -15.61 -9.64 24.78
C GLU A 256 -16.97 -9.12 25.19
N GLU A 257 -16.98 -8.22 26.16
CA GLU A 257 -18.24 -7.81 26.77
C GLU A 257 -18.73 -6.47 26.22
N LYS A 258 -18.21 -6.08 25.06
CA LYS A 258 -18.74 -4.92 24.36
C LYS A 258 -18.65 -5.05 22.86
N HIS A 259 -18.21 -6.22 22.37
CA HIS A 259 -18.22 -6.50 20.95
C HIS A 259 -18.47 -7.98 20.65
N GLY A 260 -18.90 -8.74 21.65
CA GLY A 260 -19.21 -10.16 21.47
C GLY A 260 -18.09 -11.09 20.96
N VAL A 261 -16.83 -10.64 21.05
CA VAL A 261 -15.73 -11.48 20.58
C VAL A 261 -15.77 -12.89 21.20
N GLN A 262 -15.75 -13.89 20.35
CA GLN A 262 -15.73 -15.30 20.75
C GLN A 262 -14.26 -15.81 20.87
N VAL A 263 -13.97 -16.52 21.96
CA VAL A 263 -12.63 -17.06 22.23
C VAL A 263 -12.64 -18.57 21.96
N HIS A 264 -11.61 -19.05 21.28
CA HIS A 264 -11.51 -20.45 20.95
C HIS A 264 -10.15 -20.96 21.41
N THR A 265 -10.07 -22.27 21.59
CA THR A 265 -8.83 -22.96 21.94
C THR A 265 -8.69 -24.22 21.11
N LEU A 266 -7.45 -24.46 20.69
CA LEU A 266 -7.12 -25.59 19.86
C LEU A 266 -7.10 -26.87 20.69
N PRO A 267 -7.47 -28.01 20.08
CA PRO A 267 -7.34 -29.30 20.78
C PRO A 267 -5.86 -29.58 21.20
N GLU A 268 -5.64 -30.40 22.21
CA GLU A 268 -4.27 -30.73 22.58
C GLU A 268 -3.42 -31.32 21.44
N GLU A 269 -4.00 -32.12 20.55
CA GLU A 269 -3.21 -32.66 19.42
C GLU A 269 -2.81 -31.62 18.34
N ASP A 270 -3.54 -30.51 18.24
CA ASP A 270 -3.17 -29.43 17.33
C ASP A 270 -2.07 -28.58 17.88
N ILE A 271 -2.15 -28.30 19.17
CA ILE A 271 -1.05 -27.67 19.84
C ILE A 271 0.24 -28.49 19.68
N ALA A 272 0.17 -29.81 19.92
CA ALA A 272 1.35 -30.65 19.73
C ALA A 272 1.90 -30.61 18.29
N ALA A 273 1.02 -30.76 17.31
CA ALA A 273 1.46 -30.79 15.96
C ALA A 273 2.03 -29.42 15.53
N MSE A 274 1.40 -28.34 15.93
CA MSE A 274 1.83 -27.01 15.53
C MSE A 274 3.26 -26.78 16.04
O MSE A 274 4.09 -26.21 15.36
CB MSE A 274 0.84 -25.97 16.06
CG MSE A 274 1.40 -24.62 16.46
SE MSE A 274 -0.01 -23.25 16.83
CE MSE A 274 0.18 -23.06 18.77
H MSE A 274 0.71 -28.35 16.43
HA MSE A 274 1.84 -26.96 14.55
HB2 MSE A 274 0.17 -25.81 15.36
HB3 MSE A 274 0.39 -26.35 16.83
HG2 MSE A 274 1.92 -24.74 17.27
HG3 MSE A 274 1.96 -24.29 15.75
HE1 MSE A 274 -0.45 -22.41 19.08
HE2 MSE A 274 0.02 -23.92 19.18
HE3 MSE A 274 1.08 -22.77 18.97
N ARG A 275 3.59 -27.25 17.23
CA ARG A 275 4.92 -26.94 17.68
C ARG A 275 5.98 -27.82 17.03
N ARG A 276 5.61 -29.03 16.64
CA ARG A 276 6.52 -29.83 15.81
C ARG A 276 6.77 -29.19 14.41
N SER A 277 5.71 -28.68 13.79
CA SER A 277 5.80 -27.98 12.49
C SER A 277 6.79 -26.82 12.50
N VAL A 278 6.88 -26.11 13.60
CA VAL A 278 7.70 -24.92 13.63
C VAL A 278 9.14 -25.20 14.08
N GLN A 279 9.42 -26.38 14.62
CA GLN A 279 10.78 -26.71 15.07
C GLN A 279 11.87 -26.36 14.05
N PRO A 280 11.64 -26.65 12.76
CA PRO A 280 12.70 -26.43 11.76
C PRO A 280 13.09 -24.95 11.56
N LEU A 281 12.27 -24.01 12.03
CA LEU A 281 12.60 -22.57 11.98
C LEU A 281 13.82 -22.23 12.86
N PHE A 282 14.06 -23.01 13.90
CA PHE A 282 15.23 -22.78 14.73
C PHE A 282 16.52 -23.06 13.98
N ASP A 283 16.59 -24.22 13.31
CA ASP A 283 17.71 -24.54 12.44
C ASP A 283 17.87 -23.60 11.26
N ALA A 284 16.78 -23.14 10.63
CA ALA A 284 16.95 -22.21 9.51
C ALA A 284 17.47 -20.89 10.06
N TRP A 285 16.98 -20.47 11.23
CA TRP A 285 17.54 -19.28 11.90
C TRP A 285 19.08 -19.43 12.17
N ALA A 286 19.52 -20.56 12.73
CA ALA A 286 20.93 -20.79 13.05
C ALA A 286 21.83 -20.74 11.81
N GLN A 287 21.36 -21.37 10.72
CA GLN A 287 22.13 -21.36 9.46
C GLN A 287 22.26 -19.97 8.84
N ARG A 288 21.19 -19.20 8.82
CA ARG A 288 21.27 -17.82 8.33
C ARG A 288 22.23 -17.02 9.21
N ALA A 289 22.22 -17.27 10.51
CA ALA A 289 23.06 -16.50 11.38
C ALA A 289 24.51 -16.86 11.15
N ALA A 290 24.79 -18.16 11.02
CA ALA A 290 26.14 -18.64 10.89
C ALA A 290 26.73 -18.08 9.59
N ASP A 291 25.89 -17.98 8.55
CA ASP A 291 26.32 -17.51 7.23
C ASP A 291 26.77 -16.04 7.29
N LYS A 292 26.17 -15.28 8.19
CA LYS A 292 26.49 -13.86 8.33
C LYS A 292 27.51 -13.61 9.42
N GLY A 293 28.19 -14.66 9.86
CA GLY A 293 29.30 -14.50 10.80
C GLY A 293 28.98 -14.57 12.29
N ALA A 294 27.71 -14.72 12.68
CA ALA A 294 27.38 -14.77 14.11
C ALA A 294 27.45 -16.23 14.63
N ASP A 295 27.53 -16.41 15.95
CA ASP A 295 27.60 -17.78 16.55
C ASP A 295 26.25 -18.19 17.15
N PRO A 296 25.43 -18.90 16.36
CA PRO A 296 24.11 -19.23 16.91
C PRO A 296 24.13 -20.08 18.20
N ASP A 297 25.16 -20.93 18.38
CA ASP A 297 25.29 -21.71 19.60
C ASP A 297 25.40 -20.81 20.87
N ALA A 298 26.34 -19.87 20.89
CA ALA A 298 26.43 -18.91 22.00
C ALA A 298 25.08 -18.12 22.18
N VAL A 299 24.47 -17.65 21.10
CA VAL A 299 23.22 -16.88 21.26
C VAL A 299 22.19 -17.75 21.99
N MSE A 300 21.97 -18.96 21.49
CA MSE A 300 21.00 -19.86 22.14
C MSE A 300 21.43 -20.24 23.56
O MSE A 300 20.61 -20.32 24.44
CB MSE A 300 20.78 -21.15 21.34
CG MSE A 300 19.40 -21.78 21.62
SE MSE A 300 17.83 -20.59 21.16
CE MSE A 300 18.32 -20.28 19.35
H MSE A 300 22.35 -19.28 20.79
HA MSE A 300 20.13 -19.40 22.20
HB2 MSE A 300 20.83 -20.95 20.39
HB3 MSE A 300 21.46 -21.79 21.59
HG2 MSE A 300 19.32 -22.59 21.09
HG3 MSE A 300 19.34 -21.99 22.56
HE1 MSE A 300 17.67 -19.70 18.94
HE2 MSE A 300 19.18 -19.86 19.32
HE3 MSE A 300 18.36 -21.11 18.89
N ARG A 301 22.73 -20.46 23.78
CA ARG A 301 23.19 -20.70 25.14
C ARG A 301 22.78 -19.52 26.03
N THR A 302 23.03 -18.31 25.55
CA THR A 302 22.77 -17.10 26.31
C THR A 302 21.25 -16.86 26.60
N VAL A 303 20.43 -17.00 25.59
CA VAL A 303 18.97 -16.96 25.77
C VAL A 303 18.50 -17.93 26.88
N ASP A 304 19.00 -19.17 26.83
CA ASP A 304 18.68 -20.19 27.81
C ASP A 304 19.05 -19.73 29.23
N ALA A 305 20.26 -19.22 29.37
CA ALA A 305 20.76 -18.81 30.69
C ALA A 305 19.91 -17.63 31.22
N LEU A 306 19.64 -16.66 30.37
CA LEU A 306 18.86 -15.50 30.78
C LEU A 306 17.40 -15.86 31.15
N LYS A 307 16.73 -16.73 30.40
CA LYS A 307 15.44 -17.25 30.86
C LYS A 307 15.55 -17.93 32.22
N ALA A 308 16.62 -18.69 32.47
CA ALA A 308 16.84 -19.29 33.78
C ALA A 308 17.31 -18.23 34.77
N GLN A 309 16.47 -17.26 35.07
CA GLN A 309 16.94 -16.05 35.74
C GLN A 309 16.00 -14.82 35.61
N TYR A 310 14.91 -14.93 34.85
CA TYR A 310 13.94 -13.84 34.67
C TYR A 310 12.54 -14.38 34.52
N GLN B 2 4.05 33.42 -38.34
CA GLN B 2 4.32 33.23 -36.92
C GLN B 2 3.93 31.81 -36.44
N PRO B 3 4.94 30.99 -36.16
CA PRO B 3 4.80 29.66 -35.58
C PRO B 3 4.56 29.71 -34.06
N VAL B 4 4.07 28.63 -33.48
CA VAL B 4 4.02 28.57 -32.02
C VAL B 4 5.22 27.75 -31.46
N THR B 5 5.75 28.18 -30.31
CA THR B 5 6.87 27.47 -29.69
C THR B 5 6.51 26.94 -28.30
N LEU B 6 6.69 25.65 -28.10
CA LEU B 6 6.31 25.00 -26.86
C LEU B 6 7.59 24.63 -26.13
N ASN B 7 7.66 24.95 -24.84
CA ASN B 7 8.75 24.47 -23.98
C ASN B 7 8.46 23.05 -23.42
N TYR B 8 9.40 22.13 -23.63
CA TYR B 8 9.27 20.77 -23.25
C TYR B 8 10.33 20.47 -22.18
N ALA B 9 9.86 20.23 -20.95
CA ALA B 9 10.71 19.98 -19.82
C ALA B 9 10.90 18.47 -19.66
N ASN B 10 12.14 18.07 -19.33
CA ASN B 10 12.39 16.69 -18.97
C ASN B 10 13.34 16.59 -17.79
N PHE B 11 13.32 15.47 -17.06
CA PHE B 11 14.10 15.40 -15.83
C PHE B 11 15.45 14.66 -15.93
N PRO B 12 15.56 13.58 -16.74
CA PRO B 12 16.84 12.85 -16.72
C PRO B 12 17.83 13.50 -17.68
N PRO B 13 19.06 12.97 -17.76
CA PRO B 13 20.06 13.49 -18.71
C PRO B 13 19.74 13.14 -20.18
N ALA B 14 20.32 13.90 -21.11
CA ALA B 14 20.01 13.86 -22.55
C ALA B 14 20.25 12.51 -23.24
N SER B 15 21.22 11.76 -22.77
CA SER B 15 21.48 10.46 -23.35
C SER B 15 20.42 9.39 -22.96
N THR B 16 19.60 9.67 -21.96
CA THR B 16 18.64 8.67 -21.53
C THR B 16 17.36 8.62 -22.42
N PHE B 17 16.64 7.49 -22.37
CA PHE B 17 15.60 7.20 -23.37
C PHE B 17 14.42 8.19 -23.29
N PRO B 18 14.10 8.71 -22.10
CA PRO B 18 13.05 9.73 -22.02
C PRO B 18 13.41 11.03 -22.78
N CYS B 19 14.69 11.39 -22.80
CA CYS B 19 15.14 12.55 -23.56
C CYS B 19 15.30 12.21 -25.05
N ILE B 20 15.81 11.03 -25.35
CA ILE B 20 15.87 10.57 -26.73
C ILE B 20 14.49 10.60 -27.37
N GLN B 21 13.47 10.04 -26.71
CA GLN B 21 12.14 10.04 -27.31
C GLN B 21 11.55 11.43 -27.45
N MSE B 22 11.82 12.30 -26.49
CA MSE B 22 11.43 13.71 -26.57
C MSE B 22 11.97 14.38 -27.84
O MSE B 22 11.22 15.06 -28.53
CB MSE B 22 11.89 14.46 -25.34
CG MSE B 22 11.88 15.96 -25.44
SE MSE B 22 12.57 16.86 -23.79
CE MSE B 22 14.52 16.37 -23.90
H MSE B 22 12.23 12.10 -25.76
HA MSE B 22 10.44 13.76 -26.59
HB2 MSE B 22 11.32 14.22 -24.59
HB3 MSE B 22 12.80 14.18 -25.14
HG2 MSE B 22 12.45 16.22 -26.18
HG3 MSE B 22 10.97 16.25 -25.59
HE1 MSE B 22 14.98 16.74 -23.15
HE2 MSE B 22 14.60 15.40 -23.88
HE3 MSE B 22 14.89 16.71 -24.72
N GLU B 23 13.26 14.19 -28.14
CA GLU B 23 13.83 14.81 -29.34
C GLU B 23 13.22 14.23 -30.63
N GLN B 24 12.95 12.94 -30.63
CA GLN B 24 12.32 12.31 -31.79
C GLN B 24 10.89 12.86 -31.96
N TRP B 25 10.15 12.99 -30.88
CA TRP B 25 8.80 13.50 -30.94
C TRP B 25 8.82 14.92 -31.50
N ALA B 26 9.76 15.75 -31.01
CA ALA B 26 9.87 17.15 -31.42
C ALA B 26 10.15 17.23 -32.94
N HIS B 27 11.09 16.40 -33.38
CA HIS B 27 11.43 16.31 -34.78
C HIS B 27 10.19 16.00 -35.60
N GLU B 28 9.37 15.03 -35.19
CA GLU B 28 8.13 14.69 -35.90
C GLU B 28 7.09 15.80 -35.85
N VAL B 29 6.95 16.48 -34.71
CA VAL B 29 6.06 17.65 -34.65
C VAL B 29 6.49 18.74 -35.67
N ARG B 30 7.75 19.15 -35.65
CA ARG B 30 8.24 20.15 -36.58
C ARG B 30 7.99 19.78 -38.03
N THR B 31 8.22 18.51 -38.36
CA THR B 31 8.15 18.04 -39.72
C THR B 31 6.69 18.00 -40.18
N ARG B 32 5.84 17.34 -39.40
CA ARG B 32 4.43 17.14 -39.78
C ARG B 32 3.59 18.40 -39.71
N THR B 33 3.97 19.37 -38.87
CA THR B 33 3.28 20.65 -38.90
C THR B 33 3.91 21.66 -39.87
N ARG B 34 4.87 21.22 -40.66
CA ARG B 34 5.53 22.08 -41.62
C ARG B 34 6.11 23.33 -40.97
N GLY B 35 6.70 23.18 -39.79
CA GLY B 35 7.25 24.31 -39.08
C GLY B 35 6.28 25.26 -38.42
N LYS B 36 4.98 24.98 -38.42
CA LYS B 36 4.03 25.85 -37.69
C LYS B 36 4.14 25.68 -36.15
N VAL B 37 4.68 24.57 -35.70
CA VAL B 37 4.97 24.40 -34.29
C VAL B 37 6.43 24.06 -34.15
N ASP B 38 7.11 24.70 -33.20
CA ASP B 38 8.47 24.30 -32.82
C ASP B 38 8.47 23.92 -31.35
N VAL B 39 9.52 23.23 -30.92
CA VAL B 39 9.62 22.74 -29.57
C VAL B 39 11.01 23.08 -29.10
N LEU B 40 11.10 23.77 -27.95
CA LEU B 40 12.37 23.94 -27.27
C LEU B 40 12.44 22.96 -26.10
N THR B 41 13.42 22.07 -26.14
CA THR B 41 13.56 21.03 -25.13
C THR B 41 14.54 21.42 -24.06
N TYR B 42 14.29 20.94 -22.85
CA TYR B 42 15.13 21.26 -21.72
C TYR B 42 15.43 19.97 -20.97
N PRO B 43 16.40 19.21 -21.45
CA PRO B 43 16.74 17.99 -20.74
C PRO B 43 17.35 18.26 -19.39
N GLY B 44 17.39 17.20 -18.58
CA GLY B 44 18.23 17.20 -17.38
C GLY B 44 17.82 18.14 -16.28
N GLY B 45 16.55 18.52 -16.22
CA GLY B 45 15.99 19.22 -15.07
C GLY B 45 16.20 20.72 -15.01
N THR B 46 16.63 21.31 -16.11
CA THR B 46 16.95 22.75 -16.20
C THR B 46 15.74 23.68 -16.23
N LEU B 47 14.60 23.19 -16.69
CA LEU B 47 13.37 23.95 -16.51
C LEU B 47 12.57 23.41 -15.33
N LEU B 48 12.26 22.11 -15.37
CA LEU B 48 11.56 21.42 -14.28
C LEU B 48 12.29 20.10 -13.98
N GLY B 49 12.39 19.73 -12.70
CA GLY B 49 12.89 18.41 -12.33
C GLY B 49 11.78 17.35 -12.12
N ALA B 50 12.15 16.18 -11.60
CA ALA B 50 11.22 15.07 -11.44
C ALA B 50 10.07 15.37 -10.44
N ARG B 51 10.36 16.09 -9.37
CA ARG B 51 9.37 16.33 -8.33
C ARG B 51 8.40 17.49 -8.64
N ASN B 52 8.85 18.50 -9.38
CA ASN B 52 7.98 19.63 -9.69
C ASN B 52 7.46 19.59 -11.14
N MSE B 53 7.63 18.46 -11.82
CA MSE B 53 7.28 18.36 -13.23
C MSE B 53 5.78 18.55 -13.43
O MSE B 53 5.36 19.33 -14.28
CB MSE B 53 7.67 17.00 -13.77
CG MSE B 53 7.37 16.78 -15.23
SE MSE B 53 8.51 17.90 -16.38
CE MSE B 53 10.25 17.06 -15.90
H MSE B 53 7.98 17.75 -11.49
HA MSE B 53 7.75 19.04 -13.75
HB2 MSE B 53 8.63 16.88 -13.65
HB3 MSE B 53 7.20 16.31 -13.26
HG2 MSE B 53 7.53 15.85 -15.46
HG3 MSE B 53 6.44 17.01 -15.40
HE1 MSE B 53 10.96 17.50 -16.39
HE2 MSE B 53 10.40 17.15 -14.96
HE3 MSE B 53 10.22 16.12 -16.14
N LEU B 54 4.99 17.86 -12.60
CA LEU B 54 3.54 17.83 -12.74
C LEU B 54 2.91 19.17 -12.40
N ARG B 55 3.26 19.73 -11.25
CA ARG B 55 2.79 21.07 -10.88
C ARG B 55 3.22 22.12 -11.90
N GLY B 56 4.42 21.94 -12.45
CA GLY B 56 5.01 22.96 -13.31
C GLY B 56 4.43 22.98 -14.70
N VAL B 57 4.00 21.82 -15.19
CA VAL B 57 3.27 21.78 -16.43
C VAL B 57 1.88 22.41 -16.27
N MSE B 58 1.23 22.09 -15.14
CA MSE B 58 -0.11 22.59 -14.86
C MSE B 58 -0.12 24.07 -14.56
O MSE B 58 -1.09 24.75 -14.86
CB MSE B 58 -0.70 21.89 -13.66
CG MSE B 58 -0.96 20.41 -13.86
SE MSE B 58 -1.76 19.63 -12.25
CE MSE B 58 -3.49 20.54 -12.50
H MSE B 58 1.54 21.59 -14.53
HA MSE B 58 -0.69 22.41 -15.63
HB2 MSE B 58 -0.09 21.98 -12.91
HB3 MSE B 58 -1.54 22.30 -13.43
HG2 MSE B 58 -1.58 20.29 -14.60
HG3 MSE B 58 -0.13 19.95 -14.04
HE1 MSE B 58 -4.08 20.29 -11.78
HE2 MSE B 58 -3.35 21.49 -12.49
HE3 MSE B 58 -3.87 20.27 -13.34
N SER B 59 0.97 24.57 -13.97
CA SER B 59 1.11 26.01 -13.68
C SER B 59 1.54 26.81 -14.89
N GLY B 60 2.08 26.15 -15.90
CA GLY B 60 2.57 26.84 -17.09
C GLY B 60 4.08 27.10 -17.18
N GLN B 61 4.87 26.82 -16.14
CA GLN B 61 6.33 26.97 -16.24
C GLN B 61 6.88 26.26 -17.47
N ALA B 62 6.23 25.17 -17.87
CA ALA B 62 6.57 24.43 -19.08
C ALA B 62 5.24 24.11 -19.77
N ASP B 63 5.25 24.10 -21.09
CA ASP B 63 4.06 23.73 -21.85
C ASP B 63 3.87 22.21 -21.87
N ILE B 64 5.00 21.50 -21.97
CA ILE B 64 5.03 20.05 -22.07
C ILE B 64 6.07 19.48 -21.10
N GLY B 65 5.81 18.29 -20.58
CA GLY B 65 6.74 17.59 -19.71
C GLY B 65 6.56 16.06 -19.74
N CYS B 66 7.47 15.38 -19.07
CA CYS B 66 7.51 13.92 -19.03
C CYS B 66 7.52 13.51 -17.56
N ILE B 67 6.50 12.76 -17.15
CA ILE B 67 6.43 12.27 -15.79
C ILE B 67 6.52 10.73 -15.80
N SER B 68 7.28 10.22 -14.84
CA SER B 68 7.30 8.81 -14.56
C SER B 68 6.17 8.58 -13.54
N LEU B 69 5.16 7.82 -13.91
CA LEU B 69 3.97 7.71 -13.05
C LEU B 69 4.30 7.22 -11.66
N ALA B 70 5.35 6.39 -11.59
CA ALA B 70 5.70 5.73 -10.33
C ALA B 70 6.17 6.70 -9.27
N TYR B 71 6.59 7.90 -9.69
CA TYR B 71 7.01 8.94 -8.74
C TYR B 71 5.89 9.66 -7.99
N HIS B 72 4.64 9.35 -8.31
CA HIS B 72 3.52 10.05 -7.69
C HIS B 72 2.52 9.07 -7.10
N PRO B 73 2.87 8.45 -5.97
CA PRO B 73 2.03 7.42 -5.34
C PRO B 73 0.61 7.90 -5.04
N GLY B 74 -0.39 7.06 -5.35
CA GLY B 74 -1.78 7.38 -5.07
C GLY B 74 -2.44 8.39 -6.02
N VAL B 75 -1.64 9.11 -6.80
CA VAL B 75 -2.16 10.10 -7.75
C VAL B 75 -2.73 9.46 -9.02
N PHE B 76 -2.21 8.31 -9.44
CA PHE B 76 -2.72 7.66 -10.66
C PHE B 76 -3.21 6.24 -10.39
N PRO B 77 -4.36 6.08 -9.70
CA PRO B 77 -4.95 4.77 -9.34
C PRO B 77 -5.25 3.82 -10.50
N VAL B 78 -5.73 4.32 -11.63
CA VAL B 78 -5.96 3.44 -12.77
C VAL B 78 -4.66 3.09 -13.50
N MSE B 79 -3.92 4.09 -13.98
CA MSE B 79 -2.74 3.85 -14.81
C MSE B 79 -1.58 3.16 -14.08
O MSE B 79 -0.70 2.61 -14.72
CB MSE B 79 -2.25 5.16 -15.44
CG MSE B 79 -3.32 5.89 -16.30
SE MSE B 79 -4.26 4.69 -17.61
CE MSE B 79 -2.71 4.43 -18.79
H MSE B 79 -4.08 4.92 -13.84
HA MSE B 79 -3.01 3.27 -15.55
HB2 MSE B 79 -1.97 5.76 -14.73
HB3 MSE B 79 -1.49 4.96 -16.02
HG2 MSE B 79 -3.98 6.26 -15.70
HG3 MSE B 79 -2.88 6.60 -16.80
HE1 MSE B 79 -2.96 3.86 -19.52
HE2 MSE B 79 -2.43 5.29 -19.13
HE3 MSE B 79 -1.99 4.03 -18.29
N SER B 80 -1.59 3.20 -12.76
CA SER B 80 -0.58 2.56 -11.98
C SER B 80 -0.69 1.01 -12.05
N VAL B 81 -1.77 0.47 -12.62
CA VAL B 81 -1.83 -0.96 -12.97
C VAL B 81 -0.57 -1.37 -13.75
N PHE B 82 -0.01 -0.45 -14.55
CA PHE B 82 1.19 -0.74 -15.33
C PHE B 82 2.48 -0.72 -14.56
N GLU B 83 2.40 -0.55 -13.24
CA GLU B 83 3.56 -0.75 -12.38
C GLU B 83 3.51 -2.16 -11.76
N LEU B 84 2.49 -2.93 -12.09
CA LEU B 84 2.34 -4.28 -11.61
C LEU B 84 3.02 -5.24 -12.60
N PRO B 85 3.39 -6.44 -12.15
CA PRO B 85 3.97 -7.33 -13.17
C PRO B 85 2.91 -7.93 -14.11
N LEU B 86 2.82 -7.39 -15.32
CA LEU B 86 1.79 -7.72 -16.25
C LEU B 86 2.36 -8.64 -17.33
N GLY B 87 3.56 -9.14 -17.09
CA GLY B 87 4.10 -10.14 -17.99
C GLY B 87 4.56 -9.62 -19.34
N PHE B 88 4.81 -8.30 -19.49
CA PHE B 88 5.39 -7.81 -20.74
C PHE B 88 6.89 -8.15 -20.82
N THR B 89 7.33 -8.49 -22.02
CA THR B 89 8.72 -8.89 -22.29
C THR B 89 9.48 -7.84 -23.10
N SER B 90 8.75 -6.90 -23.68
CA SER B 90 9.36 -5.83 -24.48
C SER B 90 8.71 -4.50 -24.12
N ALA B 91 9.52 -3.45 -24.19
CA ALA B 91 9.05 -2.10 -24.04
C ALA B 91 8.13 -1.72 -25.17
N GLU B 92 8.37 -2.27 -26.35
CA GLU B 92 7.47 -1.97 -27.49
C GLU B 92 6.01 -2.39 -27.23
N ALA B 93 5.81 -3.64 -26.80
CA ALA B 93 4.45 -4.11 -26.54
C ALA B 93 3.86 -3.37 -25.33
N ALA B 94 4.62 -3.25 -24.24
CA ALA B 94 4.14 -2.54 -23.07
C ALA B 94 3.68 -1.07 -23.38
N SER B 95 4.48 -0.36 -24.19
CA SER B 95 4.20 1.03 -24.55
C SER B 95 2.95 1.11 -25.37
N SER B 96 2.88 0.27 -26.39
CA SER B 96 1.66 0.18 -27.20
C SER B 96 0.41 -0.12 -26.40
N VAL B 97 0.46 -1.09 -25.49
CA VAL B 97 -0.70 -1.41 -24.69
C VAL B 97 -1.04 -0.28 -23.73
N LEU B 98 -0.03 0.32 -23.13
CA LEU B 98 -0.23 1.42 -22.22
C LEU B 98 -1.02 2.60 -22.89
N TRP B 99 -0.54 3.08 -24.03
CA TRP B 99 -1.21 4.14 -24.76
C TRP B 99 -2.64 3.73 -25.14
N GLU B 100 -2.85 2.53 -25.67
CA GLU B 100 -4.22 2.07 -25.97
C GLU B 100 -5.13 1.95 -24.74
N LEU B 101 -4.62 1.47 -23.63
CA LEU B 101 -5.44 1.48 -22.42
C LEU B 101 -5.84 2.92 -22.11
N TYR B 102 -4.86 3.84 -22.20
CA TYR B 102 -5.13 5.22 -21.83
C TYR B 102 -6.20 5.81 -22.74
N SER B 103 -6.09 5.55 -24.04
CA SER B 103 -6.95 6.16 -25.04
C SER B 103 -8.38 5.74 -24.88
N GLY B 104 -8.58 4.50 -24.46
CA GLY B 104 -9.92 3.95 -24.36
C GLY B 104 -10.64 4.25 -23.05
N LEU B 105 -9.89 4.50 -21.98
CA LEU B 105 -10.51 4.77 -20.70
C LEU B 105 -10.58 6.27 -20.41
N ARG B 106 -9.51 7.00 -20.70
CA ARG B 106 -9.36 8.42 -20.31
C ARG B 106 -9.74 8.65 -18.86
N PRO B 107 -9.08 7.97 -17.92
CA PRO B 107 -9.36 8.13 -16.49
C PRO B 107 -9.16 9.57 -16.01
N ALA B 108 -9.99 9.97 -15.06
CA ALA B 108 -10.04 11.36 -14.60
C ALA B 108 -8.81 11.81 -13.81
N GLU B 109 -7.99 10.89 -13.33
CA GLU B 109 -6.79 11.25 -12.59
C GLU B 109 -5.83 12.06 -13.48
N LEU B 110 -6.07 12.01 -14.78
CA LEU B 110 -5.29 12.74 -15.77
C LEU B 110 -6.10 13.84 -16.53
N GLU B 111 -7.30 14.20 -16.05
CA GLU B 111 -8.19 15.14 -16.78
C GLU B 111 -7.69 16.61 -16.79
N ARG B 112 -6.84 16.96 -15.84
CA ARG B 112 -6.36 18.33 -15.70
C ARG B 112 -5.16 18.64 -16.61
N VAL B 113 -4.61 17.62 -17.28
CA VAL B 113 -3.62 17.87 -18.32
C VAL B 113 -4.05 17.24 -19.64
N LYS B 114 -3.36 17.57 -20.73
CA LYS B 114 -3.56 16.83 -21.96
C LYS B 114 -2.47 15.75 -22.03
N VAL B 115 -2.87 14.50 -22.23
CA VAL B 115 -1.87 13.45 -22.43
C VAL B 115 -1.59 13.34 -23.92
N LEU B 116 -0.34 13.60 -24.30
CA LEU B 116 0.08 13.61 -25.70
C LEU B 116 0.50 12.23 -26.21
N THR B 117 1.13 11.47 -25.32
CA THR B 117 1.48 10.09 -25.59
C THR B 117 2.01 9.47 -24.30
N MSE B 118 2.29 8.19 -24.36
CA MSE B 118 2.80 7.45 -23.20
C MSE B 118 3.74 6.37 -23.64
O MSE B 118 3.73 5.98 -24.79
CB MSE B 118 1.66 6.83 -22.40
CG MSE B 118 0.72 7.89 -21.73
SE MSE B 118 -0.71 7.05 -20.64
CE MSE B 118 0.11 6.96 -18.86
H MSE B 118 2.18 7.70 -25.06
HA MSE B 118 3.29 8.08 -22.61
HB2 MSE B 118 1.11 6.29 -22.99
HB3 MSE B 118 2.03 6.28 -21.69
HG2 MSE B 118 1.25 8.46 -21.15
HG3 MSE B 118 0.30 8.42 -22.43
HE1 MSE B 118 -0.51 6.55 -18.25
HE2 MSE B 118 0.90 6.42 -18.92
HE3 MSE B 118 0.34 7.84 -18.58
N PHE B 119 4.54 5.90 -22.71
CA PHE B 119 5.40 4.79 -23.00
C PHE B 119 5.91 4.18 -21.70
N THR B 120 6.64 3.08 -21.85
CA THR B 120 7.25 2.40 -20.68
C THR B 120 8.72 2.15 -20.85
N SER B 121 9.40 1.90 -19.73
CA SER B 121 10.72 1.33 -19.74
C SER B 121 10.61 -0.15 -20.18
N ALA B 122 11.75 -0.81 -20.23
CA ALA B 122 11.79 -2.23 -20.54
C ALA B 122 11.64 -2.98 -19.19
N PRO B 123 11.45 -4.30 -19.22
CA PRO B 123 11.26 -5.05 -17.97
C PRO B 123 12.39 -4.78 -17.00
N SER B 124 12.09 -4.70 -15.71
CA SER B 124 13.08 -4.35 -14.70
C SER B 124 13.92 -5.58 -14.31
N HIS B 125 15.18 -5.34 -13.99
CA HIS B 125 16.09 -6.36 -13.46
C HIS B 125 16.88 -5.76 -12.28
N PHE B 126 17.73 -6.55 -11.64
CA PHE B 126 18.49 -6.08 -10.50
C PHE B 126 19.86 -5.73 -11.01
N MSE B 127 20.31 -4.52 -10.70
CA MSE B 127 21.71 -4.17 -10.89
C MSE B 127 22.27 -3.88 -9.53
O MSE B 127 21.79 -2.98 -8.85
CB MSE B 127 21.81 -2.92 -11.75
CG MSE B 127 21.53 -3.12 -13.22
SE MSE B 127 20.84 -1.42 -14.05
CE MSE B 127 21.86 -0.12 -12.99
H MSE B 127 19.84 -3.89 -10.37
HA MSE B 127 22.20 -4.90 -11.32
HB2 MSE B 127 21.18 -2.26 -11.42
HB3 MSE B 127 22.71 -2.56 -11.66
HG2 MSE B 127 22.35 -3.37 -13.68
HG3 MSE B 127 20.86 -3.81 -13.33
HE1 MSE B 127 21.63 0.76 -13.28
HE2 MSE B 127 21.64 -0.23 -12.06
HE3 MSE B 127 22.79 -0.27 -13.13
N THR B 128 23.28 -4.63 -9.12
CA THR B 128 23.79 -4.54 -7.77
C THR B 128 25.33 -4.46 -7.66
N VAL B 129 25.79 -4.07 -6.48
CA VAL B 129 27.19 -3.87 -6.18
C VAL B 129 27.80 -5.21 -5.88
N THR B 130 27.03 -6.09 -5.27
CA THR B 130 27.46 -7.45 -5.01
C THR B 130 26.53 -8.46 -5.72
N PRO B 131 27.02 -9.69 -5.95
CA PRO B 131 26.23 -10.66 -6.72
C PRO B 131 24.94 -11.10 -5.99
N VAL B 132 23.84 -11.09 -6.73
CA VAL B 132 22.57 -11.61 -6.22
C VAL B 132 22.24 -12.86 -7.01
N ARG B 133 22.36 -14.01 -6.36
CA ARG B 133 22.33 -15.25 -7.10
C ARG B 133 21.07 -16.02 -6.71
N SER B 134 20.40 -15.53 -5.68
CA SER B 134 19.26 -16.20 -5.15
C SER B 134 18.48 -15.19 -4.35
N LEU B 135 17.26 -15.58 -3.98
CA LEU B 135 16.38 -14.74 -3.18
C LEU B 135 16.97 -14.44 -1.80
N ARG B 136 17.60 -15.44 -1.21
CA ARG B 136 18.40 -15.29 0.02
C ARG B 136 19.40 -14.09 -0.02
N ASP B 137 20.05 -13.90 -1.16
CA ASP B 137 21.06 -12.83 -1.28
C ASP B 137 20.38 -11.49 -1.26
N LEU B 138 19.10 -11.48 -1.64
CA LEU B 138 18.36 -10.25 -1.78
C LEU B 138 17.85 -9.74 -0.43
N GLN B 139 17.84 -10.63 0.57
CA GLN B 139 17.18 -10.33 1.84
C GLN B 139 17.78 -9.15 2.62
N GLY B 140 17.00 -8.09 2.82
CA GLY B 140 17.49 -6.93 3.57
C GLY B 140 18.40 -5.97 2.78
N MSE B 141 18.70 -6.31 1.54
CA MSE B 141 19.54 -5.44 0.72
C MSE B 141 18.79 -4.17 0.32
O MSE B 141 17.64 -4.22 -0.11
CB MSE B 141 19.98 -6.21 -0.52
CG MSE B 141 21.02 -5.51 -1.34
SE MSE B 141 21.69 -6.61 -2.86
CE MSE B 141 22.62 -7.97 -1.84
H MSE B 141 18.43 -7.02 1.14
HA MSE B 141 20.35 -5.20 1.23
HB2 MSE B 141 20.35 -7.06 -0.23
HB3 MSE B 141 19.21 -6.37 -1.07
HG2 MSE B 141 20.63 -4.70 -1.71
HG3 MSE B 141 21.77 -5.29 -0.78
HE1 MSE B 141 23.01 -8.60 -2.44
HE2 MSE B 141 23.30 -7.55 -1.31
HE3 MSE B 141 21.99 -8.41 -1.27
N GLU B 142 19.45 -3.03 0.47
CA GLU B 142 18.85 -1.75 0.09
C GLU B 142 18.92 -1.54 -1.43
N ILE B 143 17.74 -1.52 -2.05
CA ILE B 143 17.61 -1.42 -3.49
C ILE B 143 16.67 -0.30 -3.85
N ARG B 144 17.06 0.52 -4.82
CA ARG B 144 16.22 1.61 -5.32
C ARG B 144 15.08 1.10 -6.24
N GLY B 145 13.87 1.55 -5.97
CA GLY B 145 12.78 1.49 -6.93
C GLY B 145 11.95 2.76 -6.83
N ALA B 146 10.70 2.69 -7.28
CA ALA B 146 9.74 3.77 -7.04
C ALA B 146 8.35 3.20 -7.17
N GLY B 147 7.40 3.82 -6.50
CA GLY B 147 6.00 3.43 -6.58
C GLY B 147 5.81 1.96 -6.26
N THR B 148 5.09 1.28 -7.13
CA THR B 148 4.70 -0.08 -6.90
C THR B 148 5.89 -0.96 -7.11
N LEU B 149 6.89 -0.50 -7.86
CA LEU B 149 8.11 -1.31 -8.00
C LEU B 149 8.85 -1.46 -6.66
N SER B 150 8.76 -0.43 -5.82
CA SER B 150 9.25 -0.52 -4.46
C SER B 150 8.47 -1.50 -3.62
N ALA B 151 7.16 -1.58 -3.88
CA ALA B 151 6.31 -2.49 -3.13
C ALA B 151 6.61 -3.95 -3.55
N ILE B 152 6.88 -4.17 -4.83
CA ILE B 152 7.38 -5.44 -5.32
C ILE B 152 8.69 -5.86 -4.61
N LEU B 153 9.65 -4.93 -4.57
CA LEU B 153 10.93 -5.16 -3.88
C LEU B 153 10.69 -5.54 -2.42
N GLU B 154 9.77 -4.87 -1.76
CA GLU B 154 9.44 -5.21 -0.38
C GLU B 154 8.90 -6.67 -0.25
N LYS B 155 8.00 -7.09 -1.13
CA LYS B 155 7.47 -8.47 -1.14
C LYS B 155 8.56 -9.51 -1.38
N LEU B 156 9.58 -9.14 -2.15
CA LEU B 156 10.72 -10.02 -2.40
C LEU B 156 11.70 -10.12 -1.22
N GLY B 157 11.49 -9.34 -0.16
CA GLY B 157 12.42 -9.35 0.97
C GLY B 157 13.51 -8.29 0.92
N ALA B 158 13.55 -7.46 -0.12
CA ALA B 158 14.57 -6.40 -0.17
C ALA B 158 14.11 -5.23 0.65
N THR B 159 15.03 -4.35 0.97
CA THR B 159 14.68 -3.10 1.63
C THR B 159 14.56 -2.00 0.57
N PRO B 160 13.35 -1.69 0.11
CA PRO B 160 13.17 -0.65 -0.91
C PRO B 160 13.48 0.75 -0.41
N VAL B 161 14.21 1.50 -1.23
CA VAL B 161 14.39 2.93 -1.06
C VAL B 161 13.87 3.61 -2.33
N SER B 162 12.89 4.49 -2.17
CA SER B 162 12.23 5.16 -3.32
C SER B 162 12.81 6.54 -3.56
N MSE B 163 13.13 6.79 -4.83
CA MSE B 163 13.70 8.06 -5.28
C MSE B 163 13.73 8.11 -6.82
O MSE B 163 13.76 7.07 -7.48
CB MSE B 163 15.11 8.22 -4.76
CG MSE B 163 16.01 7.14 -5.28
SE MSE B 163 17.82 7.32 -4.58
CE MSE B 163 17.75 5.96 -3.15
H MSE B 163 13.03 6.23 -5.47
HA MSE B 163 13.16 8.81 -4.93
HB2 MSE B 163 15.47 9.08 -5.05
HB3 MSE B 163 15.11 8.17 -3.79
HG2 MSE B 163 15.67 6.27 -5.02
HG3 MSE B 163 16.06 7.21 -6.25
HE1 MSE B 163 18.59 5.93 -2.70
HE2 MSE B 163 17.07 6.20 -2.53
HE3 MSE B 163 17.56 5.11 -3.54
N PRO B 164 13.69 9.33 -7.37
CA PRO B 164 13.75 9.52 -8.82
C PRO B 164 15.16 9.23 -9.39
N MSE B 165 15.21 8.85 -10.66
CA MSE B 165 16.42 8.39 -11.30
C MSE B 165 17.64 9.31 -11.10
O MSE B 165 18.74 8.82 -10.82
CB MSE B 165 16.18 8.19 -12.79
CG MSE B 165 17.39 7.52 -13.46
SE MSE B 165 17.90 5.81 -12.65
CE MSE B 165 16.54 4.56 -13.31
H MSE B 165 14.52 8.85 -11.18
HA MSE B 165 16.64 7.51 -10.92
HB2 MSE B 165 15.41 7.61 -12.92
HB3 MSE B 165 16.03 9.05 -13.20
HG2 MSE B 165 17.19 7.36 -14.39
HG3 MSE B 165 18.16 8.12 -13.38
HE1 MSE B 165 16.72 3.70 -12.94
HE2 MSE B 165 15.67 4.86 -13.02
HE3 MSE B 165 16.59 4.54 -14.27
N PRO B 166 17.45 10.63 -11.25
CA PRO B 166 18.58 11.55 -11.11
C PRO B 166 19.31 11.53 -9.75
N GLU B 167 18.70 10.99 -8.71
CA GLU B 167 19.35 10.96 -7.40
C GLU B 167 20.04 9.63 -7.11
N VAL B 168 19.91 8.67 -8.01
CA VAL B 168 20.40 7.33 -7.75
C VAL B 168 21.94 7.22 -7.76
N PRO B 169 22.62 7.86 -8.74
CA PRO B 169 24.11 7.83 -8.79
C PRO B 169 24.77 8.11 -7.43
N GLU B 170 24.51 9.32 -6.93
CA GLU B 170 24.85 9.77 -5.60
C GLU B 170 24.56 8.74 -4.54
N ALA B 171 23.32 8.25 -4.51
CA ALA B 171 22.87 7.32 -3.48
C ALA B 171 23.74 6.06 -3.44
N VAL B 172 24.00 5.51 -4.62
CA VAL B 172 24.91 4.38 -4.79
C VAL B 172 26.32 4.74 -4.34
N GLN B 173 26.78 5.89 -4.78
CA GLN B 173 28.13 6.37 -4.48
C GLN B 173 28.39 6.53 -2.98
N LYS B 174 27.40 7.04 -2.26
CA LYS B 174 27.47 7.23 -0.82
C LYS B 174 27.08 5.95 -0.02
N GLY B 175 26.62 4.91 -0.71
CA GLY B 175 26.38 3.64 -0.04
C GLY B 175 25.02 3.52 0.63
N ILE B 176 24.12 4.48 0.38
CA ILE B 176 22.76 4.43 0.89
C ILE B 176 21.95 3.32 0.22
N ILE B 177 22.30 2.99 -1.03
CA ILE B 177 21.72 1.81 -1.70
C ILE B 177 22.83 0.92 -2.26
N LYS B 178 22.53 -0.37 -2.41
CA LYS B 178 23.47 -1.38 -2.94
C LYS B 178 23.08 -1.81 -4.36
N GLY B 179 22.02 -1.23 -4.89
CA GLY B 179 21.59 -1.60 -6.22
C GLY B 179 20.30 -0.89 -6.61
N LEU B 180 19.89 -1.14 -7.83
CA LEU B 180 18.64 -0.64 -8.31
C LEU B 180 17.85 -1.66 -9.12
N PHE B 181 16.56 -1.40 -9.24
CA PHE B 181 15.61 -2.30 -9.84
C PHE B 181 14.99 -1.54 -11.01
N THR B 182 15.52 -1.72 -12.23
CA THR B 182 14.98 -1.03 -13.41
C THR B 182 15.52 -1.59 -14.71
N SER B 183 15.32 -0.93 -15.86
CA SER B 183 15.74 -1.52 -17.16
C SER B 183 17.20 -1.24 -17.33
N LEU B 184 17.85 -2.01 -18.20
CA LEU B 184 19.30 -2.07 -18.24
C LEU B 184 19.96 -1.02 -19.15
N ASP B 185 19.16 -0.22 -19.84
CA ASP B 185 19.63 0.94 -20.60
C ASP B 185 20.55 1.87 -19.76
N VAL B 186 20.22 2.00 -18.47
CA VAL B 186 20.95 2.90 -17.57
C VAL B 186 22.40 2.42 -17.31
N MSE B 187 22.67 1.14 -17.57
CA MSE B 187 24.03 0.62 -17.46
C MSE B 187 25.00 1.50 -18.29
O MSE B 187 26.10 1.82 -17.87
CB MSE B 187 24.07 -0.84 -17.91
CG MSE B 187 23.29 -1.74 -16.93
SE MSE B 187 24.17 -1.89 -15.14
CE MSE B 187 25.65 -3.03 -15.85
H MSE B 187 22.09 0.56 -17.82
HA MSE B 187 24.31 0.66 -16.52
HB2 MSE B 187 23.66 -0.92 -18.78
HB3 MSE B 187 24.99 -1.15 -17.93
HG2 MSE B 187 22.40 -1.35 -16.79
HG3 MSE B 187 23.22 -2.62 -17.31
HE1 MSE B 187 26.24 -3.25 -15.14
HE2 MSE B 187 25.27 -3.83 -16.22
HE3 MSE B 187 26.12 -2.55 -16.53
N LYS B 188 24.56 1.86 -19.49
CA LYS B 188 25.35 2.68 -20.36
C LYS B 188 24.93 4.12 -20.22
N ASP B 189 23.62 4.37 -20.25
CA ASP B 189 23.13 5.74 -20.37
C ASP B 189 23.46 6.63 -19.17
N MSE B 190 23.45 6.07 -17.97
CA MSE B 190 23.97 6.81 -16.82
C MSE B 190 25.21 6.19 -16.19
O MSE B 190 25.58 6.52 -15.07
CB MSE B 190 22.87 7.02 -15.81
CG MSE B 190 21.87 8.10 -16.31
SE MSE B 190 20.34 8.01 -15.17
CE MSE B 190 21.11 9.16 -13.75
H MSE B 190 23.16 5.28 -17.79
HA MSE B 190 24.23 7.71 -17.15
HB2 MSE B 190 22.40 6.18 -15.68
HB3 MSE B 190 23.27 7.32 -14.97
HG2 MSE B 190 22.27 8.97 -16.22
HG3 MSE B 190 21.62 7.91 -17.21
HE1 MSE B 190 20.46 9.25 -13.04
HE2 MSE B 190 21.90 8.75 -13.41
HE3 MSE B 190 21.30 10.02 -14.12
N ASN B 191 25.86 5.31 -16.94
CA ASN B 191 27.11 4.73 -16.54
C ASN B 191 27.03 3.94 -15.23
N PHE B 192 25.90 3.29 -14.96
CA PHE B 192 25.84 2.38 -13.83
C PHE B 192 26.76 1.15 -13.99
N ALA B 193 27.17 0.83 -15.21
CA ALA B 193 28.05 -0.32 -15.43
C ALA B 193 29.33 -0.17 -14.59
N GLU B 194 29.82 1.06 -14.43
CA GLU B 194 30.97 1.38 -13.58
C GLU B 194 30.72 1.14 -12.08
N MSE B 195 29.46 1.19 -11.64
CA MSE B 195 29.10 1.24 -10.23
C MSE B 195 28.46 -0.06 -9.76
O MSE B 195 28.67 -0.53 -8.65
CB MSE B 195 28.06 2.32 -10.03
CG MSE B 195 28.57 3.77 -10.00
SE MSE B 195 27.06 5.07 -9.87
CE MSE B 195 27.00 5.78 -11.72
H MSE B 195 28.78 1.21 -12.17
HA MSE B 195 29.89 1.44 -9.68
HB2 MSE B 195 27.42 2.27 -10.76
HB3 MSE B 195 27.60 2.16 -9.19
HG2 MSE B 195 29.15 3.88 -9.23
HG3 MSE B 195 29.06 3.94 -10.81
HE1 MSE B 195 26.30 6.43 -11.79
HE2 MSE B 195 27.85 6.19 -11.93
HE3 MSE B 195 26.83 5.06 -12.33
N THR B 196 27.61 -0.61 -10.60
CA THR B 196 26.92 -1.85 -10.29
C THR B 196 27.33 -2.87 -11.30
N GLY B 197 28.34 -3.65 -10.91
CA GLY B 197 28.97 -4.65 -11.74
C GLY B 197 28.34 -6.05 -11.78
N HIS B 198 27.13 -6.21 -11.26
CA HIS B 198 26.37 -7.46 -11.35
C HIS B 198 24.90 -7.22 -11.71
N VAL B 199 24.41 -7.96 -12.68
CA VAL B 199 23.00 -7.90 -13.09
C VAL B 199 22.35 -9.24 -12.83
N THR B 200 21.21 -9.20 -12.15
CA THR B 200 20.36 -10.37 -12.00
C THR B 200 19.04 -10.18 -12.70
N ARG B 201 18.79 -11.15 -13.58
CA ARG B 201 17.56 -11.18 -14.36
C ARG B 201 16.37 -11.40 -13.43
N ALA B 202 15.32 -10.63 -13.65
CA ALA B 202 14.11 -10.62 -12.86
C ALA B 202 12.85 -10.64 -13.76
N ASP B 203 12.93 -10.09 -14.97
CA ASP B 203 11.81 -9.97 -15.91
C ASP B 203 10.57 -9.35 -15.26
N GLN B 204 10.77 -8.32 -14.49
CA GLN B 204 9.70 -7.76 -13.69
C GLN B 204 8.99 -6.56 -14.36
N ALA B 205 8.08 -5.95 -13.62
CA ALA B 205 7.27 -4.81 -14.08
C ALA B 205 8.07 -3.73 -14.77
N VAL B 206 7.34 -2.93 -15.55
CA VAL B 206 7.93 -1.77 -16.23
C VAL B 206 7.61 -0.47 -15.49
N TYR B 207 8.32 0.60 -15.81
CA TYR B 207 7.96 1.94 -15.32
C TYR B 207 7.17 2.67 -16.43
N PRO B 208 5.94 3.03 -16.14
CA PRO B 208 5.20 3.80 -17.13
C PRO B 208 5.41 5.33 -17.06
N PHE B 209 5.37 5.97 -18.22
CA PHE B 209 5.58 7.39 -18.38
C PHE B 209 4.42 7.99 -19.18
N ALA B 210 4.13 9.25 -18.91
CA ALA B 210 3.24 10.04 -19.75
C ALA B 210 3.89 11.37 -20.12
N VAL B 211 3.68 11.77 -21.36
CA VAL B 211 4.07 13.05 -21.87
C VAL B 211 2.81 13.89 -21.75
N ILE B 212 2.87 14.93 -20.93
CA ILE B 212 1.71 15.71 -20.55
C ILE B 212 1.88 17.15 -21.01
N MSE B 213 0.77 17.81 -21.30
CA MSE B 213 0.82 19.16 -21.80
C MSE B 213 -0.13 20.03 -21.03
O MSE B 213 -1.22 19.59 -20.63
CB MSE B 213 0.48 19.23 -23.29
CG MSE B 213 0.62 20.62 -23.84
SE MSE B 213 0.32 20.65 -25.79
CE MSE B 213 0.77 22.56 -26.23
H MSE B 213 -0.02 17.50 -21.21
HA MSE B 213 1.74 19.51 -21.68
HB2 MSE B 213 1.09 18.65 -23.77
HB3 MSE B 213 -0.44 18.94 -23.41
HG2 MSE B 213 -0.05 21.20 -23.42
HG3 MSE B 213 1.51 20.96 -23.65
HE1 MSE B 213 0.67 22.70 -27.16
HE2 MSE B 213 0.18 23.13 -25.74
HE3 MSE B 213 1.68 22.73 -25.97
N ASN B 214 0.31 21.26 -20.80
CA ASN B 214 -0.52 22.22 -20.12
C ASN B 214 -1.84 22.30 -20.87
N ARG B 215 -2.94 22.19 -20.14
CA ARG B 215 -4.27 22.22 -20.78
C ARG B 215 -4.53 23.52 -21.54
N GLU B 216 -4.24 24.67 -20.95
CA GLU B 216 -4.49 25.94 -21.66
C GLU B 216 -3.65 26.04 -22.93
N ALA B 217 -2.42 25.54 -22.89
CA ALA B 217 -1.53 25.56 -24.05
C ALA B 217 -2.01 24.61 -25.18
N TRP B 218 -2.56 23.47 -24.79
CA TRP B 218 -3.13 22.54 -25.75
C TRP B 218 -4.30 23.24 -26.39
N GLU B 219 -5.09 23.92 -25.57
CA GLU B 219 -6.27 24.61 -26.08
C GLU B 219 -5.98 25.85 -26.96
N ARG B 220 -4.77 26.41 -26.88
CA ARG B 220 -4.40 27.54 -27.76
C ARG B 220 -3.91 27.08 -29.13
N LEU B 221 -3.68 25.78 -29.26
CA LEU B 221 -3.32 25.18 -30.53
C LEU B 221 -4.55 25.09 -31.40
N SER B 222 -4.36 25.27 -32.70
CA SER B 222 -5.44 25.13 -33.69
C SER B 222 -5.82 23.68 -33.88
N PRO B 223 -7.07 23.40 -34.28
CA PRO B 223 -7.55 22.04 -34.56
C PRO B 223 -6.62 21.20 -35.47
N ASP B 224 -6.12 21.76 -36.58
CA ASP B 224 -5.12 21.17 -37.48
C ASP B 224 -3.83 20.60 -36.80
N VAL B 225 -3.25 21.44 -35.96
CA VAL B 225 -2.10 21.09 -35.15
C VAL B 225 -2.47 20.05 -34.10
N GLN B 226 -3.64 20.18 -33.50
CA GLN B 226 -4.09 19.20 -32.52
C GLN B 226 -4.17 17.83 -33.12
N GLN B 227 -4.78 17.72 -34.30
CA GLN B 227 -4.92 16.45 -35.03
C GLN B 227 -3.56 15.85 -35.44
N VAL B 228 -2.58 16.68 -35.72
CA VAL B 228 -1.23 16.20 -36.01
C VAL B 228 -0.62 15.55 -34.78
N LEU B 229 -0.77 16.19 -33.62
CA LEU B 229 -0.19 15.71 -32.38
C LEU B 229 -0.85 14.45 -31.90
N ASP B 230 -2.18 14.42 -31.94
CA ASP B 230 -2.95 13.23 -31.63
C ASP B 230 -2.62 12.10 -32.61
N GLY B 231 -2.39 12.45 -33.88
CA GLY B 231 -2.06 11.47 -34.93
C GLY B 231 -0.66 10.86 -34.76
N LEU B 232 0.13 11.45 -33.88
CA LEU B 232 1.47 10.97 -33.66
C LEU B 232 1.55 10.01 -32.43
N ALA B 233 0.50 10.03 -31.61
CA ALA B 233 0.58 9.48 -30.27
C ALA B 233 0.90 7.98 -30.22
N ALA B 234 0.13 7.18 -30.95
CA ALA B 234 0.29 5.74 -30.96
C ALA B 234 1.65 5.37 -31.63
N GLU B 235 1.95 5.95 -32.80
CA GLU B 235 3.22 5.69 -33.49
C GLU B 235 4.40 5.97 -32.57
N HIS B 236 4.35 7.08 -31.88
CA HIS B 236 5.44 7.46 -30.98
C HIS B 236 5.58 6.49 -29.78
N ALA B 237 4.47 6.08 -29.20
CA ALA B 237 4.54 5.08 -28.13
C ALA B 237 5.35 3.86 -28.60
N ALA B 238 4.93 3.27 -29.72
CA ALA B 238 5.60 2.10 -30.30
C ALA B 238 7.07 2.38 -30.67
N TRP B 239 7.35 3.54 -31.26
CA TRP B 239 8.69 3.91 -31.64
C TRP B 239 9.62 3.93 -30.43
N THR B 240 9.11 4.41 -29.30
CA THR B 240 9.91 4.58 -28.08
C THR B 240 10.29 3.25 -27.46
N GLY B 241 9.31 2.35 -27.43
CA GLY B 241 9.51 1.02 -26.96
C GLY B 241 10.50 0.27 -27.83
N ARG B 242 10.38 0.44 -29.14
CA ARG B 242 11.24 -0.25 -30.11
C ARG B 242 12.69 0.18 -29.92
N TYR B 243 12.89 1.49 -29.84
CA TYR B 243 14.17 2.09 -29.68
C TYR B 243 14.79 1.54 -28.38
N LEU B 244 14.01 1.55 -27.32
CA LEU B 244 14.49 1.13 -26.03
C LEU B 244 14.81 -0.37 -26.01
N ASP B 245 14.03 -1.18 -26.68
CA ASP B 245 14.37 -2.60 -26.70
C ASP B 245 15.70 -2.88 -27.39
N ALA B 246 15.94 -2.29 -28.55
CA ALA B 246 17.23 -2.41 -29.21
C ALA B 246 18.35 -1.86 -28.33
N HIS B 247 18.14 -0.66 -27.78
CA HIS B 247 19.13 0.00 -26.96
C HIS B 247 19.54 -0.78 -25.68
N VAL B 248 18.60 -1.48 -25.08
CA VAL B 248 18.93 -2.28 -23.92
C VAL B 248 19.95 -3.35 -24.29
N GLN B 249 19.84 -3.88 -25.50
CA GLN B 249 20.79 -4.87 -25.98
C GLN B 249 22.19 -4.28 -26.18
N ASP B 250 22.29 -3.10 -26.81
CA ASP B 250 23.59 -2.44 -26.96
C ASP B 250 24.18 -2.07 -25.59
N SER B 251 23.37 -1.48 -24.72
CA SER B 251 23.87 -1.03 -23.43
C SER B 251 24.54 -2.20 -22.69
N MSE B 252 23.91 -3.36 -22.75
CA MSE B 252 24.35 -4.52 -22.01
C MSE B 252 25.61 -5.16 -22.61
O MSE B 252 26.52 -5.55 -21.88
CB MSE B 252 23.19 -5.50 -21.94
CG MSE B 252 23.18 -6.33 -20.68
SE MSE B 252 23.47 -5.39 -18.94
CE MSE B 252 24.13 -7.04 -18.11
H MSE B 252 23.20 -3.50 -23.23
HA MSE B 252 24.56 -4.24 -21.10
HB2 MSE B 252 22.35 -5.00 -21.96
HB3 MSE B 252 23.23 -6.10 -22.69
HG2 MSE B 252 22.32 -6.79 -20.63
HG3 MSE B 252 23.89 -7.00 -20.77
HE1 MSE B 252 24.36 -6.85 -17.21
HE2 MSE B 252 23.45 -7.70 -18.16
HE3 MSE B 252 24.91 -7.34 -18.59
N ARG B 253 25.67 -5.26 -23.94
CA ARG B 253 26.91 -5.68 -24.63
C ARG B 253 28.03 -4.70 -24.31
N TRP B 254 27.72 -3.41 -24.32
CA TRP B 254 28.71 -2.42 -23.89
C TRP B 254 29.15 -2.63 -22.44
N ALA B 255 28.21 -2.93 -21.53
CA ALA B 255 28.59 -3.06 -20.12
C ALA B 255 29.47 -4.24 -19.90
N GLU B 256 29.21 -5.32 -20.64
CA GLU B 256 29.99 -6.57 -20.48
C GLU B 256 31.43 -6.46 -20.99
N GLU B 257 31.62 -5.85 -22.14
CA GLU B 257 32.93 -5.88 -22.78
C GLU B 257 33.69 -4.57 -22.59
N LYS B 258 33.19 -3.71 -21.71
CA LYS B 258 33.93 -2.53 -21.30
C LYS B 258 34.03 -2.44 -19.79
N HIS B 259 33.20 -3.18 -19.07
CA HIS B 259 33.28 -3.09 -17.62
C HIS B 259 33.20 -4.43 -16.91
N GLY B 260 33.23 -5.51 -17.68
CA GLY B 260 33.25 -6.85 -17.10
C GLY B 260 32.01 -7.23 -16.28
N VAL B 261 30.88 -6.57 -16.54
CA VAL B 261 29.68 -6.88 -15.81
C VAL B 261 29.32 -8.38 -15.86
N GLN B 262 29.05 -8.94 -14.69
CA GLN B 262 28.59 -10.32 -14.55
C GLN B 262 27.09 -10.38 -14.49
N VAL B 263 26.53 -11.39 -15.14
CA VAL B 263 25.10 -11.58 -15.25
C VAL B 263 24.67 -12.85 -14.52
N HIS B 264 23.58 -12.79 -13.76
CA HIS B 264 23.12 -13.94 -12.99
C HIS B 264 21.67 -14.26 -13.19
N THR B 265 21.35 -15.49 -12.90
CA THR B 265 20.03 -16.00 -13.11
C THR B 265 19.58 -16.66 -11.80
N LEU B 266 18.37 -16.31 -11.37
CA LEU B 266 17.75 -16.91 -10.19
C LEU B 266 17.29 -18.35 -10.49
N PRO B 267 17.30 -19.23 -9.46
CA PRO B 267 16.79 -20.58 -9.67
C PRO B 267 15.28 -20.59 -9.93
N GLU B 268 14.78 -21.69 -10.47
CA GLU B 268 13.38 -21.78 -10.81
C GLU B 268 12.46 -21.69 -9.57
N GLU B 269 12.88 -22.29 -8.45
CA GLU B 269 12.06 -22.21 -7.22
C GLU B 269 12.00 -20.78 -6.63
N ASP B 270 12.96 -19.95 -6.96
CA ASP B 270 12.98 -18.60 -6.43
C ASP B 270 12.08 -17.75 -7.30
N ILE B 271 12.06 -17.99 -8.60
CA ILE B 271 11.14 -17.28 -9.49
C ILE B 271 9.69 -17.63 -9.18
N ALA B 272 9.38 -18.92 -8.97
CA ALA B 272 8.00 -19.29 -8.63
C ALA B 272 7.56 -18.63 -7.34
N ALA B 273 8.50 -18.51 -6.40
CA ALA B 273 8.14 -17.99 -5.08
C ALA B 273 7.99 -16.47 -5.08
N MSE B 274 8.81 -15.81 -5.88
CA MSE B 274 8.69 -14.40 -6.14
C MSE B 274 7.31 -14.05 -6.70
O MSE B 274 6.66 -13.13 -6.23
CB MSE B 274 9.81 -14.04 -7.11
CG MSE B 274 9.67 -12.77 -7.95
SE MSE B 274 11.49 -12.23 -8.60
CE MSE B 274 11.22 -12.20 -10.51
H MSE B 274 9.46 -16.18 -6.30
HA MSE B 274 8.84 -13.91 -5.31
HB2 MSE B 274 10.63 -13.95 -6.60
HB3 MSE B 274 9.91 -14.77 -7.74
HG2 MSE B 274 9.09 -12.94 -8.71
HG3 MSE B 274 9.31 -12.06 -7.39
HE1 MSE B 274 12.04 -11.95 -10.94
HE2 MSE B 274 10.95 -13.08 -10.81
HE3 MSE B 274 10.53 -11.57 -10.72
N ARG B 275 6.84 -14.79 -7.70
CA ARG B 275 5.49 -14.59 -8.23
C ARG B 275 4.41 -14.70 -7.16
N ARG B 276 4.46 -15.73 -6.36
CA ARG B 276 3.47 -15.87 -5.30
C ARG B 276 3.48 -14.68 -4.37
N SER B 277 4.67 -14.32 -3.89
CA SER B 277 4.81 -13.17 -3.01
C SER B 277 4.21 -11.88 -3.55
N VAL B 278 4.22 -11.68 -4.87
CA VAL B 278 3.75 -10.39 -5.41
C VAL B 278 2.26 -10.40 -5.73
N GLN B 279 1.67 -11.59 -5.85
CA GLN B 279 0.24 -11.66 -6.12
C GLN B 279 -0.65 -10.69 -5.32
N PRO B 280 -0.43 -10.54 -4.00
CA PRO B 280 -1.37 -9.66 -3.27
C PRO B 280 -1.29 -8.18 -3.73
N LEU B 281 -0.26 -7.79 -4.47
CA LEU B 281 -0.20 -6.45 -5.01
C LEU B 281 -1.35 -6.13 -6.00
N PHE B 282 -1.88 -7.14 -6.68
CA PHE B 282 -2.96 -6.95 -7.63
C PHE B 282 -4.22 -6.59 -6.94
N ASP B 283 -4.51 -7.28 -5.86
CA ASP B 283 -5.71 -6.99 -5.08
C ASP B 283 -5.62 -5.66 -4.35
N ALA B 284 -4.46 -5.29 -3.84
CA ALA B 284 -4.25 -3.98 -3.22
C ALA B 284 -4.47 -2.86 -4.24
N TRP B 285 -3.89 -3.02 -5.42
CA TRP B 285 -4.20 -2.12 -6.53
C TRP B 285 -5.71 -2.03 -6.82
N ALA B 286 -6.40 -3.15 -6.96
CA ALA B 286 -7.83 -3.13 -7.26
C ALA B 286 -8.63 -2.39 -6.21
N GLN B 287 -8.30 -2.60 -4.94
CA GLN B 287 -9.02 -1.90 -3.84
C GLN B 287 -8.82 -0.39 -3.84
N ARG B 288 -7.57 0.06 -3.90
CA ARG B 288 -7.28 1.47 -4.05
C ARG B 288 -8.03 2.02 -5.25
N ALA B 289 -8.01 1.33 -6.39
CA ALA B 289 -8.71 1.87 -7.55
C ALA B 289 -10.20 1.98 -7.26
N ALA B 290 -10.78 0.99 -6.57
CA ALA B 290 -12.22 0.98 -6.31
C ALA B 290 -12.58 2.10 -5.35
N ASP B 291 -11.73 2.30 -4.34
CA ASP B 291 -12.00 3.35 -3.36
C ASP B 291 -12.03 4.74 -4.00
N LYS B 292 -11.38 4.92 -5.15
CA LYS B 292 -11.29 6.24 -5.79
C LYS B 292 -12.30 6.44 -6.90
N GLY B 293 -13.05 5.40 -7.25
CA GLY B 293 -14.12 5.59 -8.20
C GLY B 293 -13.95 4.89 -9.53
N ALA B 294 -12.78 4.27 -9.75
CA ALA B 294 -12.55 3.50 -10.97
C ALA B 294 -13.10 2.06 -10.86
N ASP B 295 -13.19 1.37 -12.00
CA ASP B 295 -13.63 -0.02 -12.04
C ASP B 295 -12.44 -0.94 -12.34
N PRO B 296 -11.81 -1.53 -11.29
CA PRO B 296 -10.62 -2.31 -11.58
C PRO B 296 -10.92 -3.55 -12.45
N ASP B 297 -12.12 -4.11 -12.32
CA ASP B 297 -12.55 -5.22 -13.17
C ASP B 297 -12.49 -4.86 -14.66
N ALA B 298 -13.05 -3.71 -15.07
CA ALA B 298 -12.98 -3.29 -16.46
C ALA B 298 -11.52 -2.98 -16.89
N VAL B 299 -10.73 -2.38 -16.01
CA VAL B 299 -9.32 -2.10 -16.40
C VAL B 299 -8.58 -3.40 -16.69
N MSE B 300 -8.72 -4.41 -15.83
CA MSE B 300 -8.00 -5.69 -16.05
C MSE B 300 -8.54 -6.43 -17.29
O MSE B 300 -7.77 -7.00 -18.03
CB MSE B 300 -8.11 -6.62 -14.83
CG MSE B 300 -6.97 -7.61 -14.67
SE MSE B 300 -5.15 -6.75 -14.67
CE MSE B 300 -5.25 -5.67 -13.13
H MSE B 300 -9.21 -4.40 -15.12
HA MSE B 300 -7.06 -5.49 -16.21
HB2 MSE B 300 -8.12 -6.07 -14.03
HB3 MSE B 300 -8.93 -7.13 -14.89
HG2 MSE B 300 -7.07 -8.07 -13.82
HG3 MSE B 300 -6.99 -8.24 -15.40
HE1 MSE B 300 -4.42 -5.20 -13.02
HE2 MSE B 300 -5.98 -5.04 -13.24
HE3 MSE B 300 -5.42 -6.22 -12.36
N ARG B 301 -9.86 -6.42 -17.48
CA ARG B 301 -10.46 -6.95 -18.70
C ARG B 301 -9.86 -6.25 -19.96
N THR B 302 -9.74 -4.94 -19.93
CA THR B 302 -9.25 -4.19 -21.07
C THR B 302 -7.75 -4.45 -21.39
N VAL B 303 -6.91 -4.50 -20.37
CA VAL B 303 -5.48 -4.88 -20.49
C VAL B 303 -5.30 -6.26 -21.06
N ASP B 304 -6.11 -7.18 -20.57
CA ASP B 304 -6.08 -8.55 -21.01
C ASP B 304 -6.39 -8.62 -22.52
N ALA B 305 -7.50 -8.00 -22.91
CA ALA B 305 -7.92 -7.98 -24.32
C ALA B 305 -6.88 -7.26 -25.20
N LEU B 306 -6.31 -6.18 -24.71
CA LEU B 306 -5.28 -5.43 -25.46
C LEU B 306 -3.97 -6.20 -25.67
N LYS B 307 -3.47 -6.84 -24.62
CA LYS B 307 -2.35 -7.78 -24.76
C LYS B 307 -2.62 -8.88 -25.82
N ALA B 308 -3.84 -9.41 -25.89
CA ALA B 308 -4.19 -10.42 -26.89
C ALA B 308 -4.14 -9.87 -28.33
N GLN B 309 -4.55 -8.61 -28.53
CA GLN B 309 -4.53 -7.97 -29.85
C GLN B 309 -3.17 -7.36 -30.26
N TYR B 310 -2.18 -7.33 -29.35
CA TYR B 310 -0.89 -6.69 -29.62
C TYR B 310 0.32 -7.59 -29.41
N PRO C 3 6.77 16.63 42.20
CA PRO C 3 6.80 16.28 40.78
C PRO C 3 5.41 15.93 40.26
N VAL C 4 4.91 16.75 39.36
CA VAL C 4 3.58 16.55 38.84
C VAL C 4 3.63 16.48 37.32
N THR C 5 2.61 15.85 36.79
CA THR C 5 2.39 15.80 35.36
C THR C 5 1.03 16.40 35.11
N LEU C 6 0.96 17.33 34.18
CA LEU C 6 -0.28 17.98 33.86
C LEU C 6 -0.73 17.50 32.48
N ASN C 7 -2.03 17.25 32.35
CA ASN C 7 -2.67 16.99 31.06
C ASN C 7 -3.10 18.26 30.29
N TYR C 8 -2.65 18.36 29.05
CA TYR C 8 -2.90 19.54 28.26
C TYR C 8 -3.66 19.11 27.05
N ALA C 9 -4.96 19.44 27.03
CA ALA C 9 -5.84 19.16 25.90
C ALA C 9 -5.83 20.27 24.85
N ASN C 10 -5.73 19.86 23.60
CA ASN C 10 -5.94 20.73 22.49
C ASN C 10 -6.80 20.09 21.45
N PHE C 11 -7.33 20.91 20.53
CA PHE C 11 -8.36 20.45 19.61
C PHE C 11 -7.91 20.20 18.14
N PRO C 12 -7.02 21.05 17.58
CA PRO C 12 -6.66 20.88 16.17
C PRO C 12 -5.49 19.90 16.02
N PRO C 13 -5.08 19.62 14.77
CA PRO C 13 -3.99 18.67 14.56
C PRO C 13 -2.67 19.21 14.99
N ALA C 14 -1.71 18.30 15.19
CA ALA C 14 -0.44 18.60 15.86
C ALA C 14 0.45 19.62 15.13
N SER C 15 0.27 19.70 13.82
CA SER C 15 1.08 20.55 12.94
C SER C 15 0.63 22.02 12.91
N THR C 16 -0.58 22.29 13.40
CA THR C 16 -1.13 23.64 13.43
C THR C 16 -0.65 24.44 14.66
N PHE C 17 -0.80 25.73 14.56
CA PHE C 17 -0.11 26.61 15.47
C PHE C 17 -0.62 26.52 16.90
N PRO C 18 -1.91 26.25 17.12
CA PRO C 18 -2.25 26.14 18.53
C PRO C 18 -1.57 24.95 19.22
N CYS C 19 -1.31 23.86 18.49
CA CYS C 19 -0.52 22.74 19.03
C CYS C 19 1.00 22.95 19.06
N ILE C 20 1.52 23.65 18.05
CA ILE C 20 2.94 24.01 18.06
C ILE C 20 3.24 24.85 19.29
N GLN C 21 2.37 25.79 19.61
CA GLN C 21 2.68 26.68 20.73
C GLN C 21 2.56 25.94 22.04
N MSE C 22 1.65 24.99 22.09
CA MSE C 22 1.51 24.15 23.28
C MSE C 22 2.80 23.34 23.59
O MSE C 22 3.20 23.21 24.72
CB MSE C 22 0.32 23.21 23.08
CG MSE C 22 0.32 21.97 23.96
SE MSE C 22 -1.21 20.72 23.53
CE MSE C 22 -0.46 19.95 21.82
H MSE C 22 1.10 24.81 21.46
HA MSE C 22 1.31 24.73 24.05
HB2 MSE C 22 -0.50 23.71 23.27
HB3 MSE C 22 0.31 22.92 22.15
HG2 MSE C 22 1.15 21.48 23.83
HG3 MSE C 22 0.23 22.23 24.89
HE1 MSE C 22 -1.09 19.32 21.46
HE2 MSE C 22 -0.32 20.66 21.19
HE3 MSE C 22 0.37 19.53 22.01
N GLU C 23 3.38 22.75 22.56
CA GLU C 23 4.62 22.00 22.72
C GLU C 23 5.79 22.92 23.13
N GLN C 24 5.84 24.13 22.57
CA GLN C 24 6.82 25.07 22.96
C GLN C 24 6.60 25.48 24.40
N TRP C 25 5.33 25.66 24.80
CA TRP C 25 5.01 26.07 26.16
C TRP C 25 5.46 24.95 27.18
N ALA C 26 5.02 23.73 26.91
CA ALA C 26 5.45 22.55 27.66
C ALA C 26 6.99 22.41 27.71
N HIS C 27 7.68 22.61 26.59
CA HIS C 27 9.13 22.62 26.60
C HIS C 27 9.73 23.63 27.61
N GLU C 28 9.16 24.83 27.66
CA GLU C 28 9.66 25.87 28.58
C GLU C 28 9.36 25.52 30.04
N VAL C 29 8.20 24.94 30.31
CA VAL C 29 7.83 24.58 31.67
C VAL C 29 8.77 23.51 32.21
N ARG C 30 9.07 22.50 31.40
CA ARG C 30 9.98 21.42 31.80
C ARG C 30 11.38 21.96 32.04
N THR C 31 11.82 22.86 31.19
CA THR C 31 13.14 23.47 31.32
C THR C 31 13.24 24.31 32.59
N ARG C 32 12.28 25.22 32.76
CA ARG C 32 12.32 26.20 33.87
C ARG C 32 12.00 25.62 35.23
N THR C 33 11.27 24.50 35.29
CA THR C 33 10.98 23.84 36.55
C THR C 33 11.96 22.69 36.75
N ARG C 34 12.99 22.60 35.90
CA ARG C 34 14.06 21.61 36.11
C ARG C 34 13.54 20.17 36.15
N GLY C 35 12.55 19.87 35.32
CA GLY C 35 11.98 18.54 35.24
C GLY C 35 10.91 18.21 36.25
N LYS C 36 10.59 19.10 37.20
CA LYS C 36 9.61 18.73 38.24
C LYS C 36 8.16 18.93 37.82
N VAL C 37 7.93 19.71 36.78
CA VAL C 37 6.62 19.73 36.14
C VAL C 37 6.77 19.14 34.74
N ASP C 38 6.00 18.10 34.44
CA ASP C 38 5.89 17.62 33.07
C ASP C 38 4.48 17.82 32.56
N VAL C 39 4.36 17.79 31.26
CA VAL C 39 3.10 18.08 30.60
C VAL C 39 2.93 16.98 29.58
N LEU C 40 1.79 16.30 29.63
CA LEU C 40 1.46 15.32 28.61
C LEU C 40 0.41 15.96 27.69
N THR C 41 0.68 15.96 26.38
CA THR C 41 -0.13 16.71 25.44
C THR C 41 -1.08 15.77 24.66
N TYR C 42 -2.31 16.25 24.41
CA TYR C 42 -3.31 15.52 23.61
C TYR C 42 -3.80 16.39 22.46
N PRO C 43 -3.02 16.45 21.38
CA PRO C 43 -3.52 17.25 20.27
C PRO C 43 -4.72 16.58 19.65
N GLY C 44 -5.39 17.29 18.74
CA GLY C 44 -6.32 16.66 17.79
C GLY C 44 -7.63 16.22 18.38
N GLY C 45 -7.91 16.67 19.59
CA GLY C 45 -9.20 16.45 20.19
C GLY C 45 -9.35 15.06 20.76
N THR C 46 -8.25 14.44 21.16
CA THR C 46 -8.29 13.07 21.71
C THR C 46 -8.65 13.03 23.19
N LEU C 47 -8.55 14.17 23.87
CA LEU C 47 -8.94 14.24 25.27
C LEU C 47 -10.18 15.13 25.40
N LEU C 48 -10.07 16.36 24.92
CA LEU C 48 -11.19 17.28 24.80
C LEU C 48 -11.16 17.86 23.40
N GLY C 49 -12.36 18.09 22.86
CA GLY C 49 -12.51 18.76 21.57
C GLY C 49 -12.80 20.25 21.66
N ALA C 50 -12.99 20.85 20.49
CA ALA C 50 -13.23 22.28 20.36
C ALA C 50 -14.29 22.85 21.29
N ARG C 51 -15.43 22.16 21.39
CA ARG C 51 -16.63 22.73 22.02
C ARG C 51 -16.88 22.33 23.48
N ASN C 52 -16.35 21.18 23.89
CA ASN C 52 -16.42 20.82 25.29
C ASN C 52 -15.10 21.14 26.04
N MSE C 53 -14.23 21.91 25.39
CA MSE C 53 -12.92 22.24 25.97
C MSE C 53 -12.99 23.00 27.31
O MSE C 53 -12.35 22.60 28.28
CB MSE C 53 -12.11 23.02 24.95
CG MSE C 53 -10.78 23.43 25.44
SE MSE C 53 -9.46 21.97 25.60
CE MSE C 53 -9.19 21.44 23.71
H MSE C 53 -14.38 22.26 24.62
HA MSE C 53 -12.45 21.39 26.13
HB2 MSE C 53 -11.98 22.46 24.17
HB3 MSE C 53 -12.59 23.82 24.72
HG2 MSE C 53 -10.42 24.08 24.82
HG3 MSE C 53 -10.88 23.83 26.32
HE1 MSE C 53 -8.56 20.72 23.66
HE2 MSE C 53 -10.04 21.16 23.35
HE3 MSE C 53 -8.87 22.20 23.22
N LEU C 54 -13.77 24.08 27.33
CA LEU C 54 -14.01 24.90 28.52
C LEU C 54 -14.64 24.10 29.68
N ARG C 55 -15.80 23.49 29.45
CA ARG C 55 -16.42 22.64 30.47
C ARG C 55 -15.41 21.63 31.03
N GLY C 56 -14.72 20.96 30.12
CA GLY C 56 -13.84 19.86 30.44
C GLY C 56 -12.65 20.23 31.32
N VAL C 57 -12.07 21.40 31.06
CA VAL C 57 -11.04 21.96 31.92
C VAL C 57 -11.62 22.33 33.31
N MSE C 58 -12.76 23.01 33.33
CA MSE C 58 -13.40 23.36 34.59
C MSE C 58 -13.78 22.13 35.45
O MSE C 58 -13.76 22.21 36.67
CB MSE C 58 -14.65 24.20 34.34
CG MSE C 58 -14.36 25.60 33.74
SE MSE C 58 -16.02 26.65 33.63
CE MSE C 58 -15.32 28.40 33.04
H MSE C 58 -13.18 23.28 32.64
HA MSE C 58 -12.77 23.91 35.11
HB2 MSE C 58 -15.22 23.73 33.73
HB3 MSE C 58 -15.10 24.34 35.18
HG2 MSE C 58 -13.73 26.07 34.30
HG3 MSE C 58 -14.01 25.50 32.84
HE1 MSE C 58 -16.05 29.01 32.95
HE2 MSE C 58 -14.70 28.72 33.70
HE3 MSE C 58 -14.88 28.29 32.20
N SER C 59 -14.12 21.01 34.82
CA SER C 59 -14.49 19.80 35.56
C SER C 59 -13.29 18.92 35.91
N GLY C 60 -12.15 19.20 35.27
CA GLY C 60 -10.91 18.47 35.53
C GLY C 60 -10.61 17.28 34.64
N GLN C 61 -11.41 17.03 33.58
CA GLN C 61 -11.07 16.00 32.60
C GLN C 61 -9.70 16.31 31.98
N ALA C 62 -9.28 17.56 32.08
CA ALA C 62 -7.92 17.94 31.72
C ALA C 62 -7.50 19.08 32.62
N ASP C 63 -6.22 19.18 32.90
CA ASP C 63 -5.70 20.26 33.72
C ASP C 63 -5.59 21.52 32.92
N ILE C 64 -5.19 21.39 31.65
CA ILE C 64 -4.92 22.56 30.86
C ILE C 64 -5.58 22.38 29.51
N GLY C 65 -6.06 23.48 28.94
CA GLY C 65 -6.69 23.42 27.65
C GLY C 65 -6.50 24.73 26.91
N CYS C 66 -6.82 24.70 25.64
CA CYS C 66 -6.64 25.87 24.81
C CYS C 66 -7.96 26.11 24.17
N ILE C 67 -8.58 27.28 24.45
CA ILE C 67 -9.84 27.66 23.81
C ILE C 67 -9.68 28.77 22.76
N SER C 68 -10.42 28.62 21.66
CA SER C 68 -10.69 29.71 20.75
C SER C 68 -11.96 30.44 21.23
N LEU C 69 -11.78 31.68 21.73
CA LEU C 69 -12.87 32.49 22.30
C LEU C 69 -14.04 32.66 21.34
N ALA C 70 -13.76 32.85 20.06
CA ALA C 70 -14.79 32.92 19.04
C ALA C 70 -15.77 31.72 19.00
N TYR C 71 -15.47 30.59 19.63
CA TYR C 71 -16.39 29.46 19.59
C TYR C 71 -17.42 29.49 20.70
N HIS C 72 -17.35 30.53 21.53
CA HIS C 72 -18.20 30.65 22.72
C HIS C 72 -18.91 31.97 22.72
N PRO C 73 -19.88 32.11 21.83
CA PRO C 73 -20.69 33.33 21.73
C PRO C 73 -21.31 33.73 23.05
N GLY C 74 -21.13 35.01 23.40
CA GLY C 74 -21.79 35.58 24.57
C GLY C 74 -21.04 35.38 25.89
N VAL C 75 -20.15 34.39 25.94
CA VAL C 75 -19.49 33.99 27.19
C VAL C 75 -18.38 34.96 27.61
N PHE C 76 -17.72 35.57 26.61
CA PHE C 76 -16.61 36.49 26.84
C PHE C 76 -16.91 37.88 26.27
N PRO C 77 -17.76 38.67 26.95
CA PRO C 77 -18.19 39.99 26.47
C PRO C 77 -17.07 41.01 26.28
N VAL C 78 -16.09 41.03 27.19
CA VAL C 78 -15.02 42.03 27.14
C VAL C 78 -13.94 41.61 26.15
N MSE C 79 -13.41 40.40 26.35
CA MSE C 79 -12.32 39.86 25.55
C MSE C 79 -12.70 39.56 24.11
O MSE C 79 -11.84 39.51 23.23
CB MSE C 79 -11.72 38.61 26.21
CG MSE C 79 -11.24 38.84 27.67
SE MSE C 79 -9.91 40.33 27.87
CE MSE C 79 -8.55 39.63 26.65
H MSE C 79 -13.68 39.86 26.97
HA MSE C 79 -11.61 40.53 25.53
HB2 MSE C 79 -12.40 37.91 26.23
HB3 MSE C 79 -10.96 38.31 25.69
HG2 MSE C 79 -12.01 39.05 28.22
HG3 MSE C 79 -10.82 38.03 27.99
HE1 MSE C 79 -7.81 40.24 26.63
HE2 MSE C 79 -8.26 38.77 26.98
HE3 MSE C 79 -8.94 39.54 25.78
N SER C 80 -13.98 39.41 23.83
CA SER C 80 -14.44 39.30 22.45
C SER C 80 -14.20 40.61 21.65
N VAL C 81 -13.83 41.70 22.32
CA VAL C 81 -13.35 42.91 21.62
C VAL C 81 -12.27 42.53 20.60
N PHE C 82 -11.52 41.49 20.90
CA PHE C 82 -10.45 41.04 20.01
C PHE C 82 -10.89 40.27 18.80
N GLU C 83 -12.19 40.01 18.67
CA GLU C 83 -12.75 39.49 17.42
C GLU C 83 -13.20 40.65 16.47
N LEU C 84 -13.11 41.92 16.89
CA LEU C 84 -13.36 43.06 15.99
C LEU C 84 -12.16 43.34 15.09
N PRO C 85 -12.41 43.98 13.95
CA PRO C 85 -11.37 44.49 13.05
C PRO C 85 -10.64 45.68 13.67
N LEU C 86 -9.57 45.39 14.38
CA LEU C 86 -8.88 46.34 15.21
C LEU C 86 -7.62 46.89 14.51
N GLY C 87 -7.38 46.41 13.28
CA GLY C 87 -6.29 46.93 12.47
C GLY C 87 -4.95 46.28 12.73
N PHE C 88 -4.90 45.13 13.41
CA PHE C 88 -3.65 44.42 13.62
C PHE C 88 -3.27 43.78 12.31
N THR C 89 -2.00 43.96 11.97
CA THR C 89 -1.40 43.50 10.73
C THR C 89 -0.45 42.35 11.07
N SER C 90 -0.30 42.06 12.36
CA SER C 90 0.68 41.03 12.78
C SER C 90 0.19 40.28 14.03
N ALA C 91 0.38 38.96 14.04
CA ALA C 91 -0.05 38.14 15.15
C ALA C 91 0.85 38.39 16.34
N GLU C 92 2.07 38.85 16.12
CA GLU C 92 2.93 39.12 17.27
C GLU C 92 2.39 40.25 18.15
N ALA C 93 2.12 41.39 17.53
CA ALA C 93 1.57 42.54 18.20
C ALA C 93 0.19 42.20 18.78
N ALA C 94 -0.63 41.53 17.99
CA ALA C 94 -1.96 41.23 18.46
C ALA C 94 -1.90 40.36 19.73
N SER C 95 -1.02 39.36 19.74
CA SER C 95 -0.91 38.42 20.86
C SER C 95 -0.43 39.15 22.09
N SER C 96 0.56 40.01 21.90
CA SER C 96 1.09 40.78 23.02
C SER C 96 0.04 41.73 23.57
N VAL C 97 -0.71 42.39 22.68
CA VAL C 97 -1.72 43.32 23.16
C VAL C 97 -2.89 42.62 23.88
N LEU C 98 -3.35 41.47 23.35
CA LEU C 98 -4.35 40.62 24.00
C LEU C 98 -3.96 40.30 25.46
N TRP C 99 -2.73 39.86 25.67
CA TRP C 99 -2.32 39.44 26.98
C TRP C 99 -2.16 40.61 27.93
N GLU C 100 -1.58 41.74 27.46
CA GLU C 100 -1.51 42.95 28.31
C GLU C 100 -2.91 43.44 28.67
N LEU C 101 -3.85 43.37 27.73
CA LEU C 101 -5.21 43.81 28.00
C LEU C 101 -5.86 42.91 29.03
N TYR C 102 -5.66 41.59 28.89
CA TYR C 102 -6.17 40.69 29.91
C TYR C 102 -5.47 40.93 31.26
N SER C 103 -4.15 41.06 31.26
CA SER C 103 -3.38 41.12 32.51
C SER C 103 -3.81 42.33 33.32
N GLY C 104 -4.02 43.45 32.66
CA GLY C 104 -4.44 44.66 33.37
C GLY C 104 -5.92 44.86 33.67
N LEU C 105 -6.82 43.99 33.19
CA LEU C 105 -8.27 44.12 33.42
C LEU C 105 -8.87 43.02 34.28
N ARG C 106 -8.41 41.77 34.07
CA ARG C 106 -8.90 40.56 34.78
C ARG C 106 -10.43 40.51 34.93
N PRO C 107 -11.14 40.48 33.79
CA PRO C 107 -12.60 40.59 33.78
C PRO C 107 -13.28 39.32 34.29
N ALA C 108 -14.38 39.46 35.01
CA ALA C 108 -15.05 38.33 35.67
C ALA C 108 -15.36 37.14 34.75
N GLU C 109 -15.52 37.37 33.46
CA GLU C 109 -15.88 36.30 32.54
C GLU C 109 -14.91 35.11 32.53
N LEU C 110 -13.70 35.31 33.06
CA LEU C 110 -12.68 34.28 33.05
C LEU C 110 -12.18 33.91 34.44
N GLU C 111 -12.97 34.19 35.47
CA GLU C 111 -12.51 33.92 36.84
C GLU C 111 -12.68 32.45 37.25
N ARG C 112 -13.38 31.68 36.43
CA ARG C 112 -13.72 30.29 36.78
C ARG C 112 -12.55 29.37 36.42
N VAL C 113 -11.64 29.88 35.61
CA VAL C 113 -10.41 29.18 35.30
C VAL C 113 -9.25 30.10 35.60
N LYS C 114 -8.08 29.51 35.65
CA LYS C 114 -6.87 30.29 35.71
C LYS C 114 -6.39 30.46 34.25
N VAL C 115 -6.11 31.69 33.88
CA VAL C 115 -5.63 31.94 32.51
C VAL C 115 -4.07 31.94 32.53
N LEU C 116 -3.45 31.10 31.73
CA LEU C 116 -2.00 30.91 31.75
C LEU C 116 -1.29 31.76 30.71
N THR C 117 -1.91 31.90 29.54
CA THR C 117 -1.43 32.85 28.55
C THR C 117 -2.50 33.02 27.49
N MSE C 118 -2.30 33.95 26.57
CA MSE C 118 -3.24 34.17 25.50
C MSE C 118 -2.47 34.49 24.25
O MSE C 118 -1.31 34.89 24.34
CB MSE C 118 -4.21 35.31 25.81
CG MSE C 118 -5.19 34.98 26.93
SE MSE C 118 -6.49 36.43 27.29
CE MSE C 118 -7.90 36.04 25.96
H MSE C 118 -1.61 34.47 26.55
HA MSE C 118 -3.76 33.36 25.35
HB2 MSE C 118 -3.70 36.08 26.09
HB3 MSE C 118 -4.72 35.51 25.02
HG2 MSE C 118 -5.70 34.18 26.67
HG3 MSE C 118 -4.70 34.81 27.74
HE1 MSE C 118 -8.60 36.68 26.04
HE2 MSE C 118 -7.51 36.08 25.08
HE3 MSE C 118 -8.24 35.15 26.12
N PHE C 119 -3.09 34.28 23.10
CA PHE C 119 -2.45 34.56 21.82
C PHE C 119 -3.49 34.74 20.74
N THR C 120 -3.11 35.20 19.57
CA THR C 120 -4.11 35.31 18.50
C THR C 120 -3.59 34.69 17.23
N SER C 121 -4.50 34.36 16.33
CA SER C 121 -4.09 34.02 14.97
C SER C 121 -3.48 35.25 14.27
N ALA C 122 -3.08 35.06 13.03
CA ALA C 122 -2.73 36.15 12.16
C ALA C 122 -4.01 36.75 11.54
N PRO C 123 -3.88 37.90 10.85
CA PRO C 123 -5.03 38.56 10.24
C PRO C 123 -5.73 37.61 9.28
N SER C 124 -7.04 37.75 9.22
CA SER C 124 -7.90 36.89 8.42
C SER C 124 -7.95 37.31 6.94
N HIS C 125 -7.97 36.30 6.07
CA HIS C 125 -8.09 36.52 4.64
C HIS C 125 -9.13 35.54 4.09
N PHE C 126 -9.51 35.70 2.83
CA PHE C 126 -10.44 34.78 2.22
C PHE C 126 -9.66 33.67 1.55
N MSE C 127 -10.11 32.44 1.75
CA MSE C 127 -9.60 31.32 1.00
C MSE C 127 -10.79 30.61 0.43
O MSE C 127 -11.69 30.23 1.18
CB MSE C 127 -8.80 30.39 1.92
CG MSE C 127 -7.54 30.99 2.48
SE MSE C 127 -6.81 29.93 3.97
CE MSE C 127 -8.32 29.97 5.19
H MSE C 127 -10.72 32.24 2.32
HA MSE C 127 -9.00 31.63 0.29
HB2 MSE C 127 -9.37 30.13 2.67
HB3 MSE C 127 -8.55 29.60 1.42
HG2 MSE C 127 -6.86 31.04 1.78
HG3 MSE C 127 -7.73 31.88 2.81
HE1 MSE C 127 -8.10 29.47 5.98
HE2 MSE C 127 -8.51 30.88 5.42
HE3 MSE C 127 -9.08 29.57 4.76
N THR C 128 -10.81 30.45 -0.88
CA THR C 128 -12.02 29.97 -1.58
C THR C 128 -11.71 29.00 -2.72
N VAL C 129 -12.71 28.24 -3.13
CA VAL C 129 -12.55 27.32 -4.25
C VAL C 129 -12.49 28.09 -5.58
N THR C 130 -13.45 29.00 -5.79
CA THR C 130 -13.44 29.89 -6.95
C THR C 130 -12.85 31.26 -6.58
N PRO C 131 -12.21 31.95 -7.55
CA PRO C 131 -11.55 33.23 -7.28
C PRO C 131 -12.50 34.37 -6.92
N VAL C 132 -12.04 35.23 -6.02
CA VAL C 132 -12.81 36.38 -5.56
C VAL C 132 -11.94 37.62 -5.71
N ARG C 133 -12.23 38.40 -6.76
CA ARG C 133 -11.46 39.59 -7.11
C ARG C 133 -12.22 40.86 -6.81
N SER C 134 -13.43 40.71 -6.27
CA SER C 134 -14.29 41.85 -6.01
C SER C 134 -15.20 41.55 -4.83
N LEU C 135 -15.77 42.58 -4.24
CA LEU C 135 -16.69 42.42 -3.12
C LEU C 135 -18.05 41.83 -3.53
N ARG C 136 -18.46 42.05 -4.79
CA ARG C 136 -19.72 41.50 -5.29
C ARG C 136 -19.66 39.98 -5.46
N ASP C 137 -18.48 39.45 -5.82
CA ASP C 137 -18.28 38.01 -5.93
C ASP C 137 -18.61 37.33 -4.62
N LEU C 138 -18.43 38.06 -3.52
CA LEU C 138 -18.59 37.51 -2.19
C LEU C 138 -20.05 37.33 -1.82
N GLN C 139 -20.94 38.12 -2.45
CA GLN C 139 -22.34 38.17 -2.04
C GLN C 139 -23.03 36.82 -2.27
N GLY C 140 -23.78 36.38 -1.26
CA GLY C 140 -24.52 35.12 -1.33
C GLY C 140 -23.63 33.88 -1.25
N MSE C 141 -22.35 34.10 -0.98
CA MSE C 141 -21.36 33.02 -0.93
C MSE C 141 -21.24 32.48 0.50
O MSE C 141 -21.24 33.23 1.48
CB MSE C 141 -20.00 33.56 -1.42
CG MSE C 141 -18.87 32.52 -1.47
SE MSE C 141 -17.29 33.08 -2.52
CE MSE C 141 -18.18 33.32 -4.27
H MSE C 141 -22.01 34.88 -0.82
HA MSE C 141 -21.64 32.30 -1.52
HB2 MSE C 141 -20.12 33.89 -2.32
HB3 MSE C 141 -19.72 34.27 -0.83
HG2 MSE C 141 -18.57 32.36 -0.56
HG3 MSE C 141 -19.20 31.70 -1.85
HE1 MSE C 141 -17.53 33.60 -4.92
HE2 MSE C 141 -18.57 32.48 -4.53
HE3 MSE C 141 -18.86 33.98 -4.18
N GLU C 142 -21.15 31.15 0.61
CA GLU C 142 -21.08 30.49 1.90
C GLU C 142 -19.62 30.37 2.36
N ILE C 143 -19.30 31.09 3.44
CA ILE C 143 -17.94 31.13 3.99
C ILE C 143 -18.03 30.76 5.47
N ARG C 144 -17.08 29.97 5.97
CA ARG C 144 -17.10 29.71 7.41
C ARG C 144 -16.34 30.77 8.18
N GLY C 145 -16.86 31.01 9.37
CA GLY C 145 -16.20 31.84 10.34
C GLY C 145 -16.59 31.25 11.68
N ALA C 146 -16.37 32.04 12.71
CA ALA C 146 -16.80 31.69 14.04
C ALA C 146 -16.96 33.01 14.71
N GLY C 147 -17.97 33.09 15.58
CA GLY C 147 -18.23 34.24 16.44
C GLY C 147 -18.48 35.54 15.73
N THR C 148 -17.74 36.54 16.13
CA THR C 148 -17.88 37.86 15.57
C THR C 148 -17.28 37.90 14.18
N LEU C 149 -16.39 36.96 13.89
CA LEU C 149 -15.83 36.90 12.55
C LEU C 149 -16.87 36.43 11.54
N SER C 150 -17.89 35.72 12.03
CA SER C 150 -19.06 35.41 11.20
C SER C 150 -19.94 36.64 11.00
N ALA C 151 -20.17 37.41 12.06
CA ALA C 151 -20.92 38.67 11.95
C ALA C 151 -20.25 39.62 10.94
N ILE C 152 -18.93 39.60 10.89
CA ILE C 152 -18.23 40.34 9.85
C ILE C 152 -18.61 39.85 8.45
N LEU C 153 -18.54 38.55 8.22
CA LEU C 153 -18.88 37.99 6.93
C LEU C 153 -20.29 38.42 6.52
N GLU C 154 -21.25 38.33 7.44
CA GLU C 154 -22.64 38.73 7.16
C GLU C 154 -22.71 40.19 6.74
N LYS C 155 -22.11 41.06 7.55
CA LYS C 155 -22.11 42.47 7.26
C LYS C 155 -21.58 42.75 5.85
N LEU C 156 -20.76 41.87 5.29
CA LEU C 156 -20.15 42.09 3.97
C LEU C 156 -20.98 41.56 2.82
N GLY C 157 -21.91 40.68 3.14
CA GLY C 157 -22.90 40.21 2.18
C GLY C 157 -22.80 38.71 2.01
N ALA C 158 -21.68 38.13 2.45
CA ALA C 158 -21.52 36.69 2.37
C ALA C 158 -22.54 36.00 3.28
N THR C 159 -22.75 34.70 3.09
CA THR C 159 -23.66 33.98 3.97
C THR C 159 -22.78 33.11 4.87
N PRO C 160 -22.73 33.43 6.17
CA PRO C 160 -21.73 32.78 7.01
C PRO C 160 -22.16 31.39 7.47
N VAL C 161 -21.22 30.46 7.59
CA VAL C 161 -21.48 29.23 8.34
C VAL C 161 -20.52 29.19 9.53
N SER C 162 -21.06 29.07 10.73
CA SER C 162 -20.20 28.99 11.90
C SER C 162 -19.79 27.54 12.21
N MSE C 163 -18.51 27.31 12.38
CA MSE C 163 -18.03 26.01 12.83
C MSE C 163 -16.58 26.05 13.28
O MSE C 163 -15.76 26.81 12.74
CB MSE C 163 -18.20 24.96 11.73
CG MSE C 163 -17.59 25.36 10.40
SE MSE C 163 -17.73 23.91 9.08
CE MSE C 163 -17.32 24.89 7.46
H MSE C 163 -17.88 27.89 12.24
HA MSE C 163 -18.58 25.72 13.59
HB2 MSE C 163 -17.78 24.13 12.02
HB3 MSE C 163 -19.15 24.81 11.59
HG2 MSE C 163 -18.07 26.13 10.06
HG3 MSE C 163 -16.65 25.56 10.53
HE1 MSE C 163 -17.34 24.29 6.71
HE2 MSE C 163 -17.97 25.58 7.34
HE3 MSE C 163 -16.44 25.27 7.54
N PRO C 164 -16.25 25.23 14.28
CA PRO C 164 -14.85 25.08 14.70
C PRO C 164 -13.96 24.54 13.57
N MSE C 165 -12.67 24.89 13.66
CA MSE C 165 -11.70 24.57 12.60
C MSE C 165 -11.62 23.10 12.18
O MSE C 165 -11.49 22.81 10.99
CB MSE C 165 -10.30 25.04 13.01
CG MSE C 165 -9.26 24.84 11.87
SE MSE C 165 -9.63 25.91 10.22
CE MSE C 165 -8.98 27.60 10.89
H MSE C 165 -12.34 25.31 14.33
HA MSE C 165 -11.95 25.09 11.81
HB2 MSE C 165 -10.32 25.99 13.23
HB3 MSE C 165 -9.99 24.52 13.77
HG2 MSE C 165 -8.39 25.11 12.20
HG3 MSE C 165 -9.26 23.91 11.62
HE1 MSE C 165 -9.08 28.26 10.21
HE2 MSE C 165 -9.49 27.84 11.67
HE3 MSE C 165 -8.06 27.51 11.13
N PRO C 166 -11.64 22.18 13.14
CA PRO C 166 -11.40 20.78 12.70
C PRO C 166 -12.53 20.22 11.82
N GLU C 167 -13.70 20.85 11.83
CA GLU C 167 -14.83 20.42 11.03
C GLU C 167 -14.86 21.06 9.62
N VAL C 168 -13.89 21.90 9.32
CA VAL C 168 -13.99 22.71 8.12
C VAL C 168 -13.61 21.94 6.82
N PRO C 169 -12.57 21.09 6.88
CA PRO C 169 -12.22 20.32 5.67
C PRO C 169 -13.37 19.46 5.13
N GLU C 170 -14.02 18.70 6.00
CA GLU C 170 -15.14 17.87 5.61
C GLU C 170 -16.21 18.74 4.96
N ALA C 171 -16.37 19.97 5.42
CA ALA C 171 -17.42 20.83 4.91
C ALA C 171 -17.01 21.48 3.59
N VAL C 172 -15.72 21.52 3.31
CA VAL C 172 -15.24 22.04 2.02
C VAL C 172 -15.38 20.98 0.92
N GLN C 173 -15.12 19.72 1.27
CA GLN C 173 -15.17 18.60 0.33
C GLN C 173 -16.61 18.26 -0.03
N LYS C 174 -17.50 18.39 0.94
CA LYS C 174 -18.92 18.10 0.71
C LYS C 174 -19.67 19.27 0.03
N GLY C 175 -19.18 20.48 0.20
CA GLY C 175 -19.78 21.64 -0.45
C GLY C 175 -20.80 22.38 0.40
N ILE C 176 -20.64 22.32 1.73
CA ILE C 176 -21.46 23.09 2.66
C ILE C 176 -20.99 24.53 2.68
N ILE C 177 -19.70 24.72 2.36
CA ILE C 177 -19.11 26.05 2.27
C ILE C 177 -18.25 26.11 1.02
N LYS C 178 -17.99 27.33 0.55
CA LYS C 178 -17.21 27.54 -0.67
C LYS C 178 -15.78 27.92 -0.35
N GLY C 179 -15.55 28.33 0.89
CA GLY C 179 -14.23 28.74 1.36
C GLY C 179 -14.26 29.20 2.80
N LEU C 180 -13.19 29.76 3.27
CA LEU C 180 -13.10 30.12 4.69
C LEU C 180 -12.38 31.43 4.93
N PHE C 181 -12.62 32.00 6.11
CA PHE C 181 -12.17 33.33 6.47
C PHE C 181 -11.31 33.25 7.72
N THR C 182 -10.00 33.17 7.53
CA THR C 182 -9.07 33.02 8.65
C THR C 182 -7.63 33.23 8.18
N SER C 183 -6.64 32.85 9.00
CA SER C 183 -5.24 33.13 8.65
C SER C 183 -4.70 32.07 7.69
N LEU C 184 -3.60 32.39 7.01
CA LEU C 184 -3.16 31.57 5.89
C LEU C 184 -2.32 30.34 6.27
N ASP C 185 -1.93 30.24 7.53
CA ASP C 185 -1.12 29.12 7.97
C ASP C 185 -1.79 27.79 7.57
N VAL C 186 -3.12 27.76 7.61
CA VAL C 186 -3.85 26.52 7.38
C VAL C 186 -3.81 26.01 5.93
N MSE C 187 -3.36 26.82 4.99
CA MSE C 187 -3.20 26.38 3.61
C MSE C 187 -2.19 25.25 3.55
O MSE C 187 -2.31 24.37 2.69
CB MSE C 187 -2.73 27.54 2.76
CG MSE C 187 -3.76 28.64 2.71
SE MSE C 187 -5.09 28.31 1.31
CE MSE C 187 -3.99 28.70 -0.27
H MSE C 187 -3.12 27.64 5.13
HA MSE C 187 -4.06 26.07 3.27
HB2 MSE C 187 -1.92 27.91 3.14
HB3 MSE C 187 -2.57 27.22 1.86
HG2 MSE C 187 -4.22 28.68 3.56
HG3 MSE C 187 -3.33 29.48 2.52
HE1 MSE C 187 -4.52 28.59 -1.06
HE2 MSE C 187 -3.67 29.62 -0.21
HE3 MSE C 187 -3.24 28.11 -0.28
N LYS C 188 -1.21 25.28 4.44
CA LYS C 188 -0.23 24.20 4.55
C LYS C 188 -0.54 23.29 5.75
N ASP C 189 -0.71 23.87 6.93
CA ASP C 189 -0.93 23.07 8.12
C ASP C 189 -2.13 22.12 8.02
N MSE C 190 -3.10 22.45 7.18
CA MSE C 190 -4.29 21.61 6.98
C MSE C 190 -4.52 21.23 5.50
O MSE C 190 -5.55 20.65 5.13
CB MSE C 190 -5.52 22.32 7.56
CG MSE C 190 -5.26 22.83 8.96
SE MSE C 190 -6.79 22.82 10.16
CE MSE C 190 -7.10 20.90 10.19
H MSE C 190 -3.10 23.17 6.69
HA MSE C 190 -4.17 20.79 7.49
HB2 MSE C 190 -5.74 23.07 7.00
HB3 MSE C 190 -6.26 21.70 7.59
HG2 MSE C 190 -4.57 22.28 9.37
HG3 MSE C 190 -4.94 23.75 8.90
HE1 MSE C 190 -7.84 20.71 10.76
HE2 MSE C 190 -7.28 20.60 9.30
HE3 MSE C 190 -6.31 20.46 10.53
N ASN C 191 -3.54 21.55 4.67
CA ASN C 191 -3.63 21.22 3.26
C ASN C 191 -4.88 21.79 2.60
N PHE C 192 -5.36 22.93 3.09
CA PHE C 192 -6.43 23.67 2.44
C PHE C 192 -6.00 24.17 1.05
N ALA C 193 -4.70 24.20 0.79
CA ALA C 193 -4.21 24.62 -0.52
C ALA C 193 -4.70 23.65 -1.62
N GLU C 194 -4.90 22.38 -1.26
CA GLU C 194 -5.41 21.38 -2.22
C GLU C 194 -6.93 21.40 -2.31
N MSE C 195 -7.57 22.39 -1.71
CA MSE C 195 -9.03 22.50 -1.74
C MSE C 195 -9.43 23.91 -2.16
O MSE C 195 -10.23 24.10 -3.07
CB MSE C 195 -9.63 22.23 -0.35
CG MSE C 195 -9.23 20.90 0.33
SE MSE C 195 -10.01 20.74 2.15
CE MSE C 195 -8.54 19.88 3.11
H MSE C 195 -7.19 23.03 -1.28
HA MSE C 195 -9.40 21.85 -2.37
HB2 MSE C 195 -9.36 22.94 0.25
HB3 MSE C 195 -10.60 22.23 -0.42
HG2 MSE C 195 -9.56 20.15 -0.21
HG3 MSE C 195 -8.26 20.86 0.41
HE1 MSE C 195 -8.81 19.74 4.03
HE2 MSE C 195 -8.35 19.04 2.70
HE3 MSE C 195 -7.77 20.45 3.07
N THR C 196 -8.87 24.88 -1.47
CA THR C 196 -9.15 26.29 -1.75
C THR C 196 -7.89 26.96 -2.29
N GLY C 197 -7.72 26.90 -3.61
CA GLY C 197 -6.53 27.44 -4.27
C GLY C 197 -6.56 28.93 -4.62
N HIS C 198 -7.59 29.65 -4.20
CA HIS C 198 -7.66 31.11 -4.36
C HIS C 198 -7.65 31.85 -3.04
N VAL C 199 -6.79 32.86 -2.94
CA VAL C 199 -6.70 33.67 -1.73
C VAL C 199 -7.00 35.13 -1.99
N THR C 200 -8.00 35.66 -1.29
CA THR C 200 -8.25 37.11 -1.33
C THR C 200 -7.79 37.80 -0.03
N ARG C 201 -6.90 38.76 -0.20
CA ARG C 201 -6.35 39.53 0.90
C ARG C 201 -7.48 40.42 1.46
N ALA C 202 -7.72 40.34 2.77
CA ALA C 202 -8.72 41.18 3.43
C ALA C 202 -8.17 41.89 4.69
N ASP C 203 -7.03 41.40 5.19
CA ASP C 203 -6.35 41.95 6.39
C ASP C 203 -7.33 42.18 7.54
N GLN C 204 -8.26 41.24 7.68
CA GLN C 204 -9.31 41.36 8.65
C GLN C 204 -8.97 40.90 10.09
N ALA C 205 -9.99 40.84 10.94
CA ALA C 205 -9.85 40.52 12.34
C ALA C 205 -9.06 39.24 12.60
N VAL C 206 -8.50 39.14 13.80
CA VAL C 206 -7.88 37.91 14.26
C VAL C 206 -8.79 37.06 15.18
N TYR C 207 -8.44 35.80 15.36
CA TYR C 207 -9.14 34.91 16.29
C TYR C 207 -8.39 34.89 17.61
N PRO C 208 -9.02 35.30 18.69
CA PRO C 208 -8.23 35.24 19.92
C PRO C 208 -8.31 33.88 20.66
N PHE C 209 -7.23 33.53 21.36
CA PHE C 209 -7.16 32.23 22.06
C PHE C 209 -6.76 32.46 23.52
N ALA C 210 -7.19 31.55 24.36
CA ALA C 210 -6.79 31.53 25.75
C ALA C 210 -6.34 30.12 26.16
N VAL C 211 -5.19 30.06 26.85
CA VAL C 211 -4.70 28.82 27.48
C VAL C 211 -5.13 28.82 28.93
N ILE C 212 -5.97 27.89 29.30
CA ILE C 212 -6.64 28.00 30.59
C ILE C 212 -6.37 26.78 31.41
N MSE C 213 -6.48 26.94 32.70
CA MSE C 213 -6.12 25.86 33.59
C MSE C 213 -7.20 25.69 34.63
O MSE C 213 -7.69 26.66 35.20
CB MSE C 213 -4.78 26.13 34.27
CG MSE C 213 -4.33 24.93 35.10
SE MSE C 213 -2.47 25.03 35.77
CE MSE C 213 -2.30 23.23 36.56
H MSE C 213 -6.75 27.66 33.09
HA MSE C 213 -6.05 25.03 33.08
HB2 MSE C 213 -4.10 26.29 33.58
HB3 MSE C 213 -4.86 26.90 34.85
HG2 MSE C 213 -4.91 24.86 35.88
HG3 MSE C 213 -4.41 24.13 34.57
HE1 MSE C 213 -1.43 23.14 36.93
HE2 MSE C 213 -2.97 23.14 37.26
HE3 MSE C 213 -2.44 22.58 35.88
N ASN C 214 -7.61 24.46 34.82
CA ASN C 214 -8.51 24.12 35.89
C ASN C 214 -7.98 24.74 37.19
N ARG C 215 -8.90 25.37 37.91
CA ARG C 215 -8.57 26.23 39.03
C ARG C 215 -7.99 25.47 40.23
N GLU C 216 -8.60 24.32 40.55
CA GLU C 216 -8.10 23.48 41.62
C GLU C 216 -6.72 22.92 41.25
N ALA C 217 -6.49 22.61 39.99
CA ALA C 217 -5.18 22.11 39.61
C ALA C 217 -4.11 23.21 39.79
N TRP C 218 -4.43 24.45 39.43
CA TRP C 218 -3.52 25.57 39.64
C TRP C 218 -3.08 25.71 41.11
N GLU C 219 -4.05 25.67 42.01
CA GLU C 219 -3.79 25.90 43.43
C GLU C 219 -3.00 24.79 44.12
N ARG C 220 -2.98 23.60 43.52
CA ARG C 220 -2.18 22.50 44.09
C ARG C 220 -0.68 22.69 43.83
N LEU C 221 -0.36 23.55 42.87
CA LEU C 221 1.03 23.81 42.50
C LEU C 221 1.75 24.65 43.55
N SER C 222 3.05 24.46 43.68
CA SER C 222 3.82 25.25 44.63
C SER C 222 3.96 26.67 44.15
N PRO C 223 4.11 27.62 45.09
CA PRO C 223 4.31 29.02 44.70
C PRO C 223 5.44 29.20 43.68
N ASP C 224 6.55 28.49 43.85
CA ASP C 224 7.68 28.59 42.91
C ASP C 224 7.31 28.13 41.50
N VAL C 225 6.52 27.07 41.43
CA VAL C 225 6.03 26.56 40.14
C VAL C 225 5.02 27.54 39.56
N GLN C 226 4.19 28.11 40.41
CA GLN C 226 3.29 29.17 39.98
C GLN C 226 4.03 30.35 39.35
N GLN C 227 5.05 30.84 40.03
CA GLN C 227 5.87 31.94 39.54
C GLN C 227 6.44 31.58 38.17
N VAL C 228 6.93 30.37 38.00
CA VAL C 228 7.46 29.95 36.70
C VAL C 228 6.40 30.04 35.58
N LEU C 229 5.23 29.45 35.80
CA LEU C 229 4.15 29.52 34.81
C LEU C 229 3.74 30.97 34.53
N ASP C 230 3.62 31.78 35.57
CA ASP C 230 3.24 33.18 35.38
C ASP C 230 4.33 34.00 34.69
N GLY C 231 5.60 33.70 34.97
CA GLY C 231 6.71 34.38 34.32
C GLY C 231 6.90 34.03 32.84
N LEU C 232 6.25 32.96 32.40
CA LEU C 232 6.32 32.54 31.00
C LEU C 232 5.24 33.22 30.12
N ALA C 233 4.17 33.65 30.74
CA ALA C 233 2.95 34.08 30.05
C ALA C 233 3.17 35.13 28.93
N ALA C 234 3.82 36.25 29.22
CA ALA C 234 3.99 37.33 28.22
C ALA C 234 4.95 36.96 27.08
N GLU C 235 6.08 36.36 27.46
CA GLU C 235 7.07 35.88 26.51
C GLU C 235 6.40 34.92 25.55
N HIS C 236 5.55 34.06 26.07
CA HIS C 236 5.03 33.01 25.23
C HIS C 236 3.99 33.56 24.25
N ALA C 237 3.22 34.51 24.73
CA ALA C 237 2.23 35.20 23.88
C ALA C 237 2.99 35.78 22.66
N ALA C 238 4.11 36.47 22.92
CA ALA C 238 4.88 37.11 21.87
C ALA C 238 5.52 36.08 20.96
N TRP C 239 6.06 35.03 21.58
CA TRP C 239 6.67 33.91 20.85
C TRP C 239 5.69 33.27 19.90
N THR C 240 4.47 33.07 20.35
CA THR C 240 3.45 32.43 19.51
C THR C 240 3.11 33.29 18.30
N GLY C 241 2.91 34.56 18.54
CA GLY C 241 2.66 35.51 17.47
C GLY C 241 3.81 35.58 16.47
N ARG C 242 5.04 35.66 16.97
CA ARG C 242 6.21 35.73 16.11
C ARG C 242 6.33 34.50 15.25
N TYR C 243 6.12 33.34 15.91
CA TYR C 243 6.20 32.05 15.22
C TYR C 243 5.19 32.08 14.09
N LEU C 244 3.98 32.49 14.42
CA LEU C 244 2.86 32.38 13.51
C LEU C 244 3.02 33.33 12.30
N ASP C 245 3.54 34.53 12.54
CA ASP C 245 3.86 35.48 11.46
C ASP C 245 4.86 34.92 10.43
N ALA C 246 5.98 34.37 10.92
CA ALA C 246 6.96 33.77 10.03
C ALA C 246 6.36 32.57 9.29
N HIS C 247 5.51 31.81 9.98
CA HIS C 247 4.98 30.58 9.41
C HIS C 247 3.93 30.82 8.34
N VAL C 248 3.24 31.95 8.46
CA VAL C 248 2.25 32.33 7.47
C VAL C 248 2.95 32.61 6.14
N GLN C 249 4.08 33.32 6.20
CA GLN C 249 4.88 33.54 5.00
C GLN C 249 5.28 32.20 4.38
N ASP C 250 5.80 31.31 5.22
CA ASP C 250 6.27 30.01 4.74
C ASP C 250 5.13 29.23 4.11
N SER C 251 4.01 29.21 4.81
CA SER C 251 2.85 28.49 4.34
C SER C 251 2.35 28.98 2.97
N MSE C 252 2.38 30.28 2.72
CA MSE C 252 1.98 30.84 1.43
C MSE C 252 2.95 30.49 0.30
O MSE C 252 2.52 30.16 -0.82
CB MSE C 252 1.85 32.36 1.49
CG MSE C 252 0.42 32.84 1.69
SE MSE C 252 -0.97 32.14 0.45
CE MSE C 252 -1.61 30.73 1.59
H MSE C 252 2.64 30.87 3.30
HA MSE C 252 1.10 30.48 1.21
HB2 MSE C 252 2.37 32.69 2.23
HB3 MSE C 252 2.17 32.74 0.66
HG2 MSE C 252 0.14 32.61 2.59
HG3 MSE C 252 0.41 33.81 1.61
HE1 MSE C 252 -2.30 30.25 1.13
HE2 MSE C 252 -0.87 30.13 1.78
HE3 MSE C 252 -1.93 31.12 2.41
N ARG C 253 4.24 30.59 0.59
CA ARG C 253 5.27 30.20 -0.38
C ARG C 253 5.07 28.76 -0.83
N TRP C 254 4.95 27.87 0.16
CA TRP C 254 4.74 26.47 -0.09
C TRP C 254 3.45 26.27 -0.89
N ALA C 255 2.48 27.16 -0.67
CA ALA C 255 1.18 26.99 -1.32
C ALA C 255 1.22 27.35 -2.79
N GLU C 256 1.92 28.45 -3.12
CA GLU C 256 1.85 29.03 -4.45
C GLU C 256 2.62 28.18 -5.44
N GLU C 257 3.62 27.47 -4.96
CA GLU C 257 4.51 26.73 -5.83
C GLU C 257 4.34 25.21 -5.76
N LYS C 258 3.64 24.71 -4.73
CA LYS C 258 3.31 23.28 -4.65
C LYS C 258 1.85 23.05 -5.00
N HIS C 259 1.07 24.13 -5.16
CA HIS C 259 -0.33 23.99 -5.54
C HIS C 259 -0.85 25.12 -6.44
N GLY C 260 0.04 25.98 -6.93
CA GLY C 260 -0.38 27.04 -7.84
C GLY C 260 -1.57 27.83 -7.34
N VAL C 261 -1.48 28.27 -6.09
CA VAL C 261 -2.51 29.09 -5.46
C VAL C 261 -2.46 30.52 -5.99
N GLN C 262 -3.60 31.05 -6.42
CA GLN C 262 -3.65 32.41 -6.95
C GLN C 262 -3.91 33.42 -5.84
N VAL C 263 -3.19 34.53 -5.85
CA VAL C 263 -3.40 35.59 -4.86
C VAL C 263 -4.01 36.84 -5.50
N HIS C 264 -5.18 37.24 -5.02
CA HIS C 264 -5.85 38.43 -5.53
C HIS C 264 -5.98 39.46 -4.43
N THR C 265 -6.00 40.72 -4.84
CA THR C 265 -6.20 41.85 -3.94
C THR C 265 -7.43 42.65 -4.37
N LEU C 266 -7.93 43.50 -3.49
CA LEU C 266 -9.14 44.28 -3.81
C LEU C 266 -8.82 45.75 -4.09
N PRO C 267 -9.62 46.36 -4.99
CA PRO C 267 -9.52 47.80 -5.24
C PRO C 267 -9.62 48.57 -3.93
N GLU C 268 -9.16 49.81 -3.88
CA GLU C 268 -9.26 50.64 -2.68
C GLU C 268 -10.72 50.96 -2.33
N GLU C 269 -11.54 51.06 -3.38
CA GLU C 269 -12.95 51.42 -3.27
C GLU C 269 -13.77 50.31 -2.61
N ASP C 270 -13.30 49.06 -2.74
CA ASP C 270 -13.92 47.92 -2.05
C ASP C 270 -13.48 47.77 -0.59
N ILE C 271 -12.23 48.12 -0.31
CA ILE C 271 -11.70 48.03 1.04
C ILE C 271 -12.31 49.09 1.95
N ALA C 272 -12.46 50.31 1.43
CA ALA C 272 -13.12 51.36 2.20
C ALA C 272 -14.58 51.00 2.44
N ALA C 273 -15.21 50.40 1.43
CA ALA C 273 -16.61 49.96 1.55
C ALA C 273 -16.75 48.79 2.53
N MSE C 274 -15.76 47.93 2.59
CA MSE C 274 -15.73 46.87 3.59
C MSE C 274 -15.60 47.50 4.99
O MSE C 274 -16.27 47.10 5.94
CB MSE C 274 -14.56 45.92 3.24
CG MSE C 274 -14.17 44.91 4.33
SE MSE C 274 -12.68 43.73 3.74
CE MSE C 274 -13.29 43.32 1.91
H MSE C 274 -15.07 47.93 2.06
HA MSE C 274 -16.56 46.36 3.53
HB2 MSE C 274 -14.80 45.41 2.46
HB3 MSE C 274 -13.78 46.45 3.05
HG2 MSE C 274 -13.87 45.39 5.12
HG3 MSE C 274 -14.93 44.36 4.54
HE1 MSE C 274 -12.65 42.74 1.49
HE2 MSE C 274 -14.15 42.89 1.95
HE3 MSE C 274 -13.36 44.14 1.41
N ARG C 275 -14.76 48.53 5.10
CA ARG C 275 -14.50 49.21 6.36
C ARG C 275 -15.78 49.82 6.94
N ARG C 276 -16.61 50.37 6.07
CA ARG C 276 -17.81 51.05 6.54
C ARG C 276 -18.90 50.02 6.88
N SER C 277 -19.01 48.95 6.09
CA SER C 277 -19.97 47.88 6.37
C SER C 277 -19.82 47.25 7.78
N VAL C 278 -18.58 47.08 8.23
CA VAL C 278 -18.32 46.32 9.46
C VAL C 278 -18.35 47.21 10.71
N GLN C 279 -18.33 48.52 10.53
CA GLN C 279 -18.24 49.45 11.66
C GLN C 279 -19.35 49.36 12.73
N PRO C 280 -20.61 49.05 12.34
CA PRO C 280 -21.64 48.87 13.38
C PRO C 280 -21.37 47.67 14.34
N LEU C 281 -20.50 46.74 13.95
CA LEU C 281 -20.10 45.69 14.89
C LEU C 281 -19.46 46.26 16.17
N PHE C 282 -18.73 47.36 16.07
CA PHE C 282 -18.15 47.96 17.27
C PHE C 282 -19.22 48.33 18.29
N ASP C 283 -20.27 48.98 17.77
CA ASP C 283 -21.42 49.40 18.54
C ASP C 283 -22.14 48.24 19.19
N ALA C 284 -22.47 47.24 18.39
CA ALA C 284 -23.04 46.02 18.94
C ALA C 284 -22.13 45.44 20.06
N TRP C 285 -20.82 45.32 19.82
CA TRP C 285 -19.91 44.85 20.87
C TRP C 285 -20.02 45.71 22.14
N ALA C 286 -19.93 47.03 21.99
CA ALA C 286 -19.96 47.92 23.15
C ALA C 286 -21.26 47.76 23.97
N GLN C 287 -22.37 47.47 23.28
CA GLN C 287 -23.68 47.31 23.93
C GLN C 287 -23.68 46.12 24.88
N ARG C 288 -23.38 44.95 24.33
CA ARG C 288 -23.23 43.73 25.13
C ARG C 288 -22.27 43.93 26.28
N ALA C 289 -21.09 44.49 26.01
CA ALA C 289 -20.13 44.74 27.06
C ALA C 289 -20.74 45.54 28.20
N ALA C 290 -21.54 46.55 27.87
CA ALA C 290 -22.07 47.45 28.90
C ALA C 290 -23.19 46.79 29.69
N ASP C 291 -23.99 45.94 29.03
CA ASP C 291 -25.04 45.18 29.72
C ASP C 291 -24.48 44.32 30.85
N LYS C 292 -23.38 43.62 30.59
CA LYS C 292 -22.62 42.87 31.60
C LYS C 292 -21.70 43.77 32.47
N GLY C 293 -21.92 45.08 32.42
CA GLY C 293 -21.34 46.00 33.39
C GLY C 293 -19.88 46.39 33.24
N ALA C 294 -19.33 46.29 32.03
CA ALA C 294 -17.96 46.76 31.82
C ALA C 294 -18.03 48.10 31.10
N ASP C 295 -16.90 48.79 30.98
CA ASP C 295 -16.85 50.10 30.30
C ASP C 295 -16.15 49.94 28.97
N PRO C 296 -16.92 49.78 27.90
CA PRO C 296 -16.37 49.44 26.59
C PRO C 296 -15.49 50.55 26.04
N ASP C 297 -15.87 51.81 26.33
CA ASP C 297 -15.05 52.97 25.93
C ASP C 297 -13.65 52.95 26.56
N ALA C 298 -13.59 52.78 27.87
CA ALA C 298 -12.31 52.61 28.53
C ALA C 298 -11.57 51.37 27.99
N VAL C 299 -12.28 50.26 27.77
CA VAL C 299 -11.65 49.12 27.13
C VAL C 299 -11.06 49.47 25.76
N MSE C 300 -11.84 50.10 24.90
CA MSE C 300 -11.37 50.43 23.58
C MSE C 300 -10.16 51.42 23.58
O MSE C 300 -9.27 51.29 22.74
CB MSE C 300 -12.48 50.99 22.72
CG MSE C 300 -12.10 51.02 21.26
SE MSE C 300 -11.67 49.17 20.60
CE MSE C 300 -13.47 48.38 20.81
H MSE C 300 -12.65 50.36 25.07
HA MSE C 300 -11.06 49.59 23.16
HB2 MSE C 300 -13.28 50.44 22.81
HB3 MSE C 300 -12.68 51.91 23.00
HG2 MSE C 300 -12.83 51.37 20.74
HG3 MSE C 300 -11.30 51.57 21.15
HE1 MSE C 300 -13.45 47.47 20.53
HE2 MSE C 300 -13.73 48.44 21.73
HE3 MSE C 300 -14.09 48.87 20.26
N ARG C 301 -10.16 52.41 24.48
CA ARG C 301 -9.04 53.30 24.64
C ARG C 301 -7.73 52.55 25.06
N THR C 302 -7.87 51.58 25.96
CA THR C 302 -6.74 50.77 26.45
C THR C 302 -6.20 49.94 25.31
N VAL C 303 -7.12 49.41 24.49
CA VAL C 303 -6.71 48.66 23.33
C VAL C 303 -5.91 49.56 22.35
N ASP C 304 -6.50 50.70 21.98
CA ASP C 304 -5.79 51.68 21.15
C ASP C 304 -4.40 52.08 21.73
N ALA C 305 -4.31 52.29 23.05
CA ALA C 305 -3.06 52.74 23.67
C ALA C 305 -1.98 51.66 23.59
N LEU C 306 -2.39 50.42 23.86
CA LEU C 306 -1.50 49.30 23.90
C LEU C 306 -1.07 48.96 22.47
N LYS C 307 -2.00 49.01 21.54
CA LYS C 307 -1.67 48.73 20.17
C LYS C 307 -0.59 49.74 19.66
N ALA C 308 -0.75 51.01 20.03
CA ALA C 308 0.23 52.05 19.67
C ALA C 308 1.60 51.67 20.26
N GLN C 309 1.64 51.60 21.59
CA GLN C 309 2.85 51.32 22.34
C GLN C 309 3.55 50.06 21.90
N TYR C 310 2.81 49.06 21.42
CA TYR C 310 3.39 47.73 21.12
C TYR C 310 3.64 47.40 19.63
N GLY C 311 3.31 48.28 18.67
CA GLY C 311 3.11 47.75 17.30
C GLY C 311 3.74 48.55 16.19
N PRO D 3 6.29 -48.08 5.73
CA PRO D 3 5.96 -47.48 4.42
C PRO D 3 4.47 -47.04 4.27
N VAL D 4 3.99 -46.94 3.04
CA VAL D 4 2.57 -46.68 2.72
C VAL D 4 2.37 -46.70 1.20
N THR D 5 1.26 -47.25 0.74
CA THR D 5 1.04 -47.39 -0.69
C THR D 5 -0.32 -46.85 -1.05
N LEU D 6 -0.36 -45.88 -1.92
CA LEU D 6 -1.61 -45.26 -2.34
C LEU D 6 -2.02 -45.72 -3.74
N ASN D 7 -3.28 -46.07 -3.89
CA ASN D 7 -3.86 -46.33 -5.20
C ASN D 7 -4.38 -45.08 -5.96
N TYR D 8 -3.93 -44.93 -7.19
CA TYR D 8 -4.18 -43.75 -7.99
C TYR D 8 -4.86 -44.23 -9.26
N ALA D 9 -6.14 -43.94 -9.35
CA ALA D 9 -6.99 -44.32 -10.45
C ALA D 9 -7.05 -43.21 -11.51
N ASN D 10 -7.07 -43.65 -12.75
CA ASN D 10 -7.23 -42.75 -13.85
C ASN D 10 -8.08 -43.40 -14.93
N PHE D 11 -8.64 -42.57 -15.81
CA PHE D 11 -9.67 -43.00 -16.75
C PHE D 11 -9.22 -43.25 -18.22
N PRO D 12 -8.25 -42.49 -18.76
CA PRO D 12 -7.87 -42.65 -20.17
C PRO D 12 -6.71 -43.61 -20.36
N PRO D 13 -6.38 -43.96 -21.63
CA PRO D 13 -5.23 -44.86 -21.81
C PRO D 13 -3.92 -44.24 -21.34
N ALA D 14 -2.97 -45.14 -21.17
CA ALA D 14 -1.77 -44.91 -20.41
C ALA D 14 -0.90 -43.93 -21.14
N SER D 15 -1.03 -43.90 -22.47
CA SER D 15 -0.18 -43.05 -23.30
C SER D 15 -0.65 -41.57 -23.36
N THR D 16 -1.85 -41.28 -22.85
CA THR D 16 -2.40 -39.93 -22.86
C THR D 16 -1.92 -39.08 -21.66
N PHE D 17 -2.02 -37.76 -21.77
CA PHE D 17 -1.30 -36.90 -20.85
C PHE D 17 -1.81 -36.95 -19.40
N PRO D 18 -3.11 -37.23 -19.21
CA PRO D 18 -3.50 -37.38 -17.82
C PRO D 18 -2.83 -38.56 -17.10
N CYS D 19 -2.49 -39.61 -17.85
CA CYS D 19 -1.71 -40.70 -17.30
C CYS D 19 -0.18 -40.49 -17.27
N ILE D 20 0.40 -39.87 -18.31
CA ILE D 20 1.81 -39.49 -18.26
C ILE D 20 2.08 -38.58 -17.02
N GLN D 21 1.21 -37.63 -16.76
CA GLN D 21 1.45 -36.72 -15.64
C GLN D 21 1.34 -37.48 -14.32
N MSE D 22 0.42 -38.43 -14.22
CA MSE D 22 0.25 -39.25 -13.03
C MSE D 22 1.51 -40.08 -12.72
O MSE D 22 1.93 -40.20 -11.56
CB MSE D 22 -0.96 -40.18 -13.22
CG MSE D 22 -0.96 -41.43 -12.39
SE MSE D 22 -2.56 -42.63 -12.71
CE MSE D 22 -1.93 -43.46 -14.42
H MSE D 22 -0.13 -38.63 -14.85
HA MSE D 22 0.08 -38.66 -12.27
HB2 MSE D 22 -1.76 -39.67 -12.99
HB3 MSE D 22 -1.01 -40.44 -14.16
HG2 MSE D 22 -0.16 -41.95 -12.59
HG3 MSE D 22 -0.95 -41.19 -11.45
HE1 MSE D 22 -2.60 -44.07 -14.72
HE2 MSE D 22 -1.81 -42.76 -15.07
HE3 MSE D 22 -1.11 -43.91 -14.26
N GLU D 23 2.12 -40.67 -13.74
CA GLU D 23 3.34 -41.43 -13.53
C GLU D 23 4.49 -40.47 -13.13
N GLN D 24 4.47 -39.25 -13.66
CA GLN D 24 5.50 -38.27 -13.34
C GLN D 24 5.34 -37.88 -11.84
N TRP D 25 4.11 -37.62 -11.46
CA TRP D 25 3.78 -37.22 -10.10
C TRP D 25 4.22 -38.35 -9.13
N ALA D 26 3.82 -39.58 -9.44
CA ALA D 26 4.14 -40.70 -8.59
C ALA D 26 5.64 -40.88 -8.48
N HIS D 27 6.35 -40.75 -9.59
CA HIS D 27 7.80 -40.75 -9.57
C HIS D 27 8.39 -39.69 -8.59
N GLU D 28 7.85 -38.46 -8.62
CA GLU D 28 8.34 -37.41 -7.72
C GLU D 28 8.06 -37.69 -6.26
N VAL D 29 6.92 -38.32 -5.99
CA VAL D 29 6.55 -38.72 -4.64
C VAL D 29 7.43 -39.80 -4.07
N ARG D 30 7.77 -40.80 -4.91
CA ARG D 30 8.68 -41.87 -4.48
C ARG D 30 10.08 -41.32 -4.22
N THR D 31 10.53 -40.42 -5.08
CA THR D 31 11.88 -39.86 -4.95
C THR D 31 11.97 -39.01 -3.68
N ARG D 32 11.04 -38.08 -3.53
CA ARG D 32 11.08 -37.11 -2.44
C ARG D 32 10.74 -37.69 -1.08
N THR D 33 9.90 -38.72 -1.03
CA THR D 33 9.67 -39.41 0.25
C THR D 33 10.72 -40.53 0.52
N ARG D 34 11.74 -40.61 -0.30
CA ARG D 34 12.78 -41.63 -0.13
C ARG D 34 12.16 -43.04 -0.13
N GLY D 35 11.06 -43.24 -0.87
CA GLY D 35 10.47 -44.56 -0.97
C GLY D 35 9.56 -44.89 0.18
N LYS D 36 9.30 -43.93 1.07
CA LYS D 36 8.35 -44.16 2.16
C LYS D 36 6.93 -44.21 1.62
N VAL D 37 6.66 -43.51 0.52
CA VAL D 37 5.35 -43.57 -0.13
C VAL D 37 5.53 -44.19 -1.52
N ASP D 38 4.73 -45.20 -1.84
CA ASP D 38 4.66 -45.71 -3.20
C ASP D 38 3.23 -45.48 -3.68
N VAL D 39 3.07 -45.51 -4.98
CA VAL D 39 1.82 -45.25 -5.62
C VAL D 39 1.63 -46.40 -6.61
N LEU D 40 0.52 -47.09 -6.49
CA LEU D 40 0.16 -48.03 -7.52
C LEU D 40 -0.86 -47.33 -8.45
N THR D 41 -0.53 -47.28 -9.73
CA THR D 41 -1.37 -46.55 -10.67
C THR D 41 -2.28 -47.53 -11.45
N TYR D 42 -3.47 -47.06 -11.77
CA TYR D 42 -4.42 -47.84 -12.57
C TYR D 42 -4.93 -47.06 -13.78
N PRO D 43 -4.16 -47.04 -14.88
CA PRO D 43 -4.68 -46.27 -16.02
C PRO D 43 -5.88 -46.95 -16.65
N GLY D 44 -6.62 -46.21 -17.47
CA GLY D 44 -7.57 -46.84 -18.39
C GLY D 44 -8.86 -47.30 -17.77
N GLY D 45 -9.16 -46.89 -16.54
CA GLY D 45 -10.51 -47.11 -16.03
C GLY D 45 -10.70 -48.43 -15.34
N THR D 46 -9.59 -49.07 -15.00
CA THR D 46 -9.62 -50.43 -14.50
C THR D 46 -10.03 -50.47 -13.04
N LEU D 47 -9.81 -49.36 -12.34
CA LEU D 47 -10.23 -49.23 -10.96
C LEU D 47 -11.46 -48.34 -10.92
N LEU D 48 -11.30 -47.12 -11.41
CA LEU D 48 -12.41 -46.20 -11.61
C LEU D 48 -12.33 -45.56 -12.99
N GLY D 49 -13.50 -45.30 -13.55
CA GLY D 49 -13.63 -44.60 -14.81
C GLY D 49 -14.00 -43.14 -14.65
N ALA D 50 -14.23 -42.52 -15.80
CA ALA D 50 -14.40 -41.09 -15.91
C ALA D 50 -15.56 -40.54 -15.05
N ARG D 51 -16.68 -41.23 -15.09
CA ARG D 51 -17.89 -40.71 -14.45
C ARG D 51 -18.12 -41.10 -12.98
N ASN D 52 -17.51 -42.19 -12.53
CA ASN D 52 -17.61 -42.59 -11.13
C ASN D 52 -16.33 -42.22 -10.36
N MSE D 53 -15.46 -41.41 -10.97
CA MSE D 53 -14.17 -41.09 -10.37
C MSE D 53 -14.26 -40.33 -9.05
O MSE D 53 -13.59 -40.70 -8.08
CB MSE D 53 -13.34 -40.29 -11.34
CG MSE D 53 -11.97 -39.95 -10.83
SE MSE D 53 -10.69 -41.47 -10.78
CE MSE D 53 -10.47 -41.79 -12.73
H MSE D 53 -15.61 -41.03 -11.73
HA MSE D 53 -13.69 -41.92 -10.21
HB2 MSE D 53 -13.23 -40.81 -12.15
HB3 MSE D 53 -13.80 -39.46 -11.54
HG2 MSE D 53 -11.59 -39.26 -11.41
HG3 MSE D 53 -12.05 -39.60 -9.93
HE1 MSE D 53 -9.86 -42.52 -12.85
HE2 MSE D 53 -11.32 -42.01 -13.11
HE3 MSE D 53 -10.12 -40.99 -13.13
N LEU D 54 -15.10 -39.29 -9.01
CA LEU D 54 -15.30 -38.47 -7.82
C LEU D 54 -15.88 -39.25 -6.62
N ARG D 55 -17.02 -39.89 -6.84
CA ARG D 55 -17.61 -40.74 -5.81
C ARG D 55 -16.65 -41.82 -5.33
N GLY D 56 -15.93 -42.43 -6.25
CA GLY D 56 -15.05 -43.55 -5.92
C GLY D 56 -13.88 -43.12 -5.07
N VAL D 57 -13.34 -41.92 -5.32
CA VAL D 57 -12.34 -41.33 -4.45
C VAL D 57 -12.93 -40.98 -3.08
N MSE D 58 -14.13 -40.41 -3.07
CA MSE D 58 -14.75 -40.03 -1.81
C MSE D 58 -15.17 -41.21 -0.95
O MSE D 58 -15.15 -41.12 0.26
CB MSE D 58 -15.94 -39.11 -2.08
CG MSE D 58 -15.53 -37.69 -2.53
SE MSE D 58 -17.10 -36.53 -2.79
CE MSE D 58 -18.06 -37.01 -1.14
H MSE D 58 -14.61 -40.25 -3.76
HA MSE D 58 -14.09 -39.50 -1.31
HB2 MSE D 58 -16.48 -39.50 -2.78
HB3 MSE D 58 -16.46 -39.03 -1.26
HG2 MSE D 58 -14.97 -37.30 -1.84
HG3 MSE D 58 -15.05 -37.75 -3.36
HE1 MSE D 58 -18.88 -36.52 -1.09
HE2 MSE D 58 -18.23 -37.96 -1.15
HE3 MSE D 58 -17.51 -36.79 -0.38
N SER D 59 -15.55 -42.32 -1.55
CA SER D 59 -15.90 -43.50 -0.75
C SER D 59 -14.67 -44.34 -0.37
N GLY D 60 -13.51 -44.02 -0.95
CA GLY D 60 -12.28 -44.75 -0.65
C GLY D 60 -11.93 -45.93 -1.54
N GLN D 61 -12.74 -46.23 -2.55
CA GLN D 61 -12.38 -47.25 -3.54
C GLN D 61 -11.01 -46.96 -4.18
N ALA D 62 -10.69 -45.69 -4.35
CA ALA D 62 -9.33 -45.30 -4.69
C ALA D 62 -8.88 -44.18 -3.73
N ASP D 63 -7.58 -44.09 -3.45
CA ASP D 63 -7.00 -43.03 -2.60
C ASP D 63 -6.91 -41.75 -3.36
N ILE D 64 -6.51 -41.89 -4.60
CA ILE D 64 -6.20 -40.78 -5.43
C ILE D 64 -6.85 -41.01 -6.81
N GLY D 65 -7.32 -39.92 -7.38
CA GLY D 65 -7.90 -39.96 -8.71
C GLY D 65 -7.69 -38.67 -9.46
N CYS D 66 -8.02 -38.71 -10.73
CA CYS D 66 -7.87 -37.55 -11.58
C CYS D 66 -9.22 -37.30 -12.23
N ILE D 67 -9.80 -36.11 -12.01
CA ILE D 67 -11.08 -35.76 -12.64
C ILE D 67 -10.96 -34.67 -13.70
N SER D 68 -11.77 -34.84 -14.74
CA SER D 68 -11.97 -33.76 -15.71
C SER D 68 -13.18 -32.93 -15.29
N LEU D 69 -12.98 -31.69 -14.82
CA LEU D 69 -14.10 -30.90 -14.28
C LEU D 69 -15.29 -30.73 -15.27
N ALA D 70 -14.99 -30.63 -16.56
CA ALA D 70 -16.04 -30.55 -17.59
C ALA D 70 -16.99 -31.76 -17.66
N TYR D 71 -16.63 -32.90 -17.07
CA TYR D 71 -17.54 -34.05 -17.06
C TYR D 71 -18.64 -33.95 -16.00
N HIS D 72 -18.51 -32.97 -15.11
CA HIS D 72 -19.39 -32.85 -13.93
C HIS D 72 -20.11 -31.51 -13.96
N PRO D 73 -21.13 -31.40 -14.80
CA PRO D 73 -21.80 -30.11 -14.91
C PRO D 73 -22.56 -29.76 -13.65
N GLY D 74 -22.53 -28.49 -13.27
CA GLY D 74 -23.27 -28.05 -12.11
C GLY D 74 -22.42 -28.10 -10.85
N VAL D 75 -21.48 -29.05 -10.81
CA VAL D 75 -20.82 -29.43 -9.57
C VAL D 75 -19.71 -28.48 -9.15
N PHE D 76 -19.03 -27.87 -10.13
CA PHE D 76 -17.91 -26.99 -9.85
C PHE D 76 -18.19 -25.61 -10.43
N PRO D 77 -19.09 -24.85 -9.79
CA PRO D 77 -19.53 -23.56 -10.36
C PRO D 77 -18.44 -22.52 -10.50
N VAL D 78 -17.45 -22.51 -9.60
CA VAL D 78 -16.40 -21.50 -9.67
C VAL D 78 -15.28 -21.95 -10.57
N MSE D 79 -14.63 -23.08 -10.24
CA MSE D 79 -13.53 -23.61 -11.08
C MSE D 79 -13.94 -23.86 -12.57
O MSE D 79 -13.08 -23.84 -13.47
CB MSE D 79 -12.95 -24.88 -10.42
CG MSE D 79 -12.57 -24.63 -8.94
SE MSE D 79 -11.29 -23.05 -8.76
CE MSE D 79 -9.96 -23.61 -10.11
H MSE D 79 -14.80 -23.55 -9.55
HA MSE D 79 -12.82 -22.95 -11.08
HB2 MSE D 79 -13.60 -25.58 -10.44
HB3 MSE D 79 -12.15 -25.14 -10.89
HG2 MSE D 79 -13.37 -24.43 -8.43
HG3 MSE D 79 -12.13 -25.41 -8.58
HE1 MSE D 79 -9.27 -22.95 -10.14
HE2 MSE D 79 -9.59 -24.45 -9.84
HE3 MSE D 79 -10.40 -23.67 -10.96
N SER D 80 -15.23 -24.04 -12.84
CA SER D 80 -15.70 -24.13 -14.22
C SER D 80 -15.47 -22.81 -15.02
N VAL D 81 -15.04 -21.74 -14.35
CA VAL D 81 -14.61 -20.53 -15.08
C VAL D 81 -13.56 -20.91 -16.13
N PHE D 82 -12.80 -21.96 -15.85
CA PHE D 82 -11.72 -22.41 -16.74
C PHE D 82 -12.11 -23.20 -17.97
N GLU D 83 -13.41 -23.42 -18.15
CA GLU D 83 -13.93 -24.01 -19.36
C GLU D 83 -14.38 -22.87 -20.34
N LEU D 84 -14.37 -21.62 -19.88
CA LEU D 84 -14.67 -20.48 -20.75
C LEU D 84 -13.45 -20.23 -21.59
N PRO D 85 -13.64 -19.55 -22.72
CA PRO D 85 -12.60 -19.09 -23.66
C PRO D 85 -11.85 -17.92 -23.05
N LEU D 86 -10.82 -18.21 -22.26
CA LEU D 86 -10.10 -17.19 -21.51
C LEU D 86 -8.88 -16.69 -22.26
N GLY D 87 -8.64 -17.22 -23.47
CA GLY D 87 -7.53 -16.79 -24.30
C GLY D 87 -6.12 -17.34 -23.97
N PHE D 88 -6.03 -18.38 -23.14
CA PHE D 88 -4.77 -19.09 -22.98
C PHE D 88 -4.37 -19.74 -24.28
N THR D 89 -3.11 -19.57 -24.65
CA THR D 89 -2.56 -20.20 -25.86
C THR D 89 -1.55 -21.30 -25.50
N SER D 90 -1.44 -21.59 -24.21
CA SER D 90 -0.39 -22.48 -23.71
C SER D 90 -0.94 -23.26 -22.52
N ALA D 91 -0.72 -24.56 -22.50
CA ALA D 91 -1.20 -25.36 -21.38
C ALA D 91 -0.36 -25.06 -20.16
N GLU D 92 0.89 -24.68 -20.35
CA GLU D 92 1.74 -24.45 -19.17
C GLU D 92 1.23 -23.25 -18.36
N ALA D 93 0.99 -22.14 -19.05
CA ALA D 93 0.39 -20.98 -18.43
C ALA D 93 -1.00 -21.28 -17.84
N ALA D 94 -1.85 -21.95 -18.62
CA ALA D 94 -3.19 -22.21 -18.13
C ALA D 94 -3.17 -23.12 -16.86
N SER D 95 -2.26 -24.10 -16.83
CA SER D 95 -2.18 -25.02 -15.71
C SER D 95 -1.75 -24.27 -14.45
N SER D 96 -0.77 -23.40 -14.58
CA SER D 96 -0.25 -22.68 -13.43
C SER D 96 -1.25 -21.72 -12.93
N VAL D 97 -1.96 -21.08 -13.84
CA VAL D 97 -2.97 -20.13 -13.39
C VAL D 97 -4.13 -20.82 -12.66
N LEU D 98 -4.52 -21.99 -13.15
CA LEU D 98 -5.62 -22.72 -12.57
C LEU D 98 -5.26 -23.12 -11.12
N TRP D 99 -4.04 -23.61 -10.95
CA TRP D 99 -3.60 -24.00 -9.61
C TRP D 99 -3.51 -22.79 -8.69
N GLU D 100 -2.99 -21.64 -9.16
CA GLU D 100 -2.92 -20.46 -8.30
C GLU D 100 -4.33 -19.94 -7.95
N LEU D 101 -5.22 -20.01 -8.91
CA LEU D 101 -6.57 -19.55 -8.65
C LEU D 101 -7.19 -20.43 -7.60
N TYR D 102 -7.08 -21.76 -7.78
CA TYR D 102 -7.60 -22.66 -6.77
C TYR D 102 -6.95 -22.41 -5.41
N SER D 103 -5.63 -22.28 -5.39
CA SER D 103 -4.92 -22.10 -4.14
C SER D 103 -5.38 -20.86 -3.41
N GLY D 104 -5.68 -19.83 -4.18
CA GLY D 104 -6.11 -18.56 -3.60
C GLY D 104 -7.54 -18.56 -3.08
N LEU D 105 -8.47 -19.27 -3.76
CA LEU D 105 -9.90 -19.24 -3.43
C LEU D 105 -10.50 -20.40 -2.60
N ARG D 106 -9.89 -21.59 -2.66
CA ARG D 106 -10.37 -22.80 -1.95
C ARG D 106 -11.89 -22.91 -1.81
N PRO D 107 -12.60 -22.98 -2.94
CA PRO D 107 -14.07 -22.88 -2.98
C PRO D 107 -14.72 -24.13 -2.38
N ALA D 108 -15.82 -23.95 -1.66
CA ALA D 108 -16.48 -25.04 -0.93
C ALA D 108 -16.81 -26.24 -1.81
N GLU D 109 -16.93 -26.03 -3.12
CA GLU D 109 -17.24 -27.10 -4.05
C GLU D 109 -16.23 -28.27 -4.02
N LEU D 110 -15.01 -28.03 -3.54
CA LEU D 110 -13.99 -29.07 -3.49
C LEU D 110 -13.56 -29.37 -2.05
N GLU D 111 -14.32 -28.89 -1.08
CA GLU D 111 -14.04 -29.12 0.34
C GLU D 111 -14.02 -30.61 0.76
N ARG D 112 -14.78 -31.46 0.08
CA ARG D 112 -14.98 -32.85 0.54
C ARG D 112 -13.82 -33.78 0.16
N VAL D 113 -12.93 -33.32 -0.70
CA VAL D 113 -11.71 -34.05 -1.00
C VAL D 113 -10.48 -33.15 -0.78
N LYS D 114 -9.32 -33.78 -0.69
CA LYS D 114 -8.08 -33.05 -0.74
C LYS D 114 -7.68 -32.83 -2.21
N VAL D 115 -7.41 -31.59 -2.60
CA VAL D 115 -6.96 -31.32 -3.94
C VAL D 115 -5.41 -31.30 -3.97
N LEU D 116 -4.80 -32.25 -4.66
CA LEU D 116 -3.35 -32.37 -4.65
C LEU D 116 -2.65 -31.50 -5.68
N THR D 117 -3.28 -31.35 -6.84
CA THR D 117 -2.79 -30.49 -7.87
C THR D 117 -3.86 -30.36 -8.96
N MSE D 118 -3.58 -29.52 -9.94
CA MSE D 118 -4.50 -29.27 -11.02
C MSE D 118 -3.71 -28.93 -12.26
O MSE D 118 -2.56 -28.47 -12.20
CB MSE D 118 -5.47 -28.14 -10.66
CG MSE D 118 -6.43 -28.42 -9.52
SE MSE D 118 -7.78 -26.99 -9.28
CE MSE D 118 -9.23 -27.56 -10.47
H MSE D 118 -2.85 -29.07 -10.00
HA MSE D 118 -5.02 -30.07 -11.19
HB2 MSE D 118 -4.94 -27.36 -10.41
HB3 MSE D 118 -5.99 -27.93 -11.45
HG2 MSE D 118 -6.90 -29.26 -9.70
HG3 MSE D 118 -5.93 -28.51 -8.70
HE1 MSE D 118 -9.94 -26.92 -10.41
HE2 MSE D 118 -8.89 -27.60 -11.37
HE3 MSE D 118 -9.55 -28.42 -10.19
N PHE D 119 -4.34 -29.17 -13.39
CA PHE D 119 -3.72 -28.87 -14.68
C PHE D 119 -4.82 -28.74 -15.75
N THR D 120 -4.42 -28.32 -16.93
CA THR D 120 -5.36 -28.18 -18.02
C THR D 120 -4.80 -28.84 -19.27
N SER D 121 -5.69 -29.08 -20.22
CA SER D 121 -5.27 -29.47 -21.57
C SER D 121 -4.69 -28.25 -22.31
N ALA D 122 -4.23 -28.44 -23.53
CA ALA D 122 -3.78 -27.35 -24.35
C ALA D 122 -5.02 -26.73 -25.05
N PRO D 123 -4.87 -25.65 -25.80
CA PRO D 123 -6.10 -25.04 -26.33
C PRO D 123 -6.84 -25.97 -27.28
N SER D 124 -8.15 -25.78 -27.37
CA SER D 124 -8.99 -26.70 -28.10
C SER D 124 -9.09 -26.34 -29.59
N HIS D 125 -9.12 -27.35 -30.44
CA HIS D 125 -9.23 -27.16 -31.88
C HIS D 125 -10.18 -28.17 -32.48
N PHE D 126 -10.49 -28.02 -33.76
CA PHE D 126 -11.42 -28.93 -34.40
C PHE D 126 -10.65 -30.04 -35.05
N MSE D 127 -11.10 -31.26 -34.82
CA MSE D 127 -10.61 -32.43 -35.54
C MSE D 127 -11.82 -33.09 -36.14
O MSE D 127 -12.76 -33.45 -35.43
CB MSE D 127 -9.94 -33.41 -34.60
CG MSE D 127 -8.55 -32.98 -34.21
SE MSE D 127 -7.97 -33.80 -32.52
CE MSE D 127 -8.67 -35.61 -32.79
H MSE D 127 -11.70 -31.44 -34.24
HA MSE D 127 -9.99 -32.16 -36.24
HB2 MSE D 127 -10.47 -33.47 -33.78
HB3 MSE D 127 -9.88 -34.28 -35.03
HG2 MSE D 127 -7.93 -33.26 -34.90
HG3 MSE D 127 -8.52 -32.02 -34.10
HE1 MSE D 127 -8.45 -36.15 -32.02
HE2 MSE D 127 -9.61 -35.58 -32.90
HE3 MSE D 127 -8.25 -35.99 -33.57
N THR D 128 -11.80 -33.27 -37.45
CA THR D 128 -12.99 -33.73 -38.14
C THR D 128 -12.68 -34.72 -39.23
N VAL D 129 -13.72 -35.47 -39.61
CA VAL D 129 -13.61 -36.45 -40.67
C VAL D 129 -13.53 -35.77 -42.03
N THR D 130 -14.30 -34.70 -42.22
CA THR D 130 -14.24 -33.91 -43.44
C THR D 130 -13.74 -32.49 -43.16
N PRO D 131 -13.06 -31.88 -44.15
CA PRO D 131 -12.51 -30.53 -44.01
C PRO D 131 -13.55 -29.51 -43.55
N VAL D 132 -13.14 -28.64 -42.64
CA VAL D 132 -13.95 -27.51 -42.19
C VAL D 132 -13.12 -26.26 -42.43
N ARG D 133 -13.53 -25.45 -43.41
CA ARG D 133 -12.82 -24.20 -43.71
C ARG D 133 -13.63 -22.93 -43.42
N SER D 134 -14.77 -23.07 -42.76
CA SER D 134 -15.57 -21.91 -42.34
C SER D 134 -16.61 -22.29 -41.27
N LEU D 135 -17.23 -21.30 -40.67
CA LEU D 135 -18.28 -21.53 -39.69
C LEU D 135 -19.51 -22.25 -40.29
N ARG D 136 -19.72 -22.03 -41.59
CA ARG D 136 -20.82 -22.65 -42.35
C ARG D 136 -20.66 -24.17 -42.45
N ASP D 137 -19.49 -24.63 -42.88
CA ASP D 137 -19.14 -26.06 -42.91
C ASP D 137 -19.34 -26.75 -41.57
N LEU D 138 -19.40 -25.98 -40.51
CA LEU D 138 -19.51 -26.50 -39.15
C LEU D 138 -20.96 -26.64 -38.74
N GLN D 139 -21.84 -25.87 -39.40
CA GLN D 139 -23.24 -25.87 -39.01
C GLN D 139 -23.90 -27.22 -39.25
N GLY D 140 -24.64 -27.68 -38.24
CA GLY D 140 -25.30 -28.97 -38.32
C GLY D 140 -24.39 -30.12 -37.95
N MSE D 141 -23.07 -29.90 -38.02
CA MSE D 141 -22.11 -30.97 -37.84
C MSE D 141 -22.10 -31.42 -36.37
O MSE D 141 -22.10 -30.58 -35.46
CB MSE D 141 -20.72 -30.49 -38.29
CG MSE D 141 -19.65 -31.57 -38.40
SE MSE D 141 -17.87 -30.96 -39.05
CE MSE D 141 -18.34 -30.69 -40.94
H MSE D 141 -22.72 -29.14 -38.18
HA MSE D 141 -22.35 -31.73 -38.40
HB2 MSE D 141 -20.82 -30.07 -39.16
HB3 MSE D 141 -20.41 -29.82 -37.65
HG2 MSE D 141 -19.52 -31.96 -37.52
HG3 MSE D 141 -19.96 -32.25 -39.01
HE1 MSE D 141 -17.56 -30.38 -41.42
HE2 MSE D 141 -18.64 -31.52 -41.31
HE3 MSE D 141 -19.04 -30.03 -41.00
N GLU D 142 -22.13 -32.74 -36.14
CA GLU D 142 -22.12 -33.29 -34.78
C GLU D 142 -20.67 -33.38 -34.26
N ILE D 143 -20.35 -32.58 -33.23
CA ILE D 143 -18.99 -32.53 -32.67
C ILE D 143 -19.01 -32.95 -31.18
N ARG D 144 -18.02 -33.72 -30.76
CA ARG D 144 -17.89 -34.07 -29.35
C ARG D 144 -17.24 -32.93 -28.57
N GLY D 145 -17.86 -32.62 -27.44
CA GLY D 145 -17.28 -31.77 -26.45
C GLY D 145 -17.62 -32.37 -25.10
N ALA D 146 -17.33 -31.63 -24.06
CA ALA D 146 -17.86 -31.93 -22.75
C ALA D 146 -18.08 -30.61 -22.05
N GLY D 147 -19.05 -30.57 -21.15
CA GLY D 147 -19.28 -29.40 -20.32
C GLY D 147 -19.51 -28.13 -21.12
N THR D 148 -18.89 -27.06 -20.65
CA THR D 148 -19.07 -25.74 -21.21
C THR D 148 -18.48 -25.65 -22.59
N LEU D 149 -17.53 -26.54 -22.87
CA LEU D 149 -17.01 -26.65 -24.23
C LEU D 149 -18.09 -27.15 -25.21
N SER D 150 -19.08 -27.91 -24.74
CA SER D 150 -20.20 -28.21 -25.63
C SER D 150 -21.04 -26.96 -25.84
N ALA D 151 -21.19 -26.12 -24.81
CA ALA D 151 -22.00 -24.92 -24.96
C ALA D 151 -21.37 -23.99 -25.99
N ILE D 152 -20.05 -23.98 -26.04
CA ILE D 152 -19.35 -23.22 -27.08
C ILE D 152 -19.77 -23.75 -28.45
N LEU D 153 -19.58 -25.04 -28.68
CA LEU D 153 -20.00 -25.65 -29.94
C LEU D 153 -21.40 -25.22 -30.34
N GLU D 154 -22.33 -25.25 -29.40
CA GLU D 154 -23.70 -24.89 -29.73
C GLU D 154 -23.71 -23.48 -30.31
N LYS D 155 -23.04 -22.54 -29.65
CA LYS D 155 -23.15 -21.14 -30.06
C LYS D 155 -22.44 -20.87 -31.40
N LEU D 156 -21.51 -21.73 -31.81
CA LEU D 156 -20.92 -21.62 -33.14
C LEU D 156 -21.83 -22.27 -34.20
N GLY D 157 -22.94 -22.86 -33.76
CA GLY D 157 -23.88 -23.47 -34.68
C GLY D 157 -23.67 -24.96 -34.94
N ALA D 158 -22.75 -25.59 -34.20
CA ALA D 158 -22.60 -27.03 -34.34
C ALA D 158 -23.66 -27.79 -33.53
N THR D 159 -23.62 -29.12 -33.64
CA THR D 159 -24.46 -29.98 -32.81
C THR D 159 -23.57 -30.76 -31.85
N PRO D 160 -23.53 -30.35 -30.58
CA PRO D 160 -22.63 -31.05 -29.67
C PRO D 160 -23.18 -32.38 -29.19
N VAL D 161 -22.29 -33.35 -29.04
CA VAL D 161 -22.57 -34.56 -28.29
C VAL D 161 -21.59 -34.60 -27.12
N SER D 162 -22.11 -34.64 -25.91
CA SER D 162 -21.29 -34.61 -24.70
C SER D 162 -20.95 -36.03 -24.23
N MSE D 163 -19.66 -36.31 -24.16
CA MSE D 163 -19.17 -37.60 -23.68
C MSE D 163 -17.71 -37.55 -23.21
O MSE D 163 -16.89 -36.74 -23.69
CB MSE D 163 -19.30 -38.64 -24.79
CG MSE D 163 -18.24 -38.49 -25.86
SE MSE D 163 -18.52 -39.69 -27.42
CE MSE D 163 -19.80 -38.60 -28.44
H MSE D 163 -19.03 -35.77 -24.39
HA MSE D 163 -19.74 -37.89 -22.93
HB2 MSE D 163 -19.22 -39.52 -24.40
HB3 MSE D 163 -20.16 -38.54 -25.21
HG2 MSE D 163 -18.23 -37.58 -26.18
HG3 MSE D 163 -17.37 -38.71 -25.47
HE1 MSE D 163 -20.03 -39.07 -29.24
HE2 MSE D 163 -20.58 -38.47 -27.90
HE3 MSE D 163 -19.39 -37.76 -28.64
N PRO D 164 -17.37 -38.44 -22.27
CA PRO D 164 -15.97 -38.55 -21.87
C PRO D 164 -15.05 -39.06 -22.97
N MSE D 165 -13.79 -38.63 -22.89
CA MSE D 165 -12.77 -38.94 -23.90
C MSE D 165 -12.70 -40.41 -24.38
O MSE D 165 -12.64 -40.67 -25.58
CB MSE D 165 -11.37 -38.49 -23.48
CG MSE D 165 -10.33 -38.73 -24.60
SE MSE D 165 -10.70 -37.59 -26.20
CE MSE D 165 -10.13 -35.90 -25.43
H MSE D 165 -13.49 -38.15 -22.23
HA MSE D 165 -13.00 -38.39 -24.69
HB2 MSE D 165 -11.38 -37.55 -23.27
HB3 MSE D 165 -11.09 -39.02 -22.70
HG2 MSE D 165 -9.45 -38.51 -24.27
HG3 MSE D 165 -10.38 -39.66 -24.88
HE1 MSE D 165 -10.24 -35.21 -26.08
HE2 MSE D 165 -10.67 -35.71 -24.66
HE3 MSE D 165 -9.21 -35.97 -25.17
N PRO D 166 -12.69 -41.37 -23.44
CA PRO D 166 -12.51 -42.78 -23.86
C PRO D 166 -13.65 -43.39 -24.68
N GLU D 167 -14.81 -42.73 -24.74
CA GLU D 167 -15.93 -43.21 -25.57
C GLU D 167 -15.88 -42.62 -27.00
N VAL D 168 -14.93 -41.73 -27.25
CA VAL D 168 -14.96 -40.94 -28.47
C VAL D 168 -14.57 -41.72 -29.74
N PRO D 169 -13.52 -42.56 -29.69
CA PRO D 169 -13.14 -43.32 -30.89
C PRO D 169 -14.30 -44.20 -31.45
N GLU D 170 -14.98 -44.92 -30.56
CA GLU D 170 -16.07 -45.79 -30.97
C GLU D 170 -17.15 -44.93 -31.62
N ALA D 171 -17.38 -43.74 -31.05
CA ALA D 171 -18.41 -42.86 -31.57
C ALA D 171 -18.03 -42.30 -32.94
N VAL D 172 -16.73 -42.13 -33.18
CA VAL D 172 -16.29 -41.62 -34.47
C VAL D 172 -16.52 -42.70 -35.52
N GLN D 173 -16.36 -43.96 -35.14
CA GLN D 173 -16.43 -45.08 -36.09
C GLN D 173 -17.86 -45.50 -36.37
N LYS D 174 -18.71 -45.42 -35.35
CA LYS D 174 -20.11 -45.74 -35.51
C LYS D 174 -20.87 -44.61 -36.25
N GLY D 175 -20.22 -43.45 -36.42
CA GLY D 175 -20.79 -42.35 -37.15
C GLY D 175 -21.67 -41.44 -36.31
N ILE D 176 -21.65 -41.63 -34.99
CA ILE D 176 -22.44 -40.81 -34.07
C ILE D 176 -21.94 -39.35 -34.06
N ILE D 177 -20.62 -39.16 -34.17
CA ILE D 177 -20.04 -37.81 -34.30
C ILE D 177 -19.17 -37.76 -35.53
N LYS D 178 -18.98 -36.56 -36.07
CA LYS D 178 -18.14 -36.35 -37.25
C LYS D 178 -16.76 -35.76 -36.89
N GLY D 179 -16.54 -35.52 -35.60
CA GLY D 179 -15.27 -35.01 -35.11
C GLY D 179 -15.33 -34.60 -33.64
N LEU D 180 -14.24 -34.00 -33.18
CA LEU D 180 -14.11 -33.65 -31.79
C LEU D 180 -13.41 -32.30 -31.62
N PHE D 181 -13.66 -31.69 -30.49
CA PHE D 181 -13.23 -30.34 -30.19
C PHE D 181 -12.41 -30.42 -28.92
N THR D 182 -11.10 -30.59 -29.08
CA THR D 182 -10.20 -30.71 -27.92
C THR D 182 -8.75 -30.48 -28.37
N SER D 183 -7.77 -30.80 -27.52
CA SER D 183 -6.38 -30.51 -27.86
C SER D 183 -5.84 -31.63 -28.72
N LEU D 184 -4.76 -31.31 -29.44
CA LEU D 184 -4.25 -32.15 -30.52
C LEU D 184 -3.36 -33.31 -30.12
N ASP D 185 -2.99 -33.40 -28.83
CA ASP D 185 -2.17 -34.50 -28.32
C ASP D 185 -2.79 -35.85 -28.70
N VAL D 186 -4.12 -35.88 -28.83
CA VAL D 186 -4.84 -37.16 -29.06
C VAL D 186 -4.76 -37.67 -30.51
N MSE D 187 -4.37 -36.81 -31.45
CA MSE D 187 -4.11 -37.28 -32.81
C MSE D 187 -3.14 -38.44 -32.76
O MSE D 187 -3.30 -39.44 -33.46
CB MSE D 187 -3.54 -36.17 -33.69
CG MSE D 187 -4.53 -35.04 -33.85
SE MSE D 187 -6.08 -35.54 -34.94
CE MSE D 187 -5.30 -35.15 -36.70
H MSE D 187 -4.24 -35.97 -31.33
HA MSE D 187 -4.96 -37.58 -33.21
HB2 MSE D 187 -2.74 -35.82 -33.27
HB3 MSE D 187 -3.34 -36.53 -34.57
HG2 MSE D 187 -4.86 -34.78 -32.97
HG3 MSE D 187 -4.09 -34.30 -34.28
HE1 MSE D 187 -5.94 -35.34 -37.39
HE2 MSE D 187 -5.05 -34.22 -36.74
HE3 MSE D 187 -4.52 -35.70 -36.83
N LYS D 188 -2.13 -38.30 -31.91
CA LYS D 188 -1.14 -39.34 -31.80
C LYS D 188 -1.46 -40.31 -30.67
N ASP D 189 -1.83 -39.76 -29.53
CA ASP D 189 -1.93 -40.55 -28.30
C ASP D 189 -3.09 -41.51 -28.37
N MSE D 190 -4.18 -41.08 -29.02
CA MSE D 190 -5.33 -41.94 -29.26
C MSE D 190 -5.54 -42.31 -30.72
O MSE D 190 -6.61 -42.78 -31.12
CB MSE D 190 -6.54 -41.27 -28.68
CG MSE D 190 -6.32 -41.12 -27.21
SE MSE D 190 -7.94 -40.91 -26.19
CE MSE D 190 -8.61 -42.73 -26.24
H MSE D 190 -4.26 -40.29 -29.35
HA MSE D 190 -5.19 -42.78 -28.76
HB2 MSE D 190 -6.66 -40.40 -29.08
HB3 MSE D 190 -7.33 -41.83 -28.82
HG2 MSE D 190 -5.85 -41.90 -26.87
HG3 MSE D 190 -5.77 -40.32 -27.05
HE1 MSE D 190 -9.44 -42.76 -25.74
HE2 MSE D 190 -8.76 -42.99 -27.15
HE3 MSE D 190 -7.97 -43.31 -25.82
N ASN D 191 -4.50 -42.08 -31.51
CA ASN D 191 -4.53 -42.38 -32.94
C ASN D 191 -5.79 -41.89 -33.63
N PHE D 192 -6.28 -40.70 -33.27
CA PHE D 192 -7.38 -40.07 -33.98
C PHE D 192 -6.90 -39.62 -35.36
N ALA D 193 -5.58 -39.59 -35.54
CA ALA D 193 -5.03 -39.24 -36.84
C ALA D 193 -5.55 -40.19 -37.92
N GLU D 194 -5.84 -41.44 -37.57
CA GLU D 194 -6.36 -42.41 -38.54
C GLU D 194 -7.84 -42.20 -38.89
N MSE D 195 -8.57 -41.49 -38.04
CA MSE D 195 -10.02 -41.41 -38.17
C MSE D 195 -10.48 -40.02 -38.54
O MSE D 195 -11.47 -39.84 -39.25
CB MSE D 195 -10.72 -41.78 -36.86
CG MSE D 195 -10.14 -42.96 -36.09
SE MSE D 195 -10.92 -43.08 -34.27
CE MSE D 195 -9.39 -43.78 -33.27
H MSE D 195 -8.25 -41.06 -37.36
HA MSE D 195 -10.32 -42.05 -38.86
HB2 MSE D 195 -10.67 -41.01 -36.26
HB3 MSE D 195 -11.65 -41.98 -37.04
HG2 MSE D 195 -10.35 -43.78 -36.56
HG3 MSE D 195 -9.18 -42.86 -36.00
HE1 MSE D 195 -9.64 -43.89 -32.34
HE2 MSE D 195 -9.14 -44.63 -33.64
HE3 MSE D 195 -8.66 -43.17 -33.33
N THR D 196 -9.79 -39.03 -38.02
CA THR D 196 -10.09 -37.65 -38.30
C THR D 196 -8.84 -37.01 -38.89
N GLY D 197 -8.75 -37.00 -40.23
CA GLY D 197 -7.60 -36.47 -40.94
C GLY D 197 -7.58 -34.97 -41.24
N HIS D 198 -8.51 -34.23 -40.67
CA HIS D 198 -8.55 -32.77 -40.85
C HIS D 198 -8.61 -32.02 -39.52
N VAL D 199 -7.70 -31.07 -39.35
CA VAL D 199 -7.65 -30.26 -38.13
C VAL D 199 -7.88 -28.80 -38.47
N THR D 200 -8.84 -28.17 -37.80
CA THR D 200 -9.08 -26.73 -37.94
C THR D 200 -8.73 -25.94 -36.66
N ARG D 201 -7.78 -25.00 -36.77
CA ARG D 201 -7.38 -24.21 -35.60
C ARG D 201 -8.53 -23.32 -35.14
N ALA D 202 -8.88 -23.44 -33.86
CA ALA D 202 -9.84 -22.55 -33.22
C ALA D 202 -9.23 -21.79 -32.07
N ASP D 203 -8.14 -22.32 -31.49
CA ASP D 203 -7.51 -21.77 -30.30
C ASP D 203 -8.50 -21.49 -29.16
N GLN D 204 -9.42 -22.42 -28.96
CA GLN D 204 -10.50 -22.24 -28.01
C GLN D 204 -10.12 -22.67 -26.58
N ALA D 205 -11.12 -22.87 -25.75
CA ALA D 205 -10.96 -23.13 -24.34
C ALA D 205 -10.23 -24.42 -24.07
N VAL D 206 -9.65 -24.49 -22.87
CA VAL D 206 -9.05 -25.71 -22.37
C VAL D 206 -9.97 -26.51 -21.44
N TYR D 207 -9.66 -27.79 -21.24
CA TYR D 207 -10.35 -28.59 -20.23
C TYR D 207 -9.55 -28.59 -18.92
N PRO D 208 -10.17 -28.14 -17.84
CA PRO D 208 -9.47 -28.22 -16.53
C PRO D 208 -9.59 -29.57 -15.82
N PHE D 209 -8.52 -29.96 -15.15
CA PHE D 209 -8.45 -31.27 -14.48
C PHE D 209 -8.08 -30.97 -13.03
N ALA D 210 -8.52 -31.84 -12.13
CA ALA D 210 -8.07 -31.83 -10.74
C ALA D 210 -7.64 -33.23 -10.33
N VAL D 211 -6.53 -33.30 -9.61
CA VAL D 211 -6.05 -34.53 -8.94
C VAL D 211 -6.45 -34.48 -7.47
N ILE D 212 -7.35 -35.36 -7.09
CA ILE D 212 -7.99 -35.32 -5.80
C ILE D 212 -7.69 -36.56 -4.99
N MSE D 213 -7.77 -36.40 -3.69
CA MSE D 213 -7.47 -37.48 -2.77
C MSE D 213 -8.56 -37.58 -1.72
O MSE D 213 -9.14 -36.60 -1.29
CB MSE D 213 -6.10 -37.25 -2.12
CG MSE D 213 -5.58 -38.46 -1.35
SE MSE D 213 -3.73 -38.16 -0.59
CE MSE D 213 -3.37 -40.02 -0.04
H MSE D 213 -7.99 -35.66 -3.30
HA MSE D 213 -7.43 -38.32 -3.28
HB2 MSE D 213 -5.45 -37.03 -2.80
HB3 MSE D 213 -6.18 -36.51 -1.49
HG2 MSE D 213 -6.18 -38.64 -0.61
HG3 MSE D 213 -5.55 -39.22 -1.95
HE1 MSE D 213 -2.50 -40.07 0.37
HE2 MSE D 213 -4.03 -40.29 0.61
HE3 MSE D 213 -3.40 -40.60 -0.81
N ASN D 214 -8.82 -38.80 -1.33
CA ASN D 214 -9.74 -39.13 -0.27
C ASN D 214 -9.28 -38.43 1.01
N ARG D 215 -10.21 -37.77 1.65
CA ARG D 215 -9.87 -36.89 2.78
C ARG D 215 -9.24 -37.72 3.87
N GLU D 216 -9.86 -38.86 4.18
CA GLU D 216 -9.38 -39.68 5.27
C GLU D 216 -7.99 -40.24 4.96
N ALA D 217 -7.70 -40.54 3.70
CA ALA D 217 -6.40 -41.09 3.38
C ALA D 217 -5.29 -40.01 3.44
N TRP D 218 -5.63 -38.80 2.97
CA TRP D 218 -4.79 -37.62 3.20
C TRP D 218 -4.47 -37.38 4.68
N GLU D 219 -5.47 -37.45 5.54
CA GLU D 219 -5.27 -37.20 6.96
C GLU D 219 -4.53 -38.34 7.68
N ARG D 220 -4.43 -39.51 7.06
CA ARG D 220 -3.63 -40.58 7.67
C ARG D 220 -2.14 -40.42 7.39
N LEU D 221 -1.79 -39.55 6.46
CA LEU D 221 -0.39 -39.34 6.13
C LEU D 221 0.32 -38.50 7.18
N SER D 222 1.57 -38.85 7.48
CA SER D 222 2.38 -38.05 8.39
C SER D 222 2.59 -36.63 7.84
N PRO D 223 2.85 -35.65 8.74
CA PRO D 223 3.14 -34.25 8.36
C PRO D 223 4.26 -34.11 7.31
N ASP D 224 5.38 -34.81 7.46
CA ASP D 224 6.48 -34.70 6.46
C ASP D 224 6.06 -35.19 5.05
N VAL D 225 5.14 -36.13 4.98
CA VAL D 225 4.65 -36.60 3.70
C VAL D 225 3.62 -35.64 3.12
N GLN D 226 2.74 -35.15 3.97
CA GLN D 226 1.88 -34.04 3.58
C GLN D 226 2.67 -32.90 2.98
N GLN D 227 3.70 -32.42 3.68
CA GLN D 227 4.50 -31.32 3.19
C GLN D 227 5.12 -31.65 1.83
N VAL D 228 5.53 -32.90 1.64
CA VAL D 228 6.14 -33.27 0.38
C VAL D 228 5.15 -33.16 -0.76
N LEU D 229 3.96 -33.72 -0.56
CA LEU D 229 2.92 -33.70 -1.60
C LEU D 229 2.44 -32.29 -1.90
N ASP D 230 2.26 -31.46 -0.87
CA ASP D 230 1.88 -30.06 -1.04
C ASP D 230 3.03 -29.31 -1.73
N GLY D 231 4.27 -29.62 -1.37
CA GLY D 231 5.43 -28.97 -1.96
C GLY D 231 5.59 -29.20 -3.47
N LEU D 232 4.86 -30.18 -4.01
CA LEU D 232 4.98 -30.65 -5.39
C LEU D 232 3.94 -30.07 -6.32
N ALA D 233 2.84 -29.64 -5.73
CA ALA D 233 1.66 -29.21 -6.47
C ALA D 233 1.86 -28.17 -7.57
N ALA D 234 2.48 -27.05 -7.27
CA ALA D 234 2.54 -25.94 -8.25
C ALA D 234 3.51 -26.35 -9.37
N GLU D 235 4.65 -26.86 -8.94
CA GLU D 235 5.70 -27.38 -9.82
C GLU D 235 5.08 -28.38 -10.80
N HIS D 236 4.29 -29.29 -10.27
CA HIS D 236 3.72 -30.36 -11.12
C HIS D 236 2.66 -29.84 -12.12
N ALA D 237 1.90 -28.87 -11.66
CA ALA D 237 0.97 -28.20 -12.51
C ALA D 237 1.71 -27.62 -13.74
N ALA D 238 2.77 -26.82 -13.49
CA ALA D 238 3.58 -26.24 -14.56
C ALA D 238 4.18 -27.31 -15.39
N TRP D 239 4.67 -28.36 -14.75
CA TRP D 239 5.37 -29.42 -15.47
C TRP D 239 4.43 -30.10 -16.50
N THR D 240 3.20 -30.38 -16.09
CA THR D 240 2.26 -31.07 -16.93
C THR D 240 1.90 -30.25 -18.13
N GLY D 241 1.74 -28.94 -17.92
CA GLY D 241 1.38 -28.00 -18.96
C GLY D 241 2.48 -27.86 -19.98
N ARG D 242 3.71 -27.76 -19.47
CA ARG D 242 4.91 -27.67 -20.27
C ARG D 242 5.11 -28.92 -21.11
N TYR D 243 4.90 -30.09 -20.49
CA TYR D 243 5.01 -31.37 -21.19
C TYR D 243 4.00 -31.42 -22.33
N LEU D 244 2.78 -30.97 -22.03
CA LEU D 244 1.69 -31.06 -22.98
C LEU D 244 1.90 -30.14 -24.18
N ASP D 245 2.40 -28.93 -23.94
CA ASP D 245 2.72 -28.00 -25.00
C ASP D 245 3.70 -28.57 -26.01
N ALA D 246 4.76 -29.22 -25.52
CA ALA D 246 5.79 -29.80 -26.40
C ALA D 246 5.25 -31.03 -27.14
N HIS D 247 4.39 -31.77 -26.47
CA HIS D 247 3.89 -33.05 -26.98
C HIS D 247 2.87 -32.84 -28.10
N VAL D 248 2.13 -31.76 -28.00
CA VAL D 248 1.17 -31.36 -29.00
C VAL D 248 1.92 -31.06 -30.31
N GLN D 249 3.11 -30.48 -30.21
CA GLN D 249 3.96 -30.22 -31.39
C GLN D 249 4.34 -31.56 -32.04
N ASP D 250 4.94 -32.44 -31.23
CA ASP D 250 5.38 -33.75 -31.72
C ASP D 250 4.21 -34.51 -32.32
N SER D 251 3.08 -34.47 -31.63
CA SER D 251 1.90 -35.22 -32.03
C SER D 251 1.44 -34.77 -33.41
N MSE D 252 1.47 -33.46 -33.63
CA MSE D 252 1.07 -32.90 -34.91
C MSE D 252 2.08 -33.09 -36.05
O MSE D 252 1.70 -33.31 -37.21
CB MSE D 252 0.73 -31.43 -34.77
CG MSE D 252 -0.74 -31.19 -34.47
SE MSE D 252 -1.88 -31.58 -36.02
CE MSE D 252 -2.83 -32.94 -35.18
H MSE D 252 1.71 -32.87 -33.06
HA MSE D 252 0.24 -33.35 -35.19
HB2 MSE D 252 1.24 -31.06 -34.03
HB3 MSE D 252 0.94 -30.97 -35.60
HG2 MSE D 252 -1.01 -31.78 -33.74
HG3 MSE D 252 -0.87 -30.27 -34.21
HE1 MSE D 252 -3.47 -33.29 -35.79
HE2 MSE D 252 -2.21 -33.63 -34.93
HE3 MSE D 252 -3.26 -32.58 -34.41
N ARG D 253 3.38 -33.02 -35.72
CA ARG D 253 4.38 -33.37 -36.72
C ARG D 253 4.19 -34.82 -37.18
N TRP D 254 4.18 -35.73 -36.22
CA TRP D 254 3.89 -37.13 -36.48
C TRP D 254 2.61 -37.31 -37.34
N ALA D 255 1.57 -36.58 -36.99
CA ALA D 255 0.28 -36.65 -37.68
C ALA D 255 0.38 -36.22 -39.12
N GLU D 256 1.13 -35.16 -39.38
CA GLU D 256 1.17 -34.56 -40.73
C GLU D 256 2.05 -35.32 -41.72
N GLU D 257 3.17 -35.87 -41.26
CA GLU D 257 4.14 -36.43 -42.17
C GLU D 257 4.10 -37.96 -42.21
N LYS D 258 3.20 -38.55 -41.44
CA LYS D 258 3.03 -40.00 -41.46
C LYS D 258 1.59 -40.45 -41.72
N HIS D 259 0.64 -39.52 -41.62
CA HIS D 259 -0.76 -39.85 -41.86
C HIS D 259 -1.46 -38.80 -42.69
N GLY D 260 -0.68 -37.91 -43.30
CA GLY D 260 -1.22 -36.97 -44.28
C GLY D 260 -2.26 -36.02 -43.76
N VAL D 261 -2.16 -35.65 -42.47
CA VAL D 261 -3.13 -34.76 -41.85
C VAL D 261 -3.09 -33.36 -42.47
N GLN D 262 -4.27 -32.84 -42.75
CA GLN D 262 -4.41 -31.53 -43.35
C GLN D 262 -4.88 -30.52 -42.32
N VAL D 263 -4.18 -29.39 -42.24
CA VAL D 263 -4.50 -28.36 -41.28
C VAL D 263 -5.12 -27.18 -42.02
N HIS D 264 -6.19 -26.64 -41.46
CA HIS D 264 -6.94 -25.56 -42.08
C HIS D 264 -7.07 -24.38 -41.12
N THR D 265 -7.12 -23.17 -41.65
CA THR D 265 -7.45 -22.02 -40.83
C THR D 265 -8.76 -21.35 -41.26
N LEU D 266 -9.38 -20.71 -40.29
CA LEU D 266 -10.59 -19.94 -40.51
C LEU D 266 -10.22 -18.50 -40.79
N PRO D 267 -10.90 -17.87 -41.76
CA PRO D 267 -10.62 -16.46 -42.06
C PRO D 267 -10.99 -15.59 -40.87
N GLU D 268 -10.63 -14.30 -40.95
CA GLU D 268 -10.72 -13.40 -39.81
C GLU D 268 -12.15 -13.08 -39.40
N GLU D 269 -13.06 -13.00 -40.37
CA GLU D 269 -14.42 -12.59 -40.06
C GLU D 269 -15.08 -13.71 -39.28
N ASP D 270 -14.62 -14.94 -39.53
CA ASP D 270 -15.16 -16.13 -38.87
C ASP D 270 -14.73 -16.23 -37.41
N ILE D 271 -13.45 -15.94 -37.13
CA ILE D 271 -12.98 -16.07 -35.76
C ILE D 271 -13.20 -14.80 -34.97
N ALA D 272 -13.88 -13.85 -35.60
CA ALA D 272 -14.35 -12.65 -34.91
C ALA D 272 -15.80 -12.87 -34.45
N ALA D 273 -16.65 -13.39 -35.34
CA ALA D 273 -18.01 -13.80 -34.96
C ALA D 273 -18.00 -14.99 -33.99
N MSE D 274 -16.98 -15.84 -34.07
CA MSE D 274 -16.74 -16.89 -33.07
C MSE D 274 -16.71 -16.24 -31.70
O MSE D 274 -17.47 -16.58 -30.80
CB MSE D 274 -15.39 -17.56 -33.32
CG MSE D 274 -15.41 -18.94 -34.01
SE MSE D 274 -14.34 -20.31 -33.01
CE MSE D 274 -12.55 -20.09 -33.72
H MSE D 274 -16.40 -15.84 -34.71
HA MSE D 274 -17.46 -17.56 -33.11
HB2 MSE D 274 -14.85 -16.98 -33.87
HB3 MSE D 274 -14.95 -17.68 -32.46
HG2 MSE D 274 -16.33 -19.26 -34.06
HG3 MSE D 274 -15.03 -18.87 -34.90
HE1 MSE D 274 -11.97 -20.71 -33.29
HE2 MSE D 274 -12.57 -20.25 -34.67
HE3 MSE D 274 -12.26 -19.19 -33.56
N ARG D 275 -15.79 -15.29 -31.56
CA ARG D 275 -15.59 -14.54 -30.32
C ARG D 275 -16.86 -13.82 -29.85
N ARG D 276 -17.61 -13.18 -30.75
CA ARG D 276 -18.82 -12.51 -30.29
C ARG D 276 -19.93 -13.51 -29.99
N SER D 277 -19.92 -14.64 -30.67
CA SER D 277 -20.95 -15.62 -30.44
C SER D 277 -20.83 -16.34 -29.08
N VAL D 278 -19.66 -16.29 -28.44
CA VAL D 278 -19.48 -17.03 -27.20
C VAL D 278 -19.57 -16.14 -25.96
N GLN D 279 -19.55 -14.83 -26.13
CA GLN D 279 -19.52 -13.91 -24.99
C GLN D 279 -20.67 -14.07 -23.97
N PRO D 280 -21.87 -14.51 -24.41
CA PRO D 280 -22.92 -14.72 -23.39
C PRO D 280 -22.67 -15.91 -22.46
N LEU D 281 -21.78 -16.81 -22.83
CA LEU D 281 -21.36 -17.85 -21.91
C LEU D 281 -20.67 -17.25 -20.64
N PHE D 282 -19.98 -16.14 -20.79
CA PHE D 282 -19.38 -15.52 -19.60
C PHE D 282 -20.44 -15.10 -18.60
N ASP D 283 -21.52 -14.50 -19.12
CA ASP D 283 -22.65 -14.05 -18.33
C ASP D 283 -23.36 -15.21 -17.65
N ALA D 284 -23.56 -16.30 -18.37
CA ALA D 284 -24.20 -17.48 -17.82
C ALA D 284 -23.34 -18.15 -16.71
N TRP D 285 -22.01 -18.23 -16.91
CA TRP D 285 -21.13 -18.72 -15.86
C TRP D 285 -21.28 -17.84 -14.63
N ALA D 286 -21.22 -16.51 -14.79
CA ALA D 286 -21.27 -15.61 -13.64
C ALA D 286 -22.60 -15.74 -12.85
N GLN D 287 -23.69 -16.03 -13.56
CA GLN D 287 -24.99 -16.19 -12.93
C GLN D 287 -24.99 -17.43 -12.06
N ARG D 288 -24.57 -18.56 -12.63
CA ARG D 288 -24.47 -19.80 -11.86
C ARG D 288 -23.53 -19.65 -10.65
N ALA D 289 -22.43 -18.92 -10.82
CA ALA D 289 -21.47 -18.77 -9.73
C ALA D 289 -22.09 -17.92 -8.61
N ALA D 290 -22.84 -16.90 -8.98
CA ALA D 290 -23.42 -15.97 -8.01
C ALA D 290 -24.52 -16.60 -7.20
N ASP D 291 -25.30 -17.50 -7.81
CA ASP D 291 -26.33 -18.28 -7.10
C ASP D 291 -25.76 -19.16 -5.99
N LYS D 292 -24.55 -19.67 -6.21
CA LYS D 292 -23.87 -20.53 -5.23
C LYS D 292 -23.00 -19.73 -4.26
N GLY D 293 -23.06 -18.40 -4.35
CA GLY D 293 -22.50 -17.51 -3.34
C GLY D 293 -21.12 -16.97 -3.62
N ALA D 294 -20.62 -17.18 -4.83
CA ALA D 294 -19.30 -16.64 -5.20
C ALA D 294 -19.41 -15.22 -5.77
N ASP D 295 -18.29 -14.50 -5.83
CA ASP D 295 -18.25 -13.18 -6.48
C ASP D 295 -17.56 -13.32 -7.82
N PRO D 296 -18.34 -13.55 -8.87
CA PRO D 296 -17.79 -13.91 -10.17
C PRO D 296 -16.90 -12.83 -10.79
N ASP D 297 -17.24 -11.55 -10.58
CA ASP D 297 -16.38 -10.45 -11.03
C ASP D 297 -14.97 -10.44 -10.38
N ALA D 298 -14.90 -10.80 -9.10
CA ALA D 298 -13.64 -10.89 -8.37
C ALA D 298 -12.84 -12.07 -8.88
N VAL D 299 -13.54 -13.19 -9.07
CA VAL D 299 -12.92 -14.37 -9.68
C VAL D 299 -12.31 -14.04 -11.03
N MSE D 300 -13.08 -13.41 -11.91
CA MSE D 300 -12.60 -13.09 -13.24
C MSE D 300 -11.42 -12.09 -13.24
O MSE D 300 -10.49 -12.22 -14.02
CB MSE D 300 -13.73 -12.56 -14.10
CG MSE D 300 -13.31 -12.49 -15.58
SE MSE D 300 -12.98 -14.29 -16.38
CE MSE D 300 -14.84 -14.93 -16.20
H MSE D 300 -13.89 -13.16 -11.76
HA MSE D 300 -12.28 -13.93 -13.64
HB2 MSE D 300 -14.49 -13.14 -14.03
HB3 MSE D 300 -13.96 -11.66 -13.81
HG2 MSE D 300 -14.01 -12.06 -16.09
HG3 MSE D 300 -12.49 -11.97 -15.65
HE1 MSE D 300 -14.91 -15.82 -16.55
HE2 MSE D 300 -15.10 -14.92 -15.27
HE3 MSE D 300 -15.43 -14.35 -16.70
N ARG D 301 -11.48 -11.06 -12.39
CA ARG D 301 -10.39 -10.17 -12.22
C ARG D 301 -9.08 -10.94 -11.78
N THR D 302 -9.23 -11.85 -10.83
CA THR D 302 -8.12 -12.62 -10.32
C THR D 302 -7.55 -13.44 -11.45
N VAL D 303 -8.42 -14.02 -12.29
CA VAL D 303 -7.97 -14.80 -13.43
C VAL D 303 -7.16 -13.90 -14.37
N ASP D 304 -7.71 -12.74 -14.77
CA ASP D 304 -7.00 -11.85 -15.67
C ASP D 304 -5.63 -11.42 -15.15
N ALA D 305 -5.54 -11.14 -13.85
CA ALA D 305 -4.27 -10.75 -13.25
C ALA D 305 -3.24 -11.90 -13.19
N LEU D 306 -3.69 -13.07 -12.76
CA LEU D 306 -2.84 -14.24 -12.74
C LEU D 306 -2.33 -14.57 -14.15
N LYS D 307 -3.22 -14.49 -15.14
CA LYS D 307 -2.90 -14.76 -16.55
C LYS D 307 -1.82 -13.78 -17.02
N ALA D 308 -1.97 -12.52 -16.66
CA ALA D 308 -0.98 -11.53 -17.02
C ALA D 308 0.37 -11.91 -16.40
N GLN D 309 0.37 -12.12 -15.08
CA GLN D 309 1.60 -12.30 -14.32
C GLN D 309 2.39 -13.58 -14.69
N TYR D 310 1.67 -14.62 -15.09
CA TYR D 310 2.25 -15.92 -15.47
C TYR D 310 2.50 -16.06 -16.98
N GLY D 311 2.40 -14.95 -17.72
CA GLY D 311 2.84 -14.96 -19.11
C GLY D 311 1.86 -15.54 -20.13
N GLY D 312 0.70 -16.00 -19.66
CA GLY D 312 -0.38 -16.45 -20.54
C GLY D 312 -0.88 -15.37 -21.50
N DTR E . 1.99 -6.95 15.38
CA DTR E . 3.35 -6.59 15.65
CB DTR E . 3.58 -6.16 17.10
CG DTR E . 2.55 -5.29 17.69
CD1 DTR E . 1.72 -5.63 18.69
NE1 DTR E . 0.94 -4.57 19.04
CE2 DTR E . 1.26 -3.50 18.26
CZ2 DTR E . 0.73 -2.22 18.24
CH2 DTR E . 1.25 -1.36 17.33
CZ3 DTR E . 2.27 -1.73 16.46
CE3 DTR E . 2.82 -3.01 16.49
CD2 DTR E . 2.30 -3.92 17.39
C DTR E . 3.89 -5.53 14.72
O DTR E . 4.95 -4.96 15.00
OXT DTR E . 3.32 -5.26 13.68
N DTR F . 13.96 3.75 -13.35
CA DTR F . 12.68 4.21 -13.73
CB DTR F . 12.48 4.15 -15.24
CG DTR F . 13.66 4.41 -16.10
CD1 DTR F . 14.36 3.50 -16.83
NE1 DTR F . 15.38 4.10 -17.51
CE2 DTR F . 15.35 5.44 -17.25
CZ2 DTR F . 16.19 6.46 -17.71
CH2 DTR F . 15.94 7.71 -17.25
CZ3 DTR F . 14.91 7.97 -16.35
CE3 DTR F . 14.06 6.97 -15.92
CD2 DTR F . 14.29 5.66 -16.35
C DTR F . 12.43 5.62 -13.24
O DTR F . 13.22 6.19 -12.46
OXT DTR F . 11.42 6.21 -13.64
N DTR G . -9.78 29.98 12.28
CA DTR G . -9.66 30.33 13.68
CB DTR G . -8.20 30.54 14.08
CG DTR G . -7.18 29.60 13.51
CD1 DTR G . -6.22 29.92 12.60
NE1 DTR G . -5.42 28.84 12.35
CE2 DTR G . -5.88 27.77 13.07
CZ2 DTR G . -5.39 26.47 13.14
CH2 DTR G . -6.03 25.61 13.98
CZ3 DTR G . -7.12 26.02 14.77
CE3 DTR G . -7.60 27.32 14.70
CD2 DTR G . -6.97 28.22 13.83
C DTR G . -10.33 29.35 14.63
O DTR G . -10.01 29.38 15.83
OXT DTR G . -11.19 28.55 14.25
N DTR H . -10.98 -33.57 -24.13
CA DTR H . -10.76 -33.21 -22.77
CB DTR H . -9.30 -33.04 -22.41
CG DTR H . -8.30 -33.99 -22.97
CD1 DTR H . -7.30 -33.70 -23.86
NE1 DTR H . -6.49 -34.79 -24.06
CE2 DTR H . -6.98 -35.82 -23.30
CZ2 DTR H . -6.51 -37.14 -23.19
CH2 DTR H . -7.18 -37.97 -22.34
CZ3 DTR H . -8.29 -37.54 -21.64
CE3 DTR H . -8.76 -36.24 -21.75
CD2 DTR H . -8.10 -35.36 -22.60
C DTR H . -11.41 -34.19 -21.85
O DTR H . -11.23 -34.10 -20.62
OXT DTR H . -12.13 -35.04 -22.37
#